data_3PT6
#
_entry.id   3PT6
#
_cell.length_a   83.192
_cell.length_b   213.507
_cell.length_c   86.274
_cell.angle_alpha   90.00
_cell.angle_beta   99.64
_cell.angle_gamma   90.00
#
_symmetry.space_group_name_H-M   'P 1 21 1'
#
loop_
_entity.id
_entity.type
_entity.pdbx_description
1 polymer 'DNA (cytosine-5)-methyltransferase 1'
2 polymer "DNA (5'-D(*TP*CP*CP*CP*GP*TP*GP*AP*GP*CP*CP*TP*CP*CP*GP*CP*AP*GP*G)-3')"
3 polymer "DNA (5'-D(*CP*CP*TP*GP*CP*GP*GP*AP*GP*GP*CP*TP*CP*AP*CP*GP*GP*GP*A)-3')"
4 non-polymer S-ADENOSYL-L-HOMOCYSTEINE
5 non-polymer 'ZINC ION'
6 water water
#
loop_
_entity_poly.entity_id
_entity_poly.type
_entity_poly.pdbx_seq_one_letter_code
_entity_poly.pdbx_strand_id
1 'polypeptide(L)'
;SAMKRRRCGVCEVCQQPECGKCKACKDMVKFGGTGRSKQACLKRRCPNLAVKEADDDEEADDDVSEMPSPKKLHQGKKKK
QNKDRISWLGQPMKIEENRTYYQKVSIDEEMLEVGDCVSVIPDDSSKPLYLARVTALWEDKNGQMMFHAHWFCAGTDTVL
GATSDPLELFLVGECENMQLSYIHSKVKVIYKAPSENWAMEGGTDPETTLPGAEDGKTYFFQLWYNQEYARFESPPKTQP
TEDNKHKFCLSCIRLAELRQKEMPKVLEQIEEVDGRVYCSSITKNGVVYRLGDSVYLPPEAFTFNIKVASPVKRPKKDPV
NETLYPEHYRKYSDYIKGSNLDAPEPYRIGRIKEIHCGKKKGKVNEADIKLRLYKFYRPENTHRSYNGSYHTDINMLYWS
DEEAVVNFSDVQGRCTVEYGEDLLESIQDYSQGGPDRFYFLEAYNSKTKNFEDPPNHARSPGNKGKGKGKGKGKGKHQVS
EPKEPEAAIKLPKLRTLDVFSGCGGLSEGFHQAGISETLWAIEMWDPAAQAFRLNNPGTTVFTEDCNVLLKLVMAGEVTN
SLGQRLPQKGDVEMLCGGPPCQGFSGMNRFNSRTYSKFKNSLVVSFLSYCDYYRPRFFLLENVRNFVSYRRSMVLKLTLR
CLVRMGYQCTFGVLQAGQYGVAQTRRRAIILAAAPGEKLPLFPEPLHVFAPRACQLSVVVDDKKFVSNITRLSSGPFRTI
TVRDTMSDLPEIQNGASNSEIPYNGEPLSWFQRQLRGSHYQPILRDHICKDMSPLVAARMRHIPLFPGSDWRDLPNIQVR
LGDGVIAHKLQYTFHDVKNGYSSTGALRGVCSCAEGKACDPESRQFSTLIPWCLPHTGNRHNHWAGLYGRLEWDGFFSTT
VTNPEPMGKQGRVLHPEQHRVVSVRECARSQGFPDSYRFFGNILDRHRQVGNAVPPPLAKAIGLEIKLCLLSSA
;
A,B
2 'polydeoxyribonucleotide' (DT)(DC)(DC)(DC)(DG)(DT)(DG)(DA)(DG)(DC)(DC)(DT)(DC)(DC)(DG)(DC)(DA)(DG)(DG) C,D
3 'polydeoxyribonucleotide' (DC)(DC)(DT)(DG)(DC)(DG)(DG)(DA)(DG)(DG)(DC)(DT)(DC)(DA)(DC)(DG)(DG)(DG)(DA) I,J
#
# COMPACT_ATOMS: atom_id res chain seq x y z
N MET A 3 -1.68 11.96 15.46
CA MET A 3 -0.71 11.96 16.55
C MET A 3 0.42 12.97 16.33
N LYS A 4 0.61 13.86 17.31
CA LYS A 4 1.57 14.95 17.19
C LYS A 4 3.03 14.54 17.43
N ARG A 5 3.89 14.96 16.51
CA ARG A 5 5.31 14.66 16.55
C ARG A 5 6.01 15.70 17.40
N ARG A 6 7.34 15.61 17.48
CA ARG A 6 8.13 16.60 18.20
C ARG A 6 9.61 16.54 17.88
N ARG A 7 10.41 17.25 18.66
CA ARG A 7 11.81 17.43 18.35
C ARG A 7 12.70 16.46 19.14
N CYS A 8 13.79 16.02 18.52
CA CYS A 8 14.77 15.20 19.21
C CYS A 8 15.68 16.10 20.06
N GLY A 9 16.34 15.53 21.04
CA GLY A 9 17.22 16.30 21.89
C GLY A 9 18.67 16.31 21.43
N VAL A 10 18.98 15.40 20.51
CA VAL A 10 20.39 15.10 20.18
C VAL A 10 21.02 15.95 19.07
N CYS A 11 20.34 16.08 17.94
CA CYS A 11 20.97 16.61 16.71
C CYS A 11 21.62 18.00 16.87
N GLU A 12 22.51 18.32 15.93
CA GLU A 12 23.28 19.56 15.96
C GLU A 12 22.35 20.77 15.90
N VAL A 13 21.18 20.58 15.28
CA VAL A 13 20.20 21.64 15.15
C VAL A 13 19.62 22.03 16.50
N CYS A 14 19.10 21.03 17.21
CA CYS A 14 18.52 21.27 18.53
C CYS A 14 19.51 21.91 19.50
N GLN A 15 20.69 21.33 19.63
CA GLN A 15 21.67 21.80 20.60
C GLN A 15 21.99 23.29 20.48
N GLN A 16 22.03 23.81 19.25
CA GLN A 16 22.24 25.24 19.05
C GLN A 16 21.26 26.04 19.90
N PRO A 17 21.77 26.98 20.71
CA PRO A 17 20.97 27.82 21.62
C PRO A 17 20.33 29.01 20.91
N GLU A 18 19.47 29.72 21.62
CA GLU A 18 18.67 30.81 21.04
C GLU A 18 19.48 32.08 20.77
N CYS A 19 19.13 32.78 19.70
CA CYS A 19 19.90 33.94 19.24
C CYS A 19 19.27 35.27 19.65
N GLY A 20 17.98 35.44 19.39
CA GLY A 20 17.31 36.68 19.71
C GLY A 20 17.27 37.62 18.53
N LYS A 21 17.63 37.11 17.35
CA LYS A 21 17.60 37.89 16.13
C LYS A 21 16.34 37.62 15.30
N CYS A 22 15.67 36.51 15.58
CA CYS A 22 14.47 36.11 14.83
C CYS A 22 13.32 37.07 15.04
N LYS A 23 12.33 37.00 14.16
CA LYS A 23 11.05 37.67 14.38
C LYS A 23 10.41 37.00 15.59
N ALA A 24 10.64 35.70 15.72
CA ALA A 24 10.16 34.91 16.84
C ALA A 24 11.06 35.07 18.07
N CYS A 25 12.37 34.90 17.88
CA CYS A 25 13.31 35.08 18.98
C CYS A 25 13.15 36.46 19.61
N LYS A 26 12.73 37.43 18.79
CA LYS A 26 12.46 38.78 19.27
C LYS A 26 11.09 38.91 19.93
N ASP A 27 10.17 38.03 19.55
CA ASP A 27 8.81 38.07 20.09
C ASP A 27 8.62 37.14 21.29
N MET A 28 9.67 36.42 21.66
CA MET A 28 9.57 35.50 22.78
C MET A 28 9.26 36.28 24.07
N VAL A 29 8.50 35.65 24.96
CA VAL A 29 8.12 36.27 26.23
C VAL A 29 9.34 36.74 27.02
N LYS A 30 10.31 35.85 27.19
CA LYS A 30 11.55 36.13 27.91
C LYS A 30 12.32 37.29 27.26
N PHE A 31 12.20 37.42 25.94
CA PHE A 31 12.82 38.52 25.21
C PHE A 31 11.88 39.73 25.16
N GLY A 32 10.93 39.76 26.08
CA GLY A 32 10.04 40.89 26.22
C GLY A 32 8.85 40.91 25.26
N GLY A 33 8.92 40.10 24.21
CA GLY A 33 7.82 40.00 23.26
C GLY A 33 6.53 39.55 23.93
N THR A 34 5.42 39.75 23.23
CA THR A 34 4.10 39.35 23.73
C THR A 34 3.98 37.81 23.80
N GLY A 35 4.76 37.14 22.96
CA GLY A 35 4.83 35.69 23.00
C GLY A 35 3.61 35.01 22.42
N ARG A 36 2.83 35.76 21.65
CA ARG A 36 1.64 35.22 21.02
C ARG A 36 2.03 34.30 19.86
N SER A 37 3.27 34.44 19.40
CA SER A 37 3.77 33.66 18.28
C SER A 37 3.81 32.17 18.58
N LYS A 38 4.46 31.80 19.68
CA LYS A 38 4.53 30.40 20.10
C LYS A 38 5.35 29.54 19.14
N GLN A 39 6.48 30.08 18.69
CA GLN A 39 7.37 29.35 17.79
C GLN A 39 8.81 29.43 18.28
N ALA A 40 9.63 28.45 17.89
CA ALA A 40 11.01 28.39 18.34
C ALA A 40 11.95 29.20 17.44
N CYS A 41 13.23 29.22 17.79
CA CYS A 41 14.22 29.94 16.99
C CYS A 41 14.29 29.43 15.56
N LEU A 42 14.53 30.35 14.62
CA LEU A 42 14.64 30.00 13.22
C LEU A 42 15.79 29.01 12.99
N LYS A 43 16.85 29.15 13.77
CA LYS A 43 18.02 28.28 13.66
C LYS A 43 17.86 26.98 14.47
N ARG A 44 16.72 26.86 15.16
CA ARG A 44 16.46 25.69 16.00
C ARG A 44 15.30 24.84 15.52
N ARG A 45 15.02 24.86 14.22
CA ARG A 45 14.05 23.94 13.67
C ARG A 45 14.73 22.59 13.36
N CYS A 46 14.48 21.61 14.22
CA CYS A 46 15.11 20.30 14.09
C CYS A 46 14.59 19.48 12.90
N PRO A 47 15.46 19.24 11.91
CA PRO A 47 15.14 18.38 10.76
C PRO A 47 14.74 16.99 11.22
N ASN A 48 15.41 16.48 12.26
CA ASN A 48 15.09 15.16 12.80
C ASN A 48 13.76 15.16 13.54
N LEU A 49 13.08 16.30 13.51
CA LEU A 49 11.79 16.42 14.14
C LEU A 49 10.92 15.21 13.82
N ALA A 50 10.62 14.40 14.83
CA ALA A 50 9.75 13.25 14.67
C ALA A 50 9.36 12.70 16.03
N VAL A 51 8.40 11.79 16.07
CA VAL A 51 7.91 11.26 17.34
C VAL A 51 9.01 10.59 18.17
N LYS A 52 9.39 11.22 19.28
CA LYS A 52 10.23 10.54 20.25
C LYS A 52 9.31 9.85 21.26
N GLU A 53 8.15 9.41 20.76
CA GLU A 53 7.21 8.62 21.56
C GLU A 53 7.78 7.22 21.81
N ALA A 54 9.06 7.17 22.17
CA ALA A 54 9.75 5.92 22.46
C ALA A 54 10.63 6.10 23.70
N ASP A 55 10.96 5.00 24.36
CA ASP A 55 11.80 5.05 25.56
C ASP A 55 12.79 3.88 25.63
N ASP A 56 14.08 4.20 25.57
CA ASP A 56 15.11 3.19 25.71
C ASP A 56 14.97 2.47 27.05
N ASP A 57 15.50 1.25 27.14
CA ASP A 57 15.45 0.47 28.36
C ASP A 57 16.86 0.21 28.87
N GLU A 58 17.11 0.55 30.13
CA GLU A 58 18.40 0.31 30.77
C GLU A 58 18.48 -1.12 31.34
N GLU A 59 19.69 -1.60 31.59
CA GLU A 59 19.87 -2.90 32.26
C GLU A 59 19.72 -2.73 33.78
N ALA A 60 18.49 -2.42 34.20
CA ALA A 60 18.18 -2.12 35.60
C ALA A 60 18.29 -3.32 36.55
N ASP A 61 18.01 -4.51 36.04
CA ASP A 61 18.12 -5.73 36.85
C ASP A 61 19.55 -6.01 37.33
N ASP A 62 19.66 -6.35 38.61
CA ASP A 62 20.94 -6.65 39.25
C ASP A 62 21.53 -7.99 38.75
N ASP A 63 22.52 -8.50 39.47
CA ASP A 63 23.11 -9.80 39.18
C ASP A 63 22.05 -10.91 39.19
N VAL A 64 20.99 -10.69 39.96
CA VAL A 64 19.99 -11.74 40.22
C VAL A 64 20.74 -13.00 40.64
N SER A 65 21.88 -12.78 41.29
CA SER A 65 22.61 -13.84 41.94
C SER A 65 21.83 -14.24 43.18
N GLU A 66 20.69 -14.89 42.96
CA GLU A 66 19.81 -15.29 44.05
C GLU A 66 19.14 -16.63 43.78
N MET A 67 18.64 -17.25 44.84
CA MET A 67 18.11 -18.61 44.77
C MET A 67 16.78 -18.67 44.04
N PRO A 68 16.52 -19.81 43.37
CA PRO A 68 15.20 -20.12 42.81
C PRO A 68 14.16 -20.13 43.93
N SER A 69 12.91 -19.88 43.57
CA SER A 69 11.84 -19.84 44.56
C SER A 69 11.70 -21.19 45.29
N PRO A 70 11.82 -21.17 46.63
CA PRO A 70 11.59 -22.39 47.40
C PRO A 70 10.12 -22.81 47.32
N LYS A 71 9.84 -24.08 47.60
CA LYS A 71 8.47 -24.58 47.51
C LYS A 71 7.55 -23.88 48.50
N LYS A 72 6.39 -23.47 48.01
CA LYS A 72 5.46 -22.61 48.77
C LYS A 72 4.98 -23.22 50.09
N LEU A 73 4.25 -24.33 50.02
CA LEU A 73 3.71 -24.94 51.22
C LEU A 73 4.71 -25.90 51.84
N HIS A 74 5.79 -26.16 51.11
CA HIS A 74 6.84 -27.08 51.57
C HIS A 74 7.82 -26.37 52.50
N GLN A 75 7.28 -25.73 53.53
CA GLN A 75 8.09 -25.07 54.53
C GLN A 75 7.97 -25.84 55.84
N GLY A 76 7.47 -27.07 55.74
CA GLY A 76 7.13 -27.86 56.91
C GLY A 76 6.42 -26.99 57.93
N LYS A 77 6.69 -27.22 59.20
CA LYS A 77 6.23 -26.31 60.24
C LYS A 77 4.72 -26.06 60.12
N LYS A 78 3.94 -27.00 60.65
CA LYS A 78 2.49 -26.91 60.59
C LYS A 78 1.88 -27.19 61.96
N LYS A 79 1.22 -26.18 62.53
CA LYS A 79 0.62 -26.30 63.84
C LYS A 79 -0.37 -27.46 63.95
N LYS A 80 0.00 -28.48 64.72
CA LYS A 80 -0.87 -29.63 64.98
C LYS A 80 -1.97 -29.25 65.96
N GLN A 81 -3.21 -29.65 65.65
CA GLN A 81 -4.33 -29.41 66.54
C GLN A 81 -4.46 -30.55 67.53
N ASN A 82 -5.37 -30.41 68.49
CA ASN A 82 -5.71 -31.51 69.39
C ASN A 82 -7.13 -32.00 69.18
N LYS A 83 -7.25 -33.23 68.70
CA LYS A 83 -8.56 -33.81 68.42
C LYS A 83 -8.86 -34.95 69.39
N ASP A 84 -10.05 -34.92 69.99
CA ASP A 84 -10.43 -35.90 71.00
C ASP A 84 -10.75 -37.28 70.42
N ARG A 85 -11.60 -37.33 69.40
CA ARG A 85 -12.01 -38.60 68.80
C ARG A 85 -11.90 -38.60 67.28
N ILE A 86 -11.25 -39.62 66.73
CA ILE A 86 -11.05 -39.74 65.29
C ILE A 86 -11.40 -41.13 64.78
N SER A 87 -12.65 -41.34 64.41
CA SER A 87 -13.13 -42.67 64.01
C SER A 87 -13.39 -42.80 62.50
N TRP A 88 -13.02 -43.94 61.93
CA TRP A 88 -13.35 -44.23 60.54
C TRP A 88 -14.86 -44.34 60.39
N LEU A 89 -15.31 -44.42 59.14
CA LEU A 89 -16.74 -44.51 58.84
C LEU A 89 -17.00 -45.41 57.65
N GLY A 90 -17.97 -46.32 57.80
CA GLY A 90 -18.29 -47.26 56.74
C GLY A 90 -17.20 -48.31 56.59
N GLN A 91 -17.29 -49.12 55.54
CA GLN A 91 -16.28 -50.14 55.32
C GLN A 91 -15.09 -49.60 54.53
N PRO A 92 -13.91 -50.23 54.69
CA PRO A 92 -12.70 -49.86 53.96
C PRO A 92 -12.90 -49.91 52.45
N MET A 93 -12.39 -48.91 51.73
CA MET A 93 -12.38 -48.93 50.28
C MET A 93 -11.45 -50.02 49.78
N LYS A 94 -10.20 -49.98 50.23
CA LYS A 94 -9.20 -50.94 49.80
C LYS A 94 -8.16 -51.27 50.86
N ILE A 95 -7.65 -52.50 50.81
CA ILE A 95 -6.61 -52.96 51.71
C ILE A 95 -5.34 -53.31 50.95
N GLU A 96 -4.25 -52.62 51.29
CA GLU A 96 -2.96 -52.86 50.67
C GLU A 96 -2.06 -53.65 51.62
N GLU A 97 -0.87 -54.00 51.12
CA GLU A 97 0.10 -54.73 51.92
C GLU A 97 0.43 -54.02 53.23
N ASN A 98 0.61 -52.70 53.17
CA ASN A 98 1.17 -51.95 54.29
C ASN A 98 0.22 -50.93 54.93
N ARG A 99 -0.99 -50.84 54.41
CA ARG A 99 -1.97 -49.87 54.94
C ARG A 99 -3.40 -50.17 54.46
N THR A 100 -4.35 -49.45 55.04
CA THR A 100 -5.77 -49.72 54.78
C THR A 100 -6.52 -48.41 54.52
N TYR A 101 -7.10 -48.30 53.33
CA TYR A 101 -7.70 -47.03 52.89
C TYR A 101 -9.21 -46.93 53.13
N TYR A 102 -9.64 -45.82 53.70
CA TYR A 102 -11.06 -45.53 53.89
C TYR A 102 -11.50 -44.35 53.03
N GLN A 103 -12.78 -44.00 53.14
CA GLN A 103 -13.33 -42.89 52.36
C GLN A 103 -13.90 -41.81 53.27
N LYS A 104 -14.44 -42.23 54.41
CA LYS A 104 -15.05 -41.30 55.33
C LYS A 104 -14.40 -41.41 56.70
N VAL A 105 -14.22 -40.27 57.36
CA VAL A 105 -13.69 -40.25 58.72
C VAL A 105 -14.34 -39.12 59.50
N SER A 106 -14.65 -39.36 60.77
CA SER A 106 -15.26 -38.34 61.62
C SER A 106 -14.31 -37.84 62.71
N ILE A 107 -14.13 -36.52 62.77
CA ILE A 107 -13.17 -35.89 63.66
C ILE A 107 -13.83 -34.90 64.60
N ASP A 108 -13.92 -35.27 65.88
CA ASP A 108 -14.57 -34.41 66.87
C ASP A 108 -16.00 -34.13 66.44
N GLU A 109 -16.72 -35.18 66.10
CA GLU A 109 -18.10 -35.07 65.63
C GLU A 109 -18.19 -34.49 64.22
N GLU A 110 -17.04 -34.27 63.58
CA GLU A 110 -17.04 -33.67 62.24
C GLU A 110 -16.71 -34.72 61.20
N MET A 111 -17.56 -34.82 60.18
CA MET A 111 -17.35 -35.82 59.16
C MET A 111 -16.57 -35.24 57.98
N LEU A 112 -15.58 -35.98 57.49
CA LEU A 112 -14.84 -35.60 56.29
C LEU A 112 -14.82 -36.76 55.30
N GLU A 113 -14.46 -36.48 54.05
CA GLU A 113 -14.48 -37.47 52.98
C GLU A 113 -13.38 -37.15 51.96
N VAL A 114 -12.94 -38.15 51.19
CA VAL A 114 -11.98 -37.87 50.12
C VAL A 114 -12.62 -36.95 49.10
N GLY A 115 -11.90 -35.88 48.72
CA GLY A 115 -12.44 -34.90 47.81
C GLY A 115 -12.81 -33.63 48.52
N ASP A 116 -13.12 -33.73 49.81
CA ASP A 116 -13.33 -32.55 50.66
C ASP A 116 -12.06 -31.71 50.69
N CYS A 117 -12.22 -30.43 51.03
CA CYS A 117 -11.10 -29.53 51.19
C CYS A 117 -11.01 -29.06 52.64
N VAL A 118 -9.79 -29.10 53.18
CA VAL A 118 -9.55 -28.79 54.59
C VAL A 118 -8.55 -27.65 54.73
N SER A 119 -8.65 -26.90 55.83
CA SER A 119 -7.66 -25.88 56.13
C SER A 119 -6.66 -26.42 57.16
N VAL A 120 -5.49 -25.79 57.21
CA VAL A 120 -4.42 -26.24 58.10
C VAL A 120 -3.72 -24.99 58.65
N ILE A 121 -3.08 -25.12 59.81
CA ILE A 121 -2.45 -23.97 60.44
C ILE A 121 -0.95 -24.04 60.33
N PRO A 122 -0.36 -22.97 59.79
CA PRO A 122 1.09 -22.86 59.59
C PRO A 122 1.81 -22.47 60.88
N ASP A 123 3.07 -22.90 60.98
CA ASP A 123 3.95 -22.53 62.08
C ASP A 123 3.88 -21.03 62.29
N ASP A 124 4.28 -20.29 61.27
CA ASP A 124 4.25 -18.83 61.31
C ASP A 124 2.81 -18.32 61.44
N SER A 125 2.62 -17.34 62.32
CA SER A 125 1.30 -16.79 62.59
C SER A 125 0.86 -15.82 61.50
N SER A 126 1.84 -15.13 60.91
CA SER A 126 1.58 -14.20 59.82
C SER A 126 0.90 -14.89 58.64
N LYS A 127 1.51 -15.97 58.16
CA LYS A 127 1.02 -16.72 57.00
C LYS A 127 -0.47 -17.04 57.06
N PRO A 128 -1.15 -16.88 55.92
CA PRO A 128 -2.56 -17.24 55.77
C PRO A 128 -2.72 -18.74 55.81
N LEU A 129 -3.82 -19.20 56.39
CA LEU A 129 -4.09 -20.63 56.49
C LEU A 129 -3.79 -21.38 55.20
N TYR A 130 -3.18 -22.56 55.34
CA TYR A 130 -3.01 -23.48 54.22
C TYR A 130 -4.36 -24.07 53.87
N LEU A 131 -4.57 -24.40 52.60
CA LEU A 131 -5.79 -25.06 52.20
C LEU A 131 -5.46 -26.16 51.22
N ALA A 132 -6.14 -27.30 51.34
CA ALA A 132 -5.81 -28.45 50.51
C ALA A 132 -6.99 -29.35 50.24
N ARG A 133 -6.82 -30.27 49.31
CA ARG A 133 -7.84 -31.25 49.01
C ARG A 133 -7.40 -32.63 49.52
N VAL A 134 -8.30 -33.31 50.23
CA VAL A 134 -8.02 -34.64 50.75
C VAL A 134 -8.09 -35.66 49.62
N THR A 135 -6.98 -36.32 49.31
CA THR A 135 -6.94 -37.24 48.17
C THR A 135 -6.99 -38.70 48.57
N ALA A 136 -6.78 -38.97 49.87
CA ALA A 136 -6.92 -40.32 50.39
C ALA A 136 -7.04 -40.33 51.91
N LEU A 137 -7.64 -41.39 52.45
CA LEU A 137 -7.67 -41.66 53.88
C LEU A 137 -7.18 -43.08 54.14
N TRP A 138 -6.49 -43.28 55.26
CA TRP A 138 -6.01 -44.61 55.61
C TRP A 138 -5.40 -44.66 57.01
N GLU A 139 -5.49 -45.84 57.63
CA GLU A 139 -4.74 -46.12 58.84
C GLU A 139 -3.51 -46.95 58.48
N ASP A 140 -2.39 -46.64 59.11
CA ASP A 140 -1.12 -47.30 58.78
C ASP A 140 -0.79 -48.44 59.73
N LYS A 141 0.36 -49.09 59.48
CA LYS A 141 0.86 -50.16 60.32
C LYS A 141 0.98 -49.69 61.77
N ASN A 142 1.58 -48.51 61.94
CA ASN A 142 1.81 -47.93 63.27
C ASN A 142 0.52 -47.47 63.96
N GLY A 143 -0.61 -47.86 63.40
CA GLY A 143 -1.92 -47.57 63.99
C GLY A 143 -2.27 -46.11 63.90
N GLN A 144 -1.49 -45.38 63.10
CA GLN A 144 -1.68 -43.95 62.90
C GLN A 144 -2.72 -43.71 61.81
N MET A 145 -3.59 -42.73 62.05
CA MET A 145 -4.63 -42.40 61.08
C MET A 145 -4.24 -41.22 60.19
N MET A 146 -4.02 -41.51 58.91
CA MET A 146 -3.37 -40.59 58.00
C MET A 146 -4.28 -40.06 56.88
N PHE A 147 -3.81 -39.01 56.22
CA PHE A 147 -4.41 -38.57 54.97
C PHE A 147 -3.38 -37.88 54.10
N HIS A 148 -3.70 -37.76 52.81
CA HIS A 148 -2.81 -37.11 51.86
C HIS A 148 -3.41 -35.79 51.42
N ALA A 149 -2.62 -34.72 51.52
CA ALA A 149 -3.12 -33.41 51.14
C ALA A 149 -2.56 -32.98 49.80
N HIS A 150 -3.45 -32.57 48.90
CA HIS A 150 -3.04 -31.86 47.70
C HIS A 150 -3.24 -30.37 47.92
N TRP A 151 -2.14 -29.64 47.94
CA TRP A 151 -2.12 -28.26 48.37
C TRP A 151 -2.77 -27.33 47.35
N PHE A 152 -3.51 -26.36 47.86
CA PHE A 152 -3.87 -25.21 47.04
C PHE A 152 -2.81 -24.14 47.22
N CYS A 153 -3.08 -22.97 46.70
CA CYS A 153 -2.13 -21.89 46.73
C CYS A 153 -2.91 -20.61 46.53
N ALA A 154 -2.79 -19.68 47.47
CA ALA A 154 -3.59 -18.46 47.40
C ALA A 154 -3.06 -17.55 46.31
N GLY A 155 -3.96 -16.79 45.70
CA GLY A 155 -3.58 -15.79 44.72
C GLY A 155 -2.36 -15.04 45.19
N THR A 156 -2.43 -14.52 46.41
CA THR A 156 -1.34 -13.70 46.96
C THR A 156 0.02 -14.41 46.97
N ASP A 157 0.02 -15.73 46.86
CA ASP A 157 1.28 -16.50 46.82
C ASP A 157 1.89 -16.58 45.41
N THR A 158 1.12 -16.16 44.42
CA THR A 158 1.55 -16.21 43.02
C THR A 158 2.09 -14.86 42.61
N VAL A 159 2.52 -14.74 41.36
CA VAL A 159 2.97 -13.46 40.83
C VAL A 159 1.89 -12.44 41.06
N LEU A 160 0.65 -12.88 40.88
CA LEU A 160 -0.51 -12.01 41.02
C LEU A 160 -0.41 -11.15 42.26
N GLY A 161 0.21 -11.71 43.31
CA GLY A 161 0.39 -10.98 44.55
C GLY A 161 -0.93 -10.44 45.07
N ALA A 162 -0.88 -9.19 45.57
CA ALA A 162 -2.04 -8.57 46.20
C ALA A 162 -3.19 -8.32 45.24
N THR A 163 -2.89 -8.24 43.94
CA THR A 163 -3.91 -7.99 42.93
C THR A 163 -4.83 -9.19 42.72
N SER A 164 -4.49 -10.32 43.33
CA SER A 164 -5.33 -11.50 43.20
C SER A 164 -6.67 -11.31 43.90
N ASP A 165 -7.69 -12.03 43.42
CA ASP A 165 -8.96 -12.11 44.13
C ASP A 165 -8.76 -12.96 45.37
N PRO A 166 -9.05 -12.40 46.55
CA PRO A 166 -8.81 -13.06 47.84
C PRO A 166 -9.42 -14.47 47.89
N LEU A 167 -10.55 -14.65 47.22
CA LEU A 167 -11.27 -15.91 47.26
C LEU A 167 -10.75 -16.96 46.28
N GLU A 168 -9.68 -16.64 45.56
CA GLU A 168 -9.18 -17.56 44.55
C GLU A 168 -7.98 -18.35 45.03
N LEU A 169 -8.00 -19.65 44.74
CA LEU A 169 -6.88 -20.54 45.02
C LEU A 169 -6.44 -21.12 43.69
N PHE A 170 -5.27 -21.74 43.67
CA PHE A 170 -4.77 -22.38 42.47
C PHE A 170 -4.16 -23.74 42.83
N LEU A 171 -4.55 -24.77 42.10
CA LEU A 171 -3.90 -26.07 42.24
C LEU A 171 -2.41 -25.92 42.00
N VAL A 172 -1.61 -26.64 42.77
CA VAL A 172 -0.17 -26.56 42.65
C VAL A 172 0.41 -27.97 42.70
N GLY A 173 1.59 -28.17 42.12
CA GLY A 173 2.24 -29.46 42.16
C GLY A 173 2.93 -29.75 43.49
N GLU A 174 2.17 -29.67 44.58
CA GLU A 174 2.69 -29.92 45.91
C GLU A 174 1.71 -30.70 46.75
N CYS A 175 2.21 -31.73 47.43
CA CYS A 175 1.39 -32.60 48.25
C CYS A 175 2.25 -33.38 49.25
N GLU A 176 1.74 -33.52 50.47
CA GLU A 176 2.40 -34.35 51.47
C GLU A 176 1.39 -35.17 52.29
N ASN A 177 1.92 -36.10 53.09
CA ASN A 177 1.10 -36.91 53.99
C ASN A 177 1.03 -36.30 55.37
N MET A 178 -0.03 -36.62 56.12
CA MET A 178 -0.24 -35.99 57.43
C MET A 178 -1.22 -36.70 58.36
N GLN A 179 -0.93 -36.66 59.64
CA GLN A 179 -1.87 -37.17 60.62
C GLN A 179 -3.09 -36.28 60.62
N LEU A 180 -4.26 -36.91 60.50
CA LEU A 180 -5.52 -36.18 60.44
C LEU A 180 -5.59 -35.03 61.42
N SER A 181 -4.90 -35.16 62.55
CA SER A 181 -4.99 -34.17 63.62
C SER A 181 -4.42 -32.81 63.24
N TYR A 182 -3.73 -32.74 62.10
CA TYR A 182 -3.20 -31.47 61.59
C TYR A 182 -4.30 -30.62 60.96
N ILE A 183 -5.36 -31.29 60.52
CA ILE A 183 -6.54 -30.62 59.98
C ILE A 183 -7.19 -29.70 61.01
N HIS A 184 -7.48 -28.47 60.58
CA HIS A 184 -8.22 -27.54 61.43
C HIS A 184 -9.72 -27.60 61.13
N SER A 185 -10.14 -26.96 60.05
CA SER A 185 -11.54 -26.98 59.64
C SER A 185 -11.69 -27.55 58.24
N LYS A 186 -12.91 -27.88 57.87
CA LYS A 186 -13.21 -28.25 56.49
C LYS A 186 -13.88 -27.07 55.78
N VAL A 187 -13.22 -26.56 54.74
CA VAL A 187 -13.74 -25.43 53.98
C VAL A 187 -14.22 -25.84 52.59
N LYS A 188 -15.30 -25.23 52.13
CA LYS A 188 -15.87 -25.54 50.82
C LYS A 188 -15.11 -24.82 49.72
N VAL A 189 -14.76 -25.56 48.67
CA VAL A 189 -14.07 -24.97 47.52
C VAL A 189 -14.70 -25.38 46.20
N ILE A 190 -15.19 -24.38 45.47
CA ILE A 190 -15.84 -24.58 44.17
C ILE A 190 -14.84 -24.42 43.04
N TYR A 191 -15.02 -25.22 41.99
CA TYR A 191 -14.16 -25.15 40.81
C TYR A 191 -14.86 -24.36 39.71
N LYS A 192 -14.42 -23.12 39.47
CA LYS A 192 -15.07 -22.26 38.49
C LYS A 192 -14.61 -22.59 37.06
N ALA A 193 -15.18 -23.64 36.49
CA ALA A 193 -14.86 -24.04 35.12
C ALA A 193 -15.47 -23.08 34.12
N PRO A 194 -14.85 -22.98 32.93
CA PRO A 194 -15.29 -22.08 31.87
C PRO A 194 -16.67 -22.44 31.33
N SER A 195 -17.50 -21.42 31.11
CA SER A 195 -18.87 -21.59 30.61
C SER A 195 -18.92 -22.27 29.23
N GLU A 196 -20.09 -22.79 28.87
CA GLU A 196 -20.28 -23.37 27.54
C GLU A 196 -20.03 -22.31 26.47
N ASN A 197 -20.59 -21.11 26.71
CA ASN A 197 -20.42 -19.97 25.81
C ASN A 197 -19.43 -18.99 26.42
N TRP A 198 -18.23 -19.46 26.69
CA TRP A 198 -17.18 -18.61 27.25
C TRP A 198 -16.81 -17.50 26.26
N ALA A 199 -16.49 -17.88 25.03
CA ALA A 199 -16.06 -16.91 24.04
C ALA A 199 -17.04 -15.74 23.87
N MET A 200 -18.31 -15.98 24.16
CA MET A 200 -19.34 -15.01 23.80
C MET A 200 -19.68 -14.01 24.91
N GLU A 201 -19.01 -14.12 26.05
CA GLU A 201 -19.29 -13.22 27.18
C GLU A 201 -18.24 -12.12 27.36
N GLY A 202 -18.05 -11.30 26.33
CA GLY A 202 -17.10 -10.21 26.38
C GLY A 202 -17.46 -9.13 27.40
N GLY A 203 -18.59 -8.46 27.19
CA GLY A 203 -19.04 -7.42 28.10
C GLY A 203 -19.80 -7.99 29.29
N LYS A 217 -19.33 -15.51 48.07
CA LYS A 217 -18.43 -15.53 49.22
C LYS A 217 -17.91 -16.93 49.55
N THR A 218 -17.36 -17.60 48.54
CA THR A 218 -16.81 -18.96 48.70
C THR A 218 -15.42 -19.10 48.06
N TYR A 219 -14.58 -19.95 48.63
CA TYR A 219 -13.30 -20.27 47.99
C TYR A 219 -13.53 -20.93 46.64
N PHE A 220 -12.82 -20.47 45.62
CA PHE A 220 -12.94 -21.06 44.29
C PHE A 220 -11.58 -21.18 43.61
N PHE A 221 -11.49 -22.07 42.63
CA PHE A 221 -10.29 -22.18 41.83
C PHE A 221 -10.65 -22.52 40.40
N GLN A 222 -9.81 -22.10 39.46
CA GLN A 222 -10.03 -22.41 38.06
C GLN A 222 -8.76 -22.95 37.38
N LEU A 223 -7.60 -22.54 37.87
CA LEU A 223 -6.34 -22.82 37.21
C LEU A 223 -5.26 -23.48 38.09
N TRP A 224 -4.22 -23.96 37.40
CA TRP A 224 -3.07 -24.62 38.02
C TRP A 224 -1.90 -23.65 37.92
N TYR A 225 -1.10 -23.57 38.98
CA TYR A 225 -0.01 -22.59 39.01
C TYR A 225 1.36 -23.22 39.14
N ASN A 226 2.17 -23.04 38.10
CA ASN A 226 3.56 -23.43 38.17
C ASN A 226 4.40 -22.26 38.69
N GLN A 227 4.90 -22.42 39.91
CA GLN A 227 5.61 -21.36 40.59
C GLN A 227 6.89 -20.93 39.86
N GLU A 228 7.67 -21.88 39.39
CA GLU A 228 8.99 -21.57 38.86
C GLU A 228 8.94 -20.84 37.53
N TYR A 229 7.83 -21.01 36.82
CA TYR A 229 7.69 -20.51 35.45
C TYR A 229 6.61 -19.44 35.33
N ALA A 230 5.91 -19.22 36.44
CA ALA A 230 4.75 -18.32 36.49
C ALA A 230 3.78 -18.65 35.36
N ARG A 231 3.29 -19.89 35.36
CA ARG A 231 2.36 -20.31 34.34
C ARG A 231 1.05 -20.67 34.99
N PHE A 232 -0.03 -20.12 34.45
CA PHE A 232 -1.36 -20.50 34.87
C PHE A 232 -1.98 -21.35 33.75
N GLU A 233 -2.28 -22.61 34.05
CA GLU A 233 -2.82 -23.52 33.03
C GLU A 233 -4.08 -24.25 33.48
N SER A 234 -4.82 -24.76 32.51
CA SER A 234 -6.06 -25.47 32.78
C SER A 234 -5.77 -26.76 33.53
N PRO A 235 -6.61 -27.08 34.51
CA PRO A 235 -6.47 -28.31 35.30
C PRO A 235 -6.25 -29.51 34.39
N PRO A 236 -5.22 -30.34 34.70
CA PRO A 236 -4.85 -31.53 33.94
C PRO A 236 -6.03 -32.46 33.70
N LYS A 237 -5.96 -33.27 32.66
CA LYS A 237 -7.06 -34.20 32.38
C LYS A 237 -6.79 -35.65 32.77
N THR A 238 -5.60 -35.90 33.35
CA THR A 238 -5.18 -37.27 33.71
C THR A 238 -6.27 -38.04 34.47
N GLN A 239 -6.39 -39.33 34.18
CA GLN A 239 -7.49 -40.13 34.70
C GLN A 239 -7.01 -41.33 35.52
N PRO A 240 -7.64 -41.57 36.68
CA PRO A 240 -7.35 -42.67 37.61
C PRO A 240 -7.05 -44.00 36.92
N THR A 241 -6.17 -44.81 37.52
CA THR A 241 -5.94 -46.16 37.03
C THR A 241 -6.66 -47.17 37.92
N GLU A 242 -6.40 -48.45 37.70
CA GLU A 242 -6.99 -49.48 38.54
C GLU A 242 -6.43 -49.37 39.96
N ASP A 243 -5.17 -48.98 40.03
CA ASP A 243 -4.40 -49.06 41.26
C ASP A 243 -4.46 -47.81 42.12
N ASN A 244 -4.88 -46.69 41.55
CA ASN A 244 -4.86 -45.42 42.29
C ASN A 244 -6.21 -44.74 42.48
N LYS A 245 -7.28 -45.41 42.04
CA LYS A 245 -8.63 -44.88 42.17
C LYS A 245 -8.93 -44.44 43.61
N HIS A 246 -8.48 -45.23 44.58
CA HIS A 246 -8.79 -45.00 45.98
C HIS A 246 -7.94 -43.91 46.60
N LYS A 247 -7.04 -43.33 45.82
CA LYS A 247 -6.01 -42.47 46.40
C LYS A 247 -5.48 -41.50 45.35
N PHE A 248 -6.37 -41.08 44.45
CA PHE A 248 -5.97 -40.31 43.29
C PHE A 248 -5.55 -38.87 43.61
N CYS A 249 -4.30 -38.55 43.28
CA CYS A 249 -3.74 -37.23 43.50
C CYS A 249 -2.95 -36.73 42.29
N LEU A 250 -3.36 -35.59 41.75
CA LEU A 250 -2.74 -35.05 40.55
C LEU A 250 -1.30 -34.63 40.79
N SER A 251 -1.04 -33.97 41.91
CA SER A 251 0.30 -33.53 42.23
C SER A 251 1.31 -34.67 42.18
N CYS A 252 0.92 -35.82 42.72
CA CYS A 252 1.77 -37.01 42.74
C CYS A 252 2.11 -37.49 41.33
N ILE A 253 1.08 -37.73 40.54
CA ILE A 253 1.25 -38.16 39.16
C ILE A 253 2.08 -37.17 38.35
N ARG A 254 1.76 -35.89 38.44
CA ARG A 254 2.53 -34.90 37.72
C ARG A 254 4.01 -35.16 37.99
N LEU A 255 4.36 -35.20 39.27
CA LEU A 255 5.76 -35.46 39.65
C LEU A 255 6.23 -36.82 39.13
N ALA A 256 5.35 -37.81 39.18
CA ALA A 256 5.71 -39.15 38.71
C ALA A 256 6.15 -39.11 37.26
N GLU A 257 5.29 -38.55 36.41
CA GLU A 257 5.55 -38.43 34.98
C GLU A 257 6.78 -37.56 34.69
N LEU A 258 7.00 -36.57 35.53
CA LEU A 258 8.20 -35.75 35.44
C LEU A 258 9.44 -36.62 35.53
N ARG A 259 9.57 -37.34 36.64
CA ARG A 259 10.74 -38.17 36.90
C ARG A 259 10.98 -39.22 35.83
N GLN A 260 9.93 -39.92 35.44
CA GLN A 260 10.06 -40.96 34.41
C GLN A 260 10.56 -40.37 33.09
N LYS A 261 10.27 -39.11 32.86
CA LYS A 261 10.77 -38.41 31.70
C LYS A 261 12.21 -37.95 31.93
N GLU A 262 12.47 -37.39 33.11
CA GLU A 262 13.77 -36.83 33.42
C GLU A 262 14.89 -37.87 33.44
N MET A 263 14.66 -38.99 34.10
CA MET A 263 15.72 -39.98 34.31
C MET A 263 16.01 -40.85 33.08
N PRO A 264 17.31 -41.13 32.84
CA PRO A 264 17.70 -41.98 31.73
C PRO A 264 17.23 -43.40 31.95
N LYS A 265 16.64 -44.00 30.92
CA LYS A 265 16.33 -45.41 30.91
C LYS A 265 17.10 -46.01 29.74
N VAL A 266 16.79 -47.25 29.37
CA VAL A 266 17.40 -47.88 28.20
C VAL A 266 16.37 -48.79 27.56
N LEU A 267 16.43 -48.95 26.24
CA LEU A 267 15.38 -49.63 25.49
C LEU A 267 15.83 -50.92 24.80
N GLU A 268 17.09 -50.95 24.38
CA GLU A 268 17.64 -52.11 23.68
C GLU A 268 19.08 -52.38 24.12
N GLN A 269 19.36 -53.64 24.45
CA GLN A 269 20.72 -54.07 24.79
C GLN A 269 21.25 -55.02 23.71
N ILE A 270 22.45 -54.75 23.21
CA ILE A 270 23.05 -55.57 22.17
C ILE A 270 23.70 -56.84 22.74
N GLU A 271 24.61 -56.65 23.70
CA GLU A 271 25.31 -57.75 24.35
C GLU A 271 25.98 -57.25 25.61
N GLU A 272 26.46 -58.16 26.45
CA GLU A 272 27.28 -57.79 27.61
C GLU A 272 28.75 -58.05 27.31
N VAL A 273 29.64 -57.23 27.88
CA VAL A 273 31.09 -57.40 27.69
C VAL A 273 31.89 -56.68 28.77
N ASP A 274 32.83 -57.40 29.39
CA ASP A 274 33.75 -56.79 30.35
C ASP A 274 33.07 -55.92 31.41
N GLY A 275 31.96 -56.42 31.96
CA GLY A 275 31.21 -55.69 32.97
C GLY A 275 30.60 -54.42 32.42
N ARG A 276 30.36 -54.41 31.11
CA ARG A 276 29.78 -53.25 30.43
C ARG A 276 28.79 -53.68 29.35
N VAL A 277 27.50 -53.56 29.65
CA VAL A 277 26.47 -53.92 28.68
C VAL A 277 26.47 -52.92 27.55
N TYR A 278 26.45 -53.41 26.32
CA TYR A 278 26.38 -52.56 25.14
C TYR A 278 24.95 -52.40 24.65
N CYS A 279 24.58 -51.18 24.28
CA CYS A 279 23.21 -50.86 23.91
C CYS A 279 23.09 -50.31 22.50
N SER A 280 21.87 -50.33 21.99
CA SER A 280 21.59 -49.80 20.66
C SER A 280 20.59 -48.64 20.74
N SER A 281 19.82 -48.60 21.82
CA SER A 281 18.73 -47.64 21.94
C SER A 281 18.44 -47.23 23.39
N ILE A 282 18.77 -46.00 23.73
CA ILE A 282 18.46 -45.43 25.03
C ILE A 282 17.56 -44.19 24.91
N THR A 283 16.90 -43.83 25.99
CA THR A 283 16.04 -42.65 26.00
C THR A 283 16.34 -41.76 27.19
N LYS A 284 16.15 -40.46 27.02
CA LYS A 284 16.25 -39.51 28.12
C LYS A 284 15.43 -38.26 27.86
N ASN A 285 14.59 -37.90 28.83
CA ASN A 285 13.89 -36.63 28.79
C ASN A 285 12.89 -36.53 27.63
N GLY A 286 12.45 -37.68 27.13
CA GLY A 286 11.45 -37.70 26.08
C GLY A 286 12.05 -37.94 24.72
N VAL A 287 13.32 -37.61 24.56
CA VAL A 287 14.01 -37.88 23.30
C VAL A 287 14.57 -39.30 23.31
N VAL A 288 14.64 -39.92 22.13
CA VAL A 288 15.12 -41.30 22.00
C VAL A 288 16.35 -41.38 21.11
N TYR A 289 17.43 -41.89 21.66
CA TYR A 289 18.68 -41.97 20.92
C TYR A 289 18.97 -43.40 20.46
N ARG A 290 19.38 -43.55 19.20
CA ARG A 290 19.73 -44.85 18.65
C ARG A 290 21.10 -44.74 18.00
N LEU A 291 21.81 -45.85 17.93
CA LEU A 291 23.12 -45.87 17.26
C LEU A 291 23.00 -45.20 15.90
N GLY A 292 23.97 -44.36 15.56
CA GLY A 292 23.95 -43.65 14.29
C GLY A 292 23.26 -42.30 14.35
N ASP A 293 22.54 -42.04 15.45
CA ASP A 293 21.93 -40.73 15.66
C ASP A 293 23.01 -39.74 16.06
N SER A 294 22.67 -38.45 16.08
CA SER A 294 23.64 -37.44 16.53
C SER A 294 23.19 -36.69 17.77
N VAL A 295 24.16 -36.08 18.45
CA VAL A 295 23.93 -35.57 19.79
C VAL A 295 24.52 -34.16 20.04
N TYR A 296 23.83 -33.38 20.85
CA TYR A 296 24.28 -32.05 21.26
C TYR A 296 25.05 -32.11 22.57
N LEU A 297 26.26 -31.59 22.60
CA LEU A 297 27.05 -31.60 23.83
C LEU A 297 27.63 -30.22 24.14
N PRO A 298 27.95 -29.97 25.41
CA PRO A 298 28.62 -28.74 25.85
C PRO A 298 30.04 -28.65 25.32
N PRO A 299 30.60 -27.45 25.28
CA PRO A 299 31.95 -27.16 24.75
C PRO A 299 33.02 -27.99 25.43
N GLU A 300 32.84 -28.21 26.73
CA GLU A 300 33.84 -28.89 27.54
C GLU A 300 33.73 -30.41 27.48
N ALA A 301 32.69 -30.90 26.80
CA ALA A 301 32.48 -32.34 26.66
C ALA A 301 33.66 -33.00 25.95
N PHE A 302 34.30 -32.31 25.01
CA PHE A 302 35.52 -32.83 24.40
C PHE A 302 36.36 -31.80 23.65
N THR A 303 37.68 -31.95 23.75
CA THR A 303 38.60 -31.07 23.04
C THR A 303 38.74 -31.51 21.60
N PHE A 304 39.51 -30.76 20.82
CA PHE A 304 39.79 -31.15 19.44
C PHE A 304 41.25 -31.57 19.26
N ASN A 305 41.44 -32.75 18.68
CA ASN A 305 42.78 -33.25 18.38
C ASN A 305 43.40 -32.54 17.18
N ILE A 306 43.42 -31.21 17.23
CA ILE A 306 44.03 -30.39 16.18
C ILE A 306 44.98 -29.37 16.79
N LYS A 307 46.26 -29.48 16.43
CA LYS A 307 47.27 -28.56 16.94
C LYS A 307 46.83 -27.10 16.84
N VAL A 308 46.64 -26.48 17.99
CA VAL A 308 46.26 -25.06 18.03
C VAL A 308 47.38 -24.22 18.66
N ALA A 309 47.92 -23.29 17.89
CA ALA A 309 49.03 -22.46 18.35
C ALA A 309 48.56 -21.25 19.14
N SER A 310 48.84 -21.23 20.44
CA SER A 310 48.47 -20.09 21.29
C SER A 310 49.08 -18.79 20.76
N PRO A 311 48.22 -17.82 20.36
CA PRO A 311 48.59 -16.52 19.77
C PRO A 311 49.61 -15.77 20.62
N VAL A 312 50.32 -14.83 20.00
CA VAL A 312 51.33 -14.02 20.70
C VAL A 312 50.74 -12.81 21.45
N LYS A 313 51.25 -12.57 22.65
CA LYS A 313 50.83 -11.43 23.47
C LYS A 313 50.98 -10.11 22.71
N ARG A 314 49.88 -9.35 22.60
CA ARG A 314 49.85 -8.12 21.78
C ARG A 314 51.08 -7.22 21.98
N PRO A 315 51.50 -6.50 20.91
CA PRO A 315 52.63 -5.57 20.92
C PRO A 315 52.46 -4.48 21.98
N LYS A 316 53.52 -3.72 22.25
CA LYS A 316 53.43 -2.57 23.14
C LYS A 316 52.90 -1.34 22.40
N LYS A 317 51.77 -0.83 22.87
CA LYS A 317 51.13 0.34 22.25
C LYS A 317 51.69 1.66 22.79
N ASP A 318 52.18 2.49 21.88
CA ASP A 318 52.76 3.78 22.27
C ASP A 318 51.69 4.73 22.82
N PRO A 319 51.85 5.13 24.10
CA PRO A 319 50.92 6.03 24.80
C PRO A 319 50.32 7.09 23.87
N VAL A 320 48.99 7.12 23.79
CA VAL A 320 48.29 8.09 22.95
C VAL A 320 48.64 9.53 23.33
N ASN A 321 48.88 10.36 22.33
CA ASN A 321 49.19 11.77 22.56
C ASN A 321 48.02 12.48 23.24
N GLU A 322 48.20 12.85 24.49
CA GLU A 322 47.12 13.44 25.28
C GLU A 322 46.61 14.78 24.77
N THR A 323 47.42 15.47 23.97
CA THR A 323 47.05 16.80 23.50
C THR A 323 46.23 16.70 22.22
N LEU A 324 46.54 15.67 21.43
CA LEU A 324 45.79 15.40 20.22
C LEU A 324 44.52 14.62 20.56
N TYR A 325 44.58 13.82 21.62
CA TYR A 325 43.44 13.01 22.02
C TYR A 325 43.14 13.25 23.48
N PRO A 326 42.64 14.44 23.79
CA PRO A 326 42.44 14.87 25.18
C PRO A 326 41.47 13.93 25.88
N GLU A 327 40.36 13.66 25.22
CA GLU A 327 39.27 12.93 25.86
C GLU A 327 39.45 11.42 25.80
N HIS A 328 40.65 10.97 25.44
CA HIS A 328 40.94 9.55 25.33
C HIS A 328 41.16 8.91 26.68
N TYR A 329 41.53 9.72 27.66
CA TYR A 329 41.66 9.21 29.02
C TYR A 329 40.32 8.66 29.48
N ARG A 330 39.24 9.36 29.14
CA ARG A 330 37.90 8.93 29.54
C ARG A 330 37.58 7.49 29.16
N LYS A 331 38.39 6.92 28.28
CA LYS A 331 38.21 5.52 27.91
C LYS A 331 38.85 4.56 28.91
N TYR A 332 38.65 4.80 30.21
CA TYR A 332 39.04 3.84 31.22
C TYR A 332 38.62 2.46 30.73
N SER A 333 39.49 1.47 30.86
CA SER A 333 39.16 0.10 30.43
C SER A 333 37.70 -0.24 30.75
N ASP A 334 36.91 -0.48 29.71
CA ASP A 334 35.47 -0.75 29.87
C ASP A 334 34.99 -1.82 28.89
N TYR A 335 33.98 -2.59 29.32
CA TYR A 335 33.37 -3.60 28.46
C TYR A 335 32.96 -2.99 27.12
N ILE A 336 33.64 -3.40 26.05
CA ILE A 336 33.33 -2.92 24.69
C ILE A 336 31.89 -3.25 24.29
N LYS A 337 31.04 -2.22 24.23
CA LYS A 337 29.65 -2.38 23.79
C LYS A 337 29.60 -2.96 22.38
N GLY A 338 28.81 -4.02 22.22
CA GLY A 338 28.72 -4.73 20.94
C GLY A 338 29.98 -5.54 20.63
N SER A 339 30.38 -6.39 21.57
CA SER A 339 31.55 -7.26 21.39
C SER A 339 31.20 -8.71 21.70
N ASN A 340 31.56 -9.60 20.78
CA ASN A 340 31.34 -11.04 20.94
C ASN A 340 32.57 -11.75 21.53
N LEU A 341 33.37 -11.01 22.29
CA LEU A 341 34.49 -11.56 23.03
C LEU A 341 34.00 -12.29 24.28
N ASP A 342 32.70 -12.15 24.55
CA ASP A 342 32.06 -12.88 25.64
C ASP A 342 31.26 -14.08 25.12
N ALA A 343 31.02 -14.10 23.81
CA ALA A 343 30.23 -15.17 23.19
C ALA A 343 30.76 -16.54 23.58
N PRO A 344 29.86 -17.40 24.09
CA PRO A 344 30.21 -18.79 24.34
C PRO A 344 30.44 -19.51 23.02
N GLU A 345 30.87 -20.77 23.08
CA GLU A 345 30.89 -21.61 21.90
C GLU A 345 29.54 -22.33 21.85
N PRO A 346 29.12 -22.71 20.64
CA PRO A 346 27.90 -23.49 20.44
C PRO A 346 28.13 -24.94 20.85
N TYR A 347 27.05 -25.69 21.03
CA TYR A 347 27.13 -27.11 21.29
C TYR A 347 28.21 -27.81 20.46
N ARG A 348 28.88 -28.78 21.07
CA ARG A 348 29.69 -29.73 20.33
C ARG A 348 28.72 -30.72 19.71
N ILE A 349 29.08 -31.28 18.57
CA ILE A 349 28.21 -32.25 17.94
C ILE A 349 29.02 -33.49 17.59
N GLY A 350 28.38 -34.65 17.75
CA GLY A 350 29.01 -35.92 17.45
C GLY A 350 27.99 -36.98 17.07
N ARG A 351 28.45 -38.00 16.37
CA ARG A 351 27.62 -39.13 15.96
C ARG A 351 27.86 -40.27 16.92
N ILE A 352 26.80 -40.81 17.51
CA ILE A 352 26.98 -41.90 18.46
C ILE A 352 27.40 -43.19 17.74
N LYS A 353 28.61 -43.65 18.07
CA LYS A 353 29.19 -44.86 17.49
C LYS A 353 28.83 -46.08 18.33
N GLU A 354 29.00 -45.96 19.65
CA GLU A 354 28.65 -47.03 20.57
C GLU A 354 28.03 -46.49 21.84
N ILE A 355 27.08 -47.24 22.39
CA ILE A 355 26.52 -46.96 23.71
C ILE A 355 26.78 -48.16 24.59
N HIS A 356 27.29 -47.92 25.79
CA HIS A 356 27.50 -48.98 26.76
C HIS A 356 27.30 -48.51 28.20
N CYS A 357 26.49 -49.25 28.95
CA CYS A 357 26.22 -48.92 30.35
C CYS A 357 27.00 -49.82 31.32
N GLY A 358 27.19 -49.36 32.55
CA GLY A 358 27.78 -50.18 33.59
C GLY A 358 26.73 -51.07 34.23
N LYS A 359 27.11 -51.74 35.32
CA LYS A 359 26.19 -52.62 36.04
C LYS A 359 26.20 -52.38 37.56
N LYS A 360 25.08 -52.69 38.21
CA LYS A 360 24.95 -52.47 39.65
C LYS A 360 23.83 -53.34 40.23
N LYS A 361 24.15 -54.09 41.28
CA LYS A 361 23.23 -55.06 41.88
C LYS A 361 22.81 -56.11 40.87
N GLY A 362 23.76 -56.54 40.04
CA GLY A 362 23.49 -57.55 39.03
C GLY A 362 22.60 -57.07 37.89
N LYS A 363 22.30 -55.77 37.90
CA LYS A 363 21.44 -55.18 36.86
C LYS A 363 22.21 -54.13 36.07
N VAL A 364 21.65 -53.74 34.93
CA VAL A 364 22.20 -52.66 34.12
C VAL A 364 22.07 -51.35 34.89
N ASN A 365 23.16 -50.61 34.96
CA ASN A 365 23.16 -49.32 35.64
C ASN A 365 22.93 -48.16 34.69
N GLU A 366 21.68 -47.71 34.62
CA GLU A 366 21.28 -46.66 33.69
C GLU A 366 21.89 -45.31 34.03
N ALA A 367 22.35 -45.18 35.27
CA ALA A 367 23.01 -43.95 35.70
C ALA A 367 24.47 -43.91 35.25
N ASP A 368 24.88 -44.93 34.49
CA ASP A 368 26.26 -44.99 33.98
C ASP A 368 26.29 -45.37 32.51
N ILE A 369 25.61 -44.58 31.68
CA ILE A 369 25.63 -44.78 30.24
C ILE A 369 26.68 -43.88 29.61
N LYS A 370 27.48 -44.44 28.72
CA LYS A 370 28.51 -43.66 28.05
C LYS A 370 28.38 -43.76 26.53
N LEU A 371 28.93 -42.77 25.85
CA LEU A 371 28.82 -42.70 24.40
C LEU A 371 30.18 -42.60 23.71
N ARG A 372 30.42 -43.54 22.80
CA ARG A 372 31.57 -43.52 21.93
C ARG A 372 31.11 -42.75 20.71
N LEU A 373 31.69 -41.57 20.49
CA LEU A 373 31.19 -40.68 19.45
C LEU A 373 32.24 -40.37 18.40
N TYR A 374 31.76 -40.14 17.17
CA TYR A 374 32.59 -39.52 16.15
C TYR A 374 32.49 -37.99 16.27
N LYS A 375 33.59 -37.34 16.62
CA LYS A 375 33.64 -35.89 16.70
C LYS A 375 33.24 -35.25 15.37
N PHE A 376 32.50 -34.16 15.45
CA PHE A 376 32.17 -33.36 14.27
C PHE A 376 32.84 -32.02 14.38
N TYR A 377 33.52 -31.59 13.32
CA TYR A 377 34.13 -30.27 13.28
C TYR A 377 33.16 -29.21 12.75
N ARG A 378 32.97 -28.14 13.50
CA ARG A 378 32.30 -26.97 12.96
C ARG A 378 33.32 -26.23 12.12
N PRO A 379 32.89 -25.64 11.01
CA PRO A 379 33.90 -25.00 10.16
C PRO A 379 34.87 -24.15 10.96
N GLU A 380 34.37 -23.35 11.90
CA GLU A 380 35.25 -22.51 12.70
C GLU A 380 36.15 -23.32 13.64
N ASN A 381 35.99 -24.64 13.64
CA ASN A 381 36.80 -25.53 14.47
C ASN A 381 38.07 -26.04 13.78
N THR A 382 38.08 -26.04 12.45
CA THR A 382 39.26 -26.40 11.69
C THR A 382 40.36 -25.33 11.83
N HIS A 383 41.44 -25.47 11.09
CA HIS A 383 42.53 -24.51 11.14
C HIS A 383 42.13 -23.20 10.47
N ARG A 384 41.18 -23.30 9.53
CA ARG A 384 40.63 -22.15 8.83
C ARG A 384 40.05 -21.11 9.79
N SER A 385 39.69 -21.56 10.99
CA SER A 385 39.17 -20.67 12.02
C SER A 385 37.94 -19.92 11.52
N TYR A 386 37.60 -18.82 12.20
CA TYR A 386 36.46 -18.01 11.81
C TYR A 386 36.63 -17.49 10.38
N ASN A 387 37.79 -16.90 10.13
CA ASN A 387 38.15 -16.36 8.82
C ASN A 387 37.85 -17.34 7.69
N GLY A 388 37.73 -18.62 8.02
CA GLY A 388 37.43 -19.66 7.05
C GLY A 388 35.97 -20.10 7.03
N SER A 389 35.21 -19.69 8.03
CA SER A 389 33.79 -20.07 8.12
C SER A 389 32.80 -18.92 7.84
N TYR A 390 33.31 -17.75 7.40
CA TYR A 390 32.45 -16.59 7.17
C TYR A 390 31.31 -16.88 6.18
N HIS A 391 31.63 -17.61 5.11
CA HIS A 391 30.69 -17.76 4.01
C HIS A 391 29.89 -19.05 4.06
N THR A 392 30.05 -19.83 5.11
CA THR A 392 29.50 -21.18 5.16
C THR A 392 28.12 -21.23 5.78
N ASP A 393 27.37 -22.29 5.49
CA ASP A 393 26.08 -22.51 6.14
C ASP A 393 26.29 -22.78 7.63
N ILE A 394 25.51 -22.10 8.48
CA ILE A 394 25.67 -22.26 9.92
C ILE A 394 25.37 -23.68 10.37
N ASN A 395 24.64 -24.41 9.55
CA ASN A 395 24.27 -25.78 9.88
C ASN A 395 25.15 -26.83 9.19
N MET A 396 26.21 -26.37 8.53
CA MET A 396 27.09 -27.28 7.81
C MET A 396 28.25 -27.73 8.67
N LEU A 397 28.48 -29.04 8.66
CA LEU A 397 29.50 -29.64 9.50
C LEU A 397 30.55 -30.37 8.69
N TYR A 398 31.72 -30.54 9.30
CA TYR A 398 32.79 -31.33 8.71
C TYR A 398 32.99 -32.61 9.51
N TRP A 399 32.87 -33.75 8.84
CA TRP A 399 33.07 -35.05 9.48
C TRP A 399 34.55 -35.31 9.80
N SER A 400 34.79 -35.94 10.94
CA SER A 400 36.12 -36.41 11.28
C SER A 400 36.04 -37.85 11.75
N ASP A 401 37.20 -38.50 11.86
CA ASP A 401 37.23 -39.84 12.41
C ASP A 401 37.78 -39.81 13.82
N GLU A 402 37.92 -38.60 14.37
CA GLU A 402 38.37 -38.42 15.75
C GLU A 402 37.27 -38.82 16.74
N GLU A 403 37.57 -39.76 17.62
CA GLU A 403 36.56 -40.26 18.55
C GLU A 403 36.73 -39.71 19.96
N ALA A 404 35.70 -39.88 20.77
CA ALA A 404 35.76 -39.51 22.17
C ALA A 404 34.61 -40.15 22.94
N VAL A 405 34.81 -40.34 24.24
CA VAL A 405 33.79 -40.94 25.07
C VAL A 405 33.18 -39.89 26.01
N VAL A 406 31.87 -39.97 26.16
CA VAL A 406 31.10 -38.92 26.79
C VAL A 406 30.06 -39.53 27.70
N ASN A 407 29.69 -38.81 28.75
CA ASN A 407 28.68 -39.30 29.66
C ASN A 407 27.28 -38.91 29.19
N PHE A 408 26.38 -39.88 29.10
CA PHE A 408 25.05 -39.65 28.53
C PHE A 408 24.28 -38.60 29.31
N SER A 409 24.78 -38.27 30.49
CA SER A 409 24.14 -37.25 31.31
C SER A 409 24.45 -35.86 30.78
N ASP A 410 25.49 -35.75 29.98
CA ASP A 410 25.90 -34.45 29.44
C ASP A 410 25.22 -34.13 28.12
N VAL A 411 24.52 -35.10 27.57
CA VAL A 411 23.81 -34.89 26.31
C VAL A 411 22.71 -33.84 26.48
N GLN A 412 22.69 -32.87 25.56
CA GLN A 412 21.76 -31.74 25.64
C GLN A 412 20.52 -31.95 24.78
N GLY A 413 20.65 -32.76 23.74
CA GLY A 413 19.52 -33.10 22.90
C GLY A 413 19.97 -33.91 21.71
N ARG A 414 19.02 -34.38 20.92
CA ARG A 414 19.35 -35.07 19.69
C ARG A 414 19.35 -34.05 18.60
N CYS A 415 20.18 -34.25 17.58
CA CYS A 415 20.00 -33.53 16.35
C CYS A 415 20.15 -34.49 15.18
N THR A 416 19.97 -33.96 13.98
CA THR A 416 20.09 -34.75 12.77
C THR A 416 21.28 -34.24 11.99
N VAL A 417 22.20 -35.14 11.67
CA VAL A 417 23.28 -34.80 10.75
C VAL A 417 23.32 -35.80 9.60
N GLU A 418 23.14 -35.29 8.39
CA GLU A 418 23.02 -36.12 7.21
C GLU A 418 24.10 -35.81 6.19
N TYR A 419 24.56 -36.85 5.50
CA TYR A 419 25.52 -36.67 4.43
C TYR A 419 24.87 -35.82 3.32
N GLY A 420 25.58 -34.77 2.91
CA GLY A 420 25.10 -33.88 1.87
C GLY A 420 24.44 -34.61 0.72
N GLU A 421 25.25 -35.39 0.00
CA GLU A 421 24.82 -36.08 -1.21
C GLU A 421 23.71 -37.11 -0.97
N ASP A 422 23.79 -37.79 0.18
CA ASP A 422 22.84 -38.84 0.55
C ASP A 422 21.39 -38.38 0.56
N LEU A 423 21.18 -37.07 0.75
CA LEU A 423 19.84 -36.53 0.98
C LEU A 423 18.96 -36.59 -0.27
N LEU A 424 17.69 -36.94 -0.07
CA LEU A 424 16.77 -37.12 -1.18
C LEU A 424 16.14 -35.81 -1.70
N GLU A 425 16.61 -34.68 -1.19
CA GLU A 425 16.09 -33.36 -1.57
C GLU A 425 17.22 -32.34 -1.65
N SER A 426 16.87 -31.08 -1.80
CA SER A 426 17.87 -30.02 -1.82
C SER A 426 18.42 -29.81 -0.42
N ILE A 427 19.70 -29.46 -0.32
CA ILE A 427 20.29 -29.14 0.97
C ILE A 427 19.48 -28.04 1.67
N GLN A 428 19.16 -26.98 0.93
CA GLN A 428 18.38 -25.89 1.49
C GLN A 428 16.98 -26.35 1.88
N ASP A 429 16.37 -27.18 1.04
CA ASP A 429 15.08 -27.75 1.39
C ASP A 429 15.20 -28.49 2.72
N TYR A 430 16.25 -29.30 2.84
CA TYR A 430 16.51 -30.07 4.04
C TYR A 430 16.66 -29.18 5.28
N SER A 431 17.55 -28.20 5.21
CA SER A 431 17.78 -27.33 6.35
C SER A 431 16.50 -26.64 6.76
N GLN A 432 15.76 -26.13 5.78
CA GLN A 432 14.55 -25.37 6.06
C GLN A 432 13.44 -26.30 6.59
N GLY A 433 13.62 -27.60 6.38
CA GLY A 433 12.60 -28.58 6.67
C GLY A 433 12.20 -28.74 8.12
N GLY A 434 13.17 -28.61 9.02
CA GLY A 434 12.88 -28.80 10.43
C GLY A 434 14.00 -28.31 11.33
N PRO A 435 13.77 -28.40 12.64
CA PRO A 435 14.71 -27.91 13.65
C PRO A 435 15.86 -28.88 13.88
N ASP A 436 17.03 -28.35 14.21
CA ASP A 436 18.18 -29.17 14.58
C ASP A 436 18.75 -29.99 13.43
N ARG A 437 18.62 -29.53 12.19
CA ARG A 437 19.12 -30.26 11.03
C ARG A 437 20.47 -29.73 10.53
N PHE A 438 21.52 -30.55 10.66
CA PHE A 438 22.83 -30.23 10.11
C PHE A 438 23.13 -31.13 8.91
N TYR A 439 24.19 -30.81 8.19
CA TYR A 439 24.65 -31.65 7.08
C TYR A 439 26.16 -31.49 6.94
N PHE A 440 26.79 -32.48 6.31
CA PHE A 440 28.22 -32.43 6.03
C PHE A 440 28.50 -32.89 4.59
N LEU A 441 29.49 -32.29 3.95
CA LEU A 441 29.85 -32.63 2.58
C LEU A 441 31.20 -33.33 2.54
N GLU A 442 32.18 -32.72 3.19
CA GLU A 442 33.55 -33.22 3.22
C GLU A 442 33.89 -33.77 4.60
N ALA A 443 35.11 -34.26 4.75
CA ALA A 443 35.62 -34.67 6.06
C ALA A 443 36.95 -33.96 6.32
N TYR A 444 37.35 -33.88 7.57
CA TYR A 444 38.54 -33.12 7.93
C TYR A 444 39.66 -33.98 8.53
N ASN A 445 40.89 -33.62 8.20
CA ASN A 445 42.05 -34.33 8.70
C ASN A 445 42.86 -33.37 9.54
N SER A 446 42.70 -33.44 10.87
CA SER A 446 43.40 -32.49 11.75
C SER A 446 44.91 -32.64 11.64
N LYS A 447 45.33 -33.76 11.05
CA LYS A 447 46.74 -34.08 10.86
C LYS A 447 47.30 -33.47 9.58
N THR A 448 46.79 -33.93 8.43
CA THR A 448 47.19 -33.40 7.14
C THR A 448 46.47 -32.09 6.81
N LYS A 449 45.67 -31.62 7.76
CA LYS A 449 44.87 -30.40 7.57
C LYS A 449 44.25 -30.35 6.18
N ASN A 450 43.82 -31.50 5.67
CA ASN A 450 43.22 -31.54 4.35
C ASN A 450 41.73 -31.82 4.44
N PHE A 451 41.07 -31.88 3.28
CA PHE A 451 39.63 -32.02 3.21
C PHE A 451 39.21 -33.10 2.24
N GLU A 452 39.51 -34.35 2.55
CA GLU A 452 38.99 -35.45 1.75
C GLU A 452 37.48 -35.48 1.96
N ASP A 453 36.80 -36.39 1.26
CA ASP A 453 35.36 -36.55 1.49
C ASP A 453 35.04 -37.74 2.39
N PRO A 454 33.86 -37.72 3.02
CA PRO A 454 33.29 -38.73 3.91
C PRO A 454 33.57 -40.18 3.56
N PRO A 455 34.13 -40.92 4.54
CA PRO A 455 34.32 -42.38 4.51
C PRO A 455 32.99 -43.11 4.29
N ASN A 456 33.08 -44.32 3.79
CA ASN A 456 31.90 -45.10 3.42
C ASN A 456 30.98 -45.42 4.60
N HIS A 457 31.50 -45.29 5.83
CA HIS A 457 30.73 -45.63 7.03
C HIS A 457 29.96 -44.45 7.60
N ALA A 458 30.25 -43.24 7.10
CA ALA A 458 29.54 -42.04 7.52
C ALA A 458 28.19 -41.96 6.82
N ARG A 459 28.14 -42.41 5.58
CA ARG A 459 26.93 -42.42 4.79
C ARG A 459 25.98 -43.53 5.26
N SER A 460 24.74 -43.50 4.81
CA SER A 460 23.85 -44.67 4.92
C SER A 460 23.91 -45.41 3.60
N PRO A 461 24.54 -46.61 3.59
CA PRO A 461 24.78 -47.34 2.33
C PRO A 461 23.62 -47.25 1.35
N GLY A 462 23.84 -46.58 0.21
CA GLY A 462 22.83 -46.41 -0.82
C GLY A 462 23.40 -46.52 -2.23
N ASN A 463 22.59 -46.13 -3.22
CA ASN A 463 22.99 -46.18 -4.63
C ASN A 463 24.06 -45.15 -5.01
N LYS A 464 25.04 -45.58 -5.79
CA LYS A 464 26.17 -44.73 -6.18
C LYS A 464 25.73 -43.48 -6.94
N GLY A 465 26.55 -42.44 -6.87
CA GLY A 465 26.24 -41.19 -7.54
C GLY A 465 26.40 -40.00 -6.61
N LYS A 466 26.44 -38.81 -7.19
CA LYS A 466 26.56 -37.57 -6.44
C LYS A 466 25.43 -36.62 -6.84
N GLY A 467 24.77 -36.05 -5.85
CA GLY A 467 23.64 -35.15 -6.09
C GLY A 467 23.82 -34.22 -7.29
N LEU A 491 -2.53 -28.05 7.73
CA LEU A 491 -2.62 -27.25 8.95
C LEU A 491 -3.30 -25.89 8.73
N PRO A 492 -4.48 -25.70 9.35
CA PRO A 492 -5.27 -24.46 9.27
C PRO A 492 -4.53 -23.31 9.94
N LYS A 493 -4.66 -22.12 9.35
CA LYS A 493 -4.07 -20.93 9.95
C LYS A 493 -5.08 -20.20 10.81
N LEU A 494 -4.59 -19.56 11.87
CA LEU A 494 -5.42 -18.74 12.72
C LEU A 494 -5.67 -17.36 12.11
N ARG A 495 -6.94 -17.01 11.93
CA ARG A 495 -7.26 -15.66 11.52
C ARG A 495 -6.75 -14.72 12.61
N THR A 496 -5.73 -13.93 12.29
CA THR A 496 -5.12 -13.05 13.28
C THR A 496 -5.54 -11.59 13.17
N LEU A 497 -5.76 -10.95 14.30
CA LEU A 497 -5.95 -9.51 14.35
C LEU A 497 -4.74 -8.88 15.02
N ASP A 498 -3.96 -8.13 14.26
CA ASP A 498 -2.73 -7.56 14.76
C ASP A 498 -2.91 -6.10 15.13
N VAL A 499 -2.90 -5.81 16.43
CA VAL A 499 -3.12 -4.46 16.95
C VAL A 499 -1.81 -3.73 17.21
N PHE A 500 -1.80 -2.42 16.94
CA PHE A 500 -0.56 -1.68 16.95
C PHE A 500 0.41 -2.48 16.12
N SER A 501 0.05 -2.72 14.86
CA SER A 501 0.76 -3.68 14.04
C SER A 501 2.09 -3.12 13.57
N GLY A 502 2.18 -1.80 13.44
CA GLY A 502 3.35 -1.22 12.82
C GLY A 502 3.42 -1.73 11.40
N CYS A 503 4.61 -1.73 10.82
CA CYS A 503 4.80 -2.22 9.46
C CYS A 503 4.68 -3.74 9.39
N GLY A 504 4.55 -4.37 10.55
CA GLY A 504 4.24 -5.79 10.61
C GLY A 504 5.42 -6.74 10.76
N GLY A 505 6.38 -6.39 11.62
CA GLY A 505 7.45 -7.30 11.94
C GLY A 505 6.90 -8.58 12.54
N LEU A 506 6.04 -8.42 13.54
CA LEU A 506 5.45 -9.56 14.24
C LEU A 506 4.72 -10.47 13.26
N SER A 507 3.69 -9.92 12.61
CA SER A 507 2.96 -10.70 11.63
C SER A 507 3.90 -11.38 10.65
N GLU A 508 4.92 -10.67 10.22
CA GLU A 508 5.86 -11.25 9.26
C GLU A 508 6.44 -12.55 9.80
N GLY A 509 6.98 -12.50 11.01
CA GLY A 509 7.48 -13.68 11.67
C GLY A 509 6.45 -14.77 11.86
N PHE A 510 5.24 -14.40 12.27
CA PHE A 510 4.17 -15.38 12.39
C PHE A 510 3.94 -16.04 11.05
N HIS A 511 3.74 -15.23 10.03
CA HIS A 511 3.49 -15.74 8.68
C HIS A 511 4.57 -16.74 8.31
N GLN A 512 5.83 -16.37 8.52
CA GLN A 512 6.94 -17.28 8.27
C GLN A 512 6.73 -18.63 8.95
N ALA A 513 6.23 -18.61 10.18
CA ALA A 513 5.96 -19.84 10.93
C ALA A 513 4.74 -20.57 10.39
N GLY A 514 3.88 -19.85 9.68
CA GLY A 514 2.75 -20.46 9.00
C GLY A 514 1.63 -20.87 9.92
N ILE A 515 1.35 -20.04 10.91
CA ILE A 515 0.26 -20.31 11.82
C ILE A 515 -0.82 -19.26 11.67
N SER A 516 -0.45 -18.13 11.08
CA SER A 516 -1.39 -17.04 10.97
C SER A 516 -1.68 -16.60 9.55
N GLU A 517 -2.89 -16.06 9.39
CA GLU A 517 -3.30 -15.36 8.20
C GLU A 517 -3.92 -14.06 8.73
N THR A 518 -3.13 -13.00 8.73
CA THR A 518 -3.61 -11.74 9.29
C THR A 518 -4.70 -11.14 8.39
N LEU A 519 -5.90 -11.01 8.95
CA LEU A 519 -7.04 -10.54 8.20
C LEU A 519 -7.37 -9.09 8.55
N TRP A 520 -6.93 -8.64 9.71
CA TRP A 520 -7.17 -7.29 10.15
C TRP A 520 -5.94 -6.76 10.89
N ALA A 521 -5.62 -5.49 10.69
CA ALA A 521 -4.53 -4.85 11.42
C ALA A 521 -4.92 -3.45 11.84
N ILE A 522 -4.49 -3.02 13.02
CA ILE A 522 -4.78 -1.66 13.44
C ILE A 522 -3.48 -0.92 13.71
N GLU A 523 -3.30 0.22 13.04
CA GLU A 523 -2.07 0.98 13.13
C GLU A 523 -2.38 2.46 12.95
N MET A 524 -2.27 3.23 14.04
CA MET A 524 -2.73 4.61 14.02
C MET A 524 -1.82 5.50 13.17
N TRP A 525 -0.57 5.08 13.02
CA TRP A 525 0.41 5.88 12.29
C TRP A 525 0.40 5.54 10.81
N ASP A 526 0.14 6.55 9.98
CA ASP A 526 -0.16 6.30 8.58
C ASP A 526 0.95 5.69 7.73
N PRO A 527 2.21 6.04 7.98
CA PRO A 527 3.23 5.38 7.15
C PRO A 527 3.34 3.88 7.47
N ALA A 528 3.38 3.55 8.77
CA ALA A 528 3.42 2.17 9.20
C ALA A 528 2.26 1.39 8.61
N ALA A 529 1.06 1.94 8.74
CA ALA A 529 -0.14 1.29 8.22
C ALA A 529 -0.03 1.00 6.73
N GLN A 530 0.56 1.92 5.96
CA GLN A 530 0.71 1.72 4.53
C GLN A 530 1.71 0.60 4.26
N ALA A 531 2.88 0.67 4.89
CA ALA A 531 3.87 -0.40 4.76
C ALA A 531 3.26 -1.77 5.04
N PHE A 532 2.41 -1.85 6.06
CA PHE A 532 1.72 -3.10 6.32
C PHE A 532 0.88 -3.53 5.12
N ARG A 533 0.05 -2.63 4.59
CA ARG A 533 -0.76 -2.94 3.42
C ARG A 533 0.11 -3.42 2.28
N LEU A 534 1.29 -2.83 2.17
CA LEU A 534 2.21 -3.15 1.10
C LEU A 534 2.69 -4.58 1.18
N ASN A 535 2.72 -5.15 2.38
CA ASN A 535 3.29 -6.47 2.57
C ASN A 535 2.24 -7.54 2.72
N ASN A 536 0.99 -7.14 2.87
CA ASN A 536 -0.11 -8.07 3.09
C ASN A 536 -1.37 -7.68 2.34
N PRO A 537 -1.50 -8.11 1.09
CA PRO A 537 -2.65 -7.71 0.28
C PRO A 537 -3.96 -8.29 0.77
N GLY A 538 -3.89 -9.27 1.67
CA GLY A 538 -5.09 -9.96 2.10
C GLY A 538 -5.74 -9.36 3.33
N THR A 539 -5.05 -8.42 3.97
CA THR A 539 -5.51 -7.90 5.26
C THR A 539 -6.07 -6.48 5.17
N THR A 540 -7.08 -6.23 6.00
CA THR A 540 -7.72 -4.93 6.13
C THR A 540 -7.06 -4.09 7.25
N VAL A 541 -6.25 -3.11 6.88
CA VAL A 541 -5.63 -2.24 7.85
C VAL A 541 -6.50 -1.03 8.19
N PHE A 542 -6.98 -0.97 9.42
CA PHE A 542 -7.71 0.17 9.91
C PHE A 542 -6.74 1.22 10.46
N THR A 543 -6.66 2.37 9.80
CA THR A 543 -5.79 3.44 10.28
C THR A 543 -6.56 4.28 11.28
N GLU A 544 -6.81 3.73 12.46
CA GLU A 544 -7.54 4.45 13.50
C GLU A 544 -7.02 4.21 14.91
N ASP A 545 -7.62 4.91 15.86
CA ASP A 545 -7.32 4.69 17.26
C ASP A 545 -8.11 3.48 17.71
N CYS A 546 -7.41 2.47 18.22
CA CYS A 546 -8.02 1.18 18.54
C CYS A 546 -9.25 1.36 19.41
N ASN A 547 -9.28 2.46 20.16
CA ASN A 547 -10.36 2.73 21.10
C ASN A 547 -11.72 2.94 20.45
N VAL A 548 -11.78 3.82 19.46
CA VAL A 548 -13.03 4.10 18.75
C VAL A 548 -13.43 2.92 17.88
N LEU A 549 -12.44 2.29 17.25
CA LEU A 549 -12.67 1.10 16.44
C LEU A 549 -13.37 0.03 17.25
N LEU A 550 -12.97 -0.11 18.50
CA LEU A 550 -13.57 -1.04 19.44
C LEU A 550 -14.98 -0.60 19.80
N LYS A 551 -15.11 0.65 20.23
CA LYS A 551 -16.41 1.20 20.63
C LYS A 551 -17.41 1.18 19.45
N LEU A 552 -16.89 1.00 18.25
CA LEU A 552 -17.74 0.86 17.08
C LEU A 552 -18.44 -0.49 17.07
N VAL A 553 -17.66 -1.56 17.04
CA VAL A 553 -18.23 -2.90 16.90
C VAL A 553 -19.07 -3.29 18.11
N MET A 554 -18.72 -2.71 19.27
CA MET A 554 -19.49 -2.91 20.49
C MET A 554 -20.89 -2.32 20.35
N ALA A 555 -20.95 -1.10 19.83
CA ALA A 555 -22.21 -0.43 19.52
C ALA A 555 -22.91 -1.09 18.33
N GLY A 556 -22.47 -2.29 17.96
CA GLY A 556 -23.16 -3.06 16.94
C GLY A 556 -22.94 -2.55 15.52
N GLU A 557 -21.88 -1.79 15.31
CA GLU A 557 -21.52 -1.32 13.98
C GLU A 557 -20.88 -2.43 13.14
N VAL A 558 -21.15 -2.42 11.83
CA VAL A 558 -20.63 -3.46 10.96
C VAL A 558 -19.39 -3.02 10.17
N THR A 559 -19.25 -1.71 9.97
CA THR A 559 -18.17 -1.19 9.15
C THR A 559 -17.80 0.22 9.56
N ASN A 560 -16.54 0.60 9.43
CA ASN A 560 -16.16 1.98 9.76
C ASN A 560 -16.60 2.96 8.67
N SER A 561 -16.37 4.25 8.90
CA SER A 561 -16.83 5.28 7.97
C SER A 561 -16.32 5.11 6.53
N LEU A 562 -15.37 4.19 6.35
CA LEU A 562 -14.77 3.95 5.04
C LEU A 562 -15.29 2.66 4.43
N GLY A 563 -16.30 2.07 5.05
CA GLY A 563 -16.83 0.80 4.58
C GLY A 563 -15.83 -0.35 4.61
N GLN A 564 -15.07 -0.44 5.70
CA GLN A 564 -14.21 -1.59 5.92
C GLN A 564 -14.90 -2.52 6.90
N ARG A 565 -15.03 -3.80 6.54
CA ARG A 565 -15.70 -4.76 7.42
C ARG A 565 -15.00 -4.95 8.78
N LEU A 566 -15.71 -4.58 9.85
CA LEU A 566 -15.23 -4.75 11.22
C LEU A 566 -15.22 -6.23 11.63
N PRO A 567 -14.19 -6.65 12.39
CA PRO A 567 -14.05 -7.97 13.01
C PRO A 567 -15.13 -8.25 14.05
N GLN A 568 -15.75 -9.41 13.96
CA GLN A 568 -16.84 -9.75 14.87
C GLN A 568 -16.47 -10.97 15.72
N LYS A 569 -17.01 -11.04 16.93
CA LYS A 569 -16.77 -12.21 17.78
C LYS A 569 -16.86 -13.45 16.90
N GLY A 570 -15.85 -14.32 17.01
CA GLY A 570 -15.81 -15.53 16.20
C GLY A 570 -14.89 -15.37 15.02
N ASP A 571 -14.74 -14.13 14.57
CA ASP A 571 -13.85 -13.87 13.46
C ASP A 571 -12.41 -14.04 13.89
N VAL A 572 -12.04 -13.40 15.00
CA VAL A 572 -10.67 -13.38 15.48
C VAL A 572 -10.26 -14.64 16.24
N GLU A 573 -9.27 -15.35 15.73
CA GLU A 573 -8.80 -16.57 16.39
C GLU A 573 -7.55 -16.30 17.20
N MET A 574 -6.74 -15.37 16.73
CA MET A 574 -5.53 -14.97 17.44
C MET A 574 -5.46 -13.45 17.51
N LEU A 575 -5.06 -12.94 18.66
CA LEU A 575 -4.96 -11.51 18.84
C LEU A 575 -3.56 -11.13 19.32
N CYS A 576 -2.75 -10.55 18.44
CA CYS A 576 -1.41 -10.18 18.82
C CYS A 576 -1.21 -8.68 18.71
N GLY A 577 -0.36 -8.13 19.55
CA GLY A 577 -0.15 -6.68 19.53
C GLY A 577 1.08 -6.23 20.29
N GLY A 578 1.43 -4.97 20.11
CA GLY A 578 2.55 -4.38 20.82
C GLY A 578 2.17 -3.01 21.33
N PRO A 579 1.32 -2.98 22.36
CA PRO A 579 0.89 -1.71 22.95
C PRO A 579 2.08 -0.93 23.48
N PRO A 580 2.15 0.37 23.15
CA PRO A 580 3.17 1.25 23.72
C PRO A 580 2.85 1.56 25.18
N CYS A 581 3.87 1.55 26.03
CA CYS A 581 3.68 1.87 27.45
C CYS A 581 4.33 3.20 27.82
N GLN A 582 4.69 3.99 26.81
CA GLN A 582 5.35 5.27 27.04
C GLN A 582 4.52 6.21 27.93
N GLY A 583 3.21 6.02 27.94
CA GLY A 583 2.34 6.85 28.76
C GLY A 583 2.70 6.89 30.24
N PHE A 584 3.02 5.74 30.80
CA PHE A 584 3.28 5.59 32.23
C PHE A 584 4.47 4.65 32.47
N SER A 585 5.53 4.82 31.68
CA SER A 585 6.72 3.98 31.83
C SER A 585 7.51 4.38 33.07
N GLY A 586 6.91 4.13 34.24
CA GLY A 586 7.50 4.53 35.50
C GLY A 586 7.83 3.35 36.40
N MET A 587 8.86 3.52 37.21
CA MET A 587 9.33 2.48 38.11
C MET A 587 8.76 2.63 39.52
N ASN A 588 8.41 3.86 39.92
CA ASN A 588 7.90 4.09 41.27
C ASN A 588 6.48 3.59 41.49
N ARG A 589 6.04 3.54 42.74
CA ARG A 589 4.73 2.98 43.06
C ARG A 589 3.56 3.77 42.46
N PHE A 590 2.49 3.05 42.12
CA PHE A 590 1.26 3.66 41.65
C PHE A 590 0.72 4.64 42.70
N ASN A 591 0.14 5.75 42.25
CA ASN A 591 -0.61 6.63 43.13
C ASN A 591 -2.04 6.86 42.61
N SER A 592 -2.68 7.93 43.10
CA SER A 592 -4.07 8.22 42.77
C SER A 592 -4.30 8.43 41.27
N ARG A 593 -3.65 9.45 40.71
CA ARG A 593 -3.89 9.83 39.31
C ARG A 593 -2.86 9.24 38.33
N THR A 594 -1.84 8.59 38.86
CA THR A 594 -0.87 7.88 38.02
C THR A 594 -1.48 6.55 37.59
N TYR A 595 -2.30 5.98 38.48
CA TYR A 595 -3.01 4.74 38.18
C TYR A 595 -4.17 5.01 37.23
N SER A 596 -4.66 6.24 37.24
CA SER A 596 -5.71 6.65 36.33
C SER A 596 -5.16 6.73 34.91
N LYS A 597 -3.91 7.18 34.79
CA LYS A 597 -3.23 7.25 33.51
C LYS A 597 -3.09 5.85 32.91
N PHE A 598 -3.15 4.85 33.79
CA PHE A 598 -3.05 3.45 33.39
C PHE A 598 -4.38 2.91 32.90
N LYS A 599 -5.42 3.07 33.72
CA LYS A 599 -6.74 2.55 33.36
C LYS A 599 -7.15 3.06 32.00
N ASN A 600 -6.48 4.11 31.52
CA ASN A 600 -6.80 4.69 30.23
C ASN A 600 -5.70 4.45 29.21
N SER A 601 -4.75 3.60 29.57
CA SER A 601 -3.63 3.26 28.70
C SER A 601 -4.03 2.42 27.49
N LEU A 602 -3.06 2.18 26.62
CA LEU A 602 -3.27 1.40 25.42
C LEU A 602 -3.26 -0.09 25.70
N VAL A 603 -2.43 -0.49 26.66
CA VAL A 603 -2.38 -1.88 27.08
C VAL A 603 -3.74 -2.30 27.64
N VAL A 604 -4.42 -1.38 28.32
CA VAL A 604 -5.75 -1.68 28.84
C VAL A 604 -6.76 -1.80 27.70
N SER A 605 -6.47 -1.14 26.58
CA SER A 605 -7.31 -1.26 25.40
C SER A 605 -7.09 -2.62 24.77
N PHE A 606 -5.83 -3.02 24.69
CA PHE A 606 -5.48 -4.34 24.20
C PHE A 606 -6.27 -5.42 24.93
N LEU A 607 -6.36 -5.31 26.25
CA LEU A 607 -7.06 -6.29 27.07
C LEU A 607 -8.57 -6.25 26.85
N SER A 608 -9.08 -5.06 26.55
CA SER A 608 -10.50 -4.89 26.23
C SER A 608 -10.83 -5.58 24.91
N TYR A 609 -9.85 -5.62 24.03
CA TYR A 609 -9.95 -6.40 22.81
C TYR A 609 -9.94 -7.88 23.12
N CYS A 610 -9.02 -8.29 23.97
CA CYS A 610 -8.92 -9.69 24.35
C CYS A 610 -10.20 -10.10 25.05
N ASP A 611 -10.68 -9.21 25.91
CA ASP A 611 -11.89 -9.48 26.65
C ASP A 611 -13.08 -9.66 25.71
N TYR A 612 -13.16 -8.81 24.69
CA TYR A 612 -14.27 -8.82 23.74
C TYR A 612 -14.21 -9.97 22.74
N TYR A 613 -13.09 -10.12 22.06
CA TYR A 613 -13.01 -11.13 21.01
C TYR A 613 -12.84 -12.55 21.53
N ARG A 614 -12.20 -12.69 22.70
CA ARG A 614 -11.92 -14.01 23.26
C ARG A 614 -11.26 -14.92 22.23
N PRO A 615 -10.06 -14.55 21.78
CA PRO A 615 -9.31 -15.38 20.83
C PRO A 615 -8.83 -16.69 21.45
N ARG A 616 -8.54 -17.68 20.62
CA ARG A 616 -7.88 -18.88 21.10
C ARG A 616 -6.50 -18.54 21.66
N PHE A 617 -5.85 -17.55 21.04
CA PHE A 617 -4.52 -17.14 21.49
C PHE A 617 -4.38 -15.63 21.63
N PHE A 618 -3.43 -15.23 22.48
CA PHE A 618 -3.25 -13.83 22.81
C PHE A 618 -1.78 -13.61 23.05
N LEU A 619 -1.20 -12.64 22.33
CA LEU A 619 0.21 -12.34 22.48
C LEU A 619 0.42 -10.84 22.69
N LEU A 620 0.94 -10.46 23.86
CA LEU A 620 1.33 -9.08 24.09
C LEU A 620 2.85 -9.02 24.18
N GLU A 621 3.48 -8.23 23.32
CA GLU A 621 4.92 -8.05 23.36
C GLU A 621 5.25 -6.60 23.71
N ASN A 622 6.28 -6.42 24.52
CA ASN A 622 6.67 -5.09 24.95
C ASN A 622 8.15 -4.99 25.16
N VAL A 623 8.59 -3.85 25.64
CA VAL A 623 9.99 -3.69 26.01
C VAL A 623 10.27 -4.59 27.20
N ARG A 624 11.54 -4.84 27.45
CA ARG A 624 11.89 -5.72 28.55
C ARG A 624 11.36 -5.16 29.86
N ASN A 625 11.37 -3.83 30.00
CA ASN A 625 10.97 -3.21 31.27
C ASN A 625 9.49 -3.33 31.60
N PHE A 626 8.69 -3.74 30.64
CA PHE A 626 7.27 -3.93 30.88
C PHE A 626 7.07 -4.66 32.20
N VAL A 627 8.01 -5.55 32.52
CA VAL A 627 7.84 -6.46 33.66
C VAL A 627 8.18 -5.88 35.02
N SER A 628 8.63 -4.63 35.06
CA SER A 628 8.99 -4.03 36.34
C SER A 628 8.49 -2.60 36.51
N TYR A 629 7.84 -2.06 35.48
CA TYR A 629 7.16 -0.79 35.56
C TYR A 629 6.18 -0.79 36.74
N ARG A 630 6.21 0.28 37.54
CA ARG A 630 5.34 0.45 38.70
C ARG A 630 5.47 -0.66 39.72
N ARG A 631 6.71 -1.05 40.00
CA ARG A 631 7.02 -2.17 40.89
C ARG A 631 6.30 -3.43 40.40
N SER A 632 6.19 -3.56 39.08
CA SER A 632 5.61 -4.73 38.45
C SER A 632 4.10 -4.83 38.63
N MET A 633 3.46 -3.69 38.87
CA MET A 633 2.01 -3.67 38.96
C MET A 633 1.42 -3.76 37.58
N VAL A 634 2.17 -3.34 36.57
CA VAL A 634 1.69 -3.40 35.21
C VAL A 634 1.51 -4.85 34.82
N LEU A 635 2.59 -5.62 34.99
CA LEU A 635 2.56 -7.04 34.73
C LEU A 635 1.53 -7.75 35.59
N LYS A 636 1.55 -7.48 36.90
CA LYS A 636 0.61 -8.13 37.81
C LYS A 636 -0.82 -7.83 37.41
N LEU A 637 -1.08 -6.61 36.99
CA LEU A 637 -2.44 -6.22 36.66
C LEU A 637 -2.91 -6.80 35.33
N THR A 638 -2.01 -6.95 34.37
CA THR A 638 -2.43 -7.57 33.12
C THR A 638 -2.70 -9.06 33.33
N LEU A 639 -1.82 -9.74 34.06
CA LEU A 639 -2.05 -11.15 34.36
C LEU A 639 -3.36 -11.35 35.08
N ARG A 640 -3.59 -10.53 36.10
CA ARG A 640 -4.83 -10.54 36.87
C ARG A 640 -6.03 -10.44 35.93
N CYS A 641 -5.91 -9.58 34.93
CA CYS A 641 -6.95 -9.39 33.95
C CYS A 641 -7.20 -10.70 33.19
N LEU A 642 -6.15 -11.22 32.56
CA LEU A 642 -6.26 -12.45 31.80
C LEU A 642 -6.88 -13.58 32.62
N VAL A 643 -6.37 -13.79 33.82
CA VAL A 643 -6.88 -14.89 34.63
C VAL A 643 -8.33 -14.64 35.00
N ARG A 644 -8.67 -13.38 35.25
CA ARG A 644 -10.06 -13.04 35.54
C ARG A 644 -10.98 -13.55 34.43
N MET A 645 -10.60 -13.31 33.17
CA MET A 645 -11.39 -13.78 32.04
C MET A 645 -11.44 -15.30 32.02
N GLY A 646 -10.39 -15.94 32.56
CA GLY A 646 -10.29 -17.38 32.57
C GLY A 646 -9.27 -17.93 31.59
N TYR A 647 -8.31 -17.10 31.19
CA TYR A 647 -7.28 -17.52 30.26
C TYR A 647 -6.15 -18.26 30.96
N GLN A 648 -5.53 -19.20 30.27
CA GLN A 648 -4.25 -19.70 30.70
C GLN A 648 -3.21 -18.69 30.23
N CYS A 649 -2.21 -18.40 31.06
CA CYS A 649 -1.26 -17.35 30.70
C CYS A 649 0.10 -17.46 31.39
N THR A 650 1.13 -16.98 30.71
CA THR A 650 2.46 -16.88 31.29
C THR A 650 3.17 -15.68 30.71
N PHE A 651 4.35 -15.38 31.25
CA PHE A 651 5.16 -14.29 30.76
C PHE A 651 6.62 -14.68 30.75
N GLY A 652 7.42 -13.98 29.97
CA GLY A 652 8.85 -14.22 29.96
C GLY A 652 9.56 -13.13 29.19
N VAL A 653 10.88 -13.10 29.35
CA VAL A 653 11.72 -12.18 28.61
C VAL A 653 12.58 -12.96 27.63
N LEU A 654 12.69 -12.44 26.42
CA LEU A 654 13.47 -13.09 25.38
C LEU A 654 14.50 -12.12 24.83
N GLN A 655 15.64 -12.65 24.41
CA GLN A 655 16.68 -11.82 23.83
C GLN A 655 16.77 -12.20 22.36
N ALA A 656 16.57 -11.23 21.48
CA ALA A 656 16.45 -11.51 20.05
C ALA A 656 17.71 -12.11 19.43
N GLY A 657 18.87 -11.71 19.92
CA GLY A 657 20.14 -12.19 19.40
C GLY A 657 20.17 -13.71 19.38
N GLN A 658 19.62 -14.29 20.44
CA GLN A 658 19.60 -15.73 20.61
C GLN A 658 18.75 -16.45 19.57
N TYR A 659 18.00 -15.70 18.77
CA TYR A 659 17.14 -16.34 17.77
C TYR A 659 17.52 -16.02 16.33
N GLY A 660 18.67 -15.40 16.15
CA GLY A 660 19.29 -15.34 14.83
C GLY A 660 19.44 -13.95 14.28
N VAL A 661 19.81 -13.01 15.15
CA VAL A 661 19.88 -11.61 14.77
C VAL A 661 21.03 -10.90 15.48
N ALA A 662 21.82 -10.15 14.72
CA ALA A 662 22.98 -9.46 15.29
C ALA A 662 22.61 -8.16 16.03
N GLN A 663 21.73 -8.28 17.01
CA GLN A 663 21.25 -7.13 17.77
C GLN A 663 20.83 -7.50 19.17
N THR A 664 21.18 -6.68 20.15
CA THR A 664 20.69 -6.86 21.51
C THR A 664 19.27 -6.34 21.56
N ARG A 665 18.36 -7.17 22.05
CA ARG A 665 16.95 -6.79 22.08
C ARG A 665 16.21 -7.74 23.01
N ARG A 666 15.91 -7.24 24.21
CA ARG A 666 15.16 -8.02 25.17
C ARG A 666 13.74 -7.50 25.15
N ARG A 667 12.79 -8.39 25.00
CA ARG A 667 11.39 -8.00 25.01
C ARG A 667 10.63 -8.84 26.02
N ALA A 668 9.66 -8.25 26.69
CA ALA A 668 8.77 -9.01 27.56
C ALA A 668 7.68 -9.61 26.70
N ILE A 669 7.16 -10.75 27.09
CA ILE A 669 6.17 -11.41 26.27
C ILE A 669 5.13 -12.04 27.17
N ILE A 670 3.86 -11.80 26.86
CA ILE A 670 2.78 -12.48 27.55
C ILE A 670 2.13 -13.43 26.59
N LEU A 671 1.94 -14.67 27.03
CA LEU A 671 1.20 -15.66 26.26
C LEU A 671 -0.10 -15.95 26.98
N ALA A 672 -1.15 -16.15 26.20
CA ALA A 672 -2.43 -16.51 26.78
C ALA A 672 -3.06 -17.55 25.88
N ALA A 673 -3.93 -18.38 26.43
CA ALA A 673 -4.58 -19.40 25.63
C ALA A 673 -5.97 -19.67 26.14
N ALA A 674 -6.91 -19.80 25.22
CA ALA A 674 -8.28 -20.06 25.58
C ALA A 674 -8.31 -21.30 26.45
N PRO A 675 -9.31 -21.39 27.32
CA PRO A 675 -9.46 -22.52 28.23
C PRO A 675 -9.22 -23.86 27.53
N GLY A 676 -9.81 -24.04 26.36
CA GLY A 676 -9.72 -25.32 25.67
C GLY A 676 -8.35 -25.65 25.08
N GLU A 677 -7.41 -24.73 25.17
CA GLU A 677 -6.14 -24.83 24.46
C GLU A 677 -5.01 -25.39 25.30
N LYS A 678 -3.83 -25.48 24.68
CA LYS A 678 -2.58 -25.69 25.40
C LYS A 678 -1.83 -24.37 25.43
N LEU A 679 -1.46 -23.91 26.62
CA LEU A 679 -0.58 -22.76 26.73
C LEU A 679 0.76 -23.10 26.08
N PRO A 680 1.19 -22.28 25.11
CA PRO A 680 2.51 -22.54 24.50
C PRO A 680 3.67 -22.37 25.47
N LEU A 681 4.84 -22.79 25.04
CA LEU A 681 6.05 -22.59 25.81
C LEU A 681 6.85 -21.47 25.15
N PHE A 682 7.96 -21.08 25.75
CA PHE A 682 8.82 -20.11 25.10
C PHE A 682 9.79 -20.83 24.20
N PRO A 683 10.35 -20.13 23.20
CA PRO A 683 11.24 -20.80 22.26
C PRO A 683 12.56 -21.11 22.92
N GLU A 684 13.29 -22.07 22.38
CA GLU A 684 14.61 -22.38 22.89
C GLU A 684 15.63 -21.66 22.01
N PRO A 685 16.56 -20.92 22.65
CA PRO A 685 17.59 -20.19 21.92
C PRO A 685 18.18 -21.03 20.78
N LEU A 686 18.43 -20.42 19.64
CA LEU A 686 19.04 -21.11 18.52
C LEU A 686 20.50 -20.73 18.37
N HIS A 687 20.84 -19.49 18.71
CA HIS A 687 22.20 -19.02 18.59
C HIS A 687 22.82 -18.67 19.94
N VAL A 688 24.12 -18.90 20.05
CA VAL A 688 24.84 -18.45 21.23
C VAL A 688 24.90 -16.95 21.18
N PHE A 689 24.80 -16.31 22.33
CA PHE A 689 24.82 -14.85 22.40
C PHE A 689 25.51 -14.36 23.67
N ALA A 690 26.11 -13.18 23.59
CA ALA A 690 26.84 -12.60 24.71
C ALA A 690 26.03 -12.67 26.01
N PRO A 691 26.65 -13.24 27.07
CA PRO A 691 25.99 -13.56 28.34
C PRO A 691 25.39 -12.35 29.02
N ARG A 692 25.98 -11.18 28.84
CA ARG A 692 25.47 -9.96 29.46
C ARG A 692 24.15 -9.52 28.83
N ALA A 693 24.01 -9.80 27.54
CA ALA A 693 22.80 -9.41 26.83
C ALA A 693 21.69 -10.38 27.14
N CYS A 694 21.95 -11.36 28.00
CA CYS A 694 20.99 -12.45 28.17
C CYS A 694 20.45 -12.67 29.58
N GLN A 695 20.21 -11.60 30.35
CA GLN A 695 19.58 -11.79 31.66
C GLN A 695 18.07 -11.89 31.50
N LEU A 696 17.56 -13.12 31.43
CA LEU A 696 16.17 -13.33 31.07
C LEU A 696 15.28 -13.54 32.29
N SER A 697 15.91 -13.68 33.46
CA SER A 697 15.14 -13.90 34.69
C SER A 697 14.58 -12.57 35.16
N VAL A 698 13.45 -12.62 35.84
CA VAL A 698 12.77 -11.41 36.30
C VAL A 698 12.29 -11.56 37.74
N VAL A 699 12.46 -10.50 38.51
CA VAL A 699 12.08 -10.51 39.91
C VAL A 699 10.81 -9.69 40.12
N VAL A 700 9.82 -10.30 40.78
CA VAL A 700 8.58 -9.64 41.12
C VAL A 700 8.27 -9.92 42.59
N ASP A 701 8.11 -8.87 43.40
CA ASP A 701 7.91 -9.06 44.83
C ASP A 701 8.97 -9.98 45.44
N ASP A 702 10.24 -9.69 45.17
CA ASP A 702 11.34 -10.48 45.71
C ASP A 702 11.23 -11.98 45.41
N LYS A 703 10.43 -12.32 44.40
CA LYS A 703 10.34 -13.71 43.93
C LYS A 703 10.97 -13.80 42.55
N LYS A 704 11.70 -14.88 42.30
CA LYS A 704 12.41 -15.03 41.05
C LYS A 704 11.64 -15.93 40.08
N PHE A 705 11.38 -15.40 38.89
CA PHE A 705 10.71 -16.20 37.87
C PHE A 705 11.60 -16.37 36.65
N VAL A 706 11.48 -17.52 36.00
CA VAL A 706 12.18 -17.78 34.75
C VAL A 706 11.24 -18.48 33.77
N SER A 707 11.63 -18.53 32.51
CA SER A 707 10.82 -19.24 31.53
C SER A 707 11.36 -20.66 31.36
N ASN A 708 10.55 -21.51 30.73
CA ASN A 708 10.90 -22.89 30.51
C ASN A 708 12.21 -23.07 29.76
N ILE A 709 12.76 -21.97 29.27
CA ILE A 709 14.01 -22.02 28.50
C ILE A 709 15.10 -22.77 29.25
N THR A 710 15.71 -23.73 28.55
CA THR A 710 16.69 -24.61 29.12
C THR A 710 18.10 -24.25 28.68
N ARG A 711 18.24 -23.84 27.42
CA ARG A 711 19.54 -23.42 26.90
C ARG A 711 19.98 -22.13 27.56
N LEU A 712 20.70 -22.25 28.67
CA LEU A 712 21.10 -21.07 29.41
C LEU A 712 22.28 -20.35 28.74
N SER A 713 23.30 -21.12 28.40
CA SER A 713 24.50 -20.55 27.79
C SER A 713 24.63 -20.96 26.32
N SER A 714 24.96 -22.22 26.07
CA SER A 714 25.26 -22.66 24.72
C SER A 714 24.02 -22.80 23.84
N GLY A 715 24.24 -23.16 22.58
CA GLY A 715 23.15 -23.35 21.63
C GLY A 715 23.62 -24.05 20.37
N PRO A 716 22.67 -24.43 19.50
CA PRO A 716 22.96 -25.12 18.25
C PRO A 716 23.85 -24.32 17.31
N PHE A 717 23.65 -23.01 17.20
CA PHE A 717 24.33 -22.21 16.19
C PHE A 717 25.25 -21.10 16.72
N ARG A 718 26.16 -20.64 15.88
CA ARG A 718 27.02 -19.52 16.23
C ARG A 718 26.23 -18.21 16.23
N THR A 719 26.73 -17.21 16.94
CA THR A 719 26.05 -15.93 16.97
C THR A 719 26.21 -15.22 15.64
N ILE A 720 25.15 -14.51 15.21
CA ILE A 720 25.18 -13.75 13.98
C ILE A 720 25.87 -12.40 14.19
N THR A 721 26.78 -12.05 13.27
CA THR A 721 27.54 -10.82 13.44
C THR A 721 27.16 -9.71 12.49
N VAL A 722 27.70 -8.53 12.77
CA VAL A 722 27.53 -7.37 11.91
C VAL A 722 28.09 -7.69 10.54
N ARG A 723 29.17 -8.46 10.50
CA ARG A 723 29.70 -8.94 9.22
C ARG A 723 28.65 -9.79 8.52
N ASP A 724 28.13 -10.78 9.23
CA ASP A 724 27.10 -11.65 8.68
C ASP A 724 25.88 -10.87 8.19
N THR A 725 25.68 -9.70 8.77
CA THR A 725 24.45 -8.93 8.58
C THR A 725 24.44 -8.11 7.28
N MET A 726 25.54 -7.43 7.00
CA MET A 726 25.53 -6.40 5.98
C MET A 726 26.87 -6.21 5.27
N SER A 727 27.57 -7.31 5.02
CA SER A 727 28.89 -7.20 4.39
C SER A 727 28.78 -7.14 2.87
N ASP A 728 27.67 -7.63 2.34
CA ASP A 728 27.47 -7.66 0.90
C ASP A 728 26.99 -6.33 0.30
N LEU A 729 26.75 -5.34 1.16
CA LEU A 729 26.17 -4.08 0.69
C LEU A 729 27.21 -3.15 0.06
N PRO A 730 26.85 -2.55 -1.08
CA PRO A 730 27.71 -1.57 -1.78
C PRO A 730 28.10 -0.44 -0.85
N GLU A 731 29.16 0.27 -1.15
CA GLU A 731 29.58 1.38 -0.31
C GLU A 731 28.79 2.63 -0.67
N ILE A 732 28.28 3.32 0.35
CA ILE A 732 27.53 4.55 0.12
C ILE A 732 28.10 5.68 0.97
N GLN A 733 27.79 6.91 0.58
CA GLN A 733 28.29 8.11 1.24
C GLN A 733 27.24 8.65 2.19
N ASN A 734 27.61 9.66 2.96
CA ASN A 734 26.67 10.33 3.84
C ASN A 734 25.55 11.00 3.06
N GLY A 735 24.30 10.60 3.33
CA GLY A 735 23.16 11.21 2.69
C GLY A 735 22.61 10.42 1.51
N ALA A 736 23.36 9.41 1.08
CA ALA A 736 22.95 8.57 -0.02
C ALA A 736 21.44 8.39 -0.07
N SER A 737 20.78 9.00 -1.05
CA SER A 737 19.33 8.95 -1.12
C SER A 737 18.78 7.97 -2.16
N ASN A 738 19.66 7.40 -2.98
CA ASN A 738 19.26 6.47 -4.03
C ASN A 738 18.53 5.24 -3.51
N SER A 739 17.19 5.25 -3.64
CA SER A 739 16.37 4.19 -3.06
C SER A 739 16.30 2.94 -3.90
N GLU A 740 17.06 2.93 -4.99
CA GLU A 740 17.25 1.74 -5.81
C GLU A 740 18.63 1.75 -6.45
N ILE A 741 19.43 0.77 -6.06
CA ILE A 741 20.77 0.58 -6.58
C ILE A 741 20.93 -0.91 -6.76
N PRO A 742 21.92 -1.35 -7.54
CA PRO A 742 22.06 -2.79 -7.72
C PRO A 742 22.85 -3.39 -6.56
N TYR A 743 22.64 -4.68 -6.30
CA TYR A 743 23.56 -5.42 -5.46
C TYR A 743 24.78 -5.68 -6.33
N ASN A 744 25.88 -4.99 -6.06
CA ASN A 744 27.08 -5.29 -6.81
C ASN A 744 27.84 -6.45 -6.17
N GLY A 745 27.30 -7.65 -6.34
CA GLY A 745 27.86 -8.85 -5.73
C GLY A 745 26.80 -9.82 -5.23
N GLU A 746 27.22 -11.04 -4.94
CA GLU A 746 26.33 -12.06 -4.41
C GLU A 746 26.36 -12.05 -2.87
N PRO A 747 25.44 -12.79 -2.24
CA PRO A 747 25.46 -12.93 -0.78
C PRO A 747 26.77 -13.55 -0.29
N LEU A 748 27.29 -13.04 0.82
CA LEU A 748 28.55 -13.53 1.36
C LEU A 748 28.36 -14.13 2.74
N SER A 749 27.13 -14.51 3.05
CA SER A 749 26.80 -14.96 4.39
C SER A 749 25.64 -15.91 4.31
N TRP A 750 25.53 -16.81 5.28
CA TRP A 750 24.36 -17.66 5.35
C TRP A 750 23.17 -16.74 5.59
N PHE A 751 23.37 -15.80 6.51
CA PHE A 751 22.34 -14.85 6.90
C PHE A 751 21.84 -14.09 5.69
N GLN A 752 22.75 -13.69 4.82
CA GLN A 752 22.40 -12.93 3.63
C GLN A 752 21.66 -13.80 2.63
N ARG A 753 22.16 -15.01 2.40
CA ARG A 753 21.46 -15.94 1.52
C ARG A 753 20.03 -16.20 1.99
N GLN A 754 19.81 -16.13 3.30
CA GLN A 754 18.48 -16.28 3.85
C GLN A 754 17.63 -15.05 3.56
N LEU A 755 18.20 -13.87 3.77
CA LEU A 755 17.48 -12.61 3.59
C LEU A 755 17.25 -12.20 2.13
N ARG A 756 18.15 -12.62 1.25
CA ARG A 756 18.01 -12.31 -0.18
C ARG A 756 17.33 -13.43 -0.95
N GLY A 757 16.98 -14.51 -0.25
CA GLY A 757 16.34 -15.66 -0.89
C GLY A 757 17.22 -16.29 -1.95
N SER A 758 16.64 -17.13 -2.80
CA SER A 758 17.39 -17.76 -3.89
C SER A 758 16.95 -17.27 -5.28
N HIS A 759 15.66 -16.97 -5.41
CA HIS A 759 15.15 -16.38 -6.65
C HIS A 759 15.92 -15.11 -6.99
N TYR A 760 16.32 -15.01 -8.26
CA TYR A 760 17.11 -13.88 -8.78
C TYR A 760 16.45 -12.54 -8.47
N GLN A 761 17.21 -11.66 -7.81
CA GLN A 761 16.76 -10.31 -7.49
C GLN A 761 17.96 -9.38 -7.49
N PRO A 762 18.09 -8.57 -8.55
CA PRO A 762 19.29 -7.74 -8.71
C PRO A 762 19.22 -6.37 -8.02
N ILE A 763 18.03 -5.97 -7.57
CA ILE A 763 17.79 -4.63 -7.04
C ILE A 763 17.86 -4.53 -5.51
N LEU A 764 18.63 -3.57 -5.02
CA LEU A 764 18.79 -3.34 -3.60
C LEU A 764 18.07 -2.06 -3.19
N ARG A 765 16.97 -2.21 -2.46
CA ARG A 765 16.13 -1.10 -2.05
C ARG A 765 16.44 -0.58 -0.66
N ASP A 766 16.22 0.72 -0.45
CA ASP A 766 16.38 1.37 0.85
C ASP A 766 17.79 1.32 1.46
N HIS A 767 18.82 1.34 0.61
CA HIS A 767 20.18 1.46 1.10
C HIS A 767 20.51 2.94 1.11
N ILE A 768 20.02 3.63 2.12
CA ILE A 768 20.07 5.08 2.19
C ILE A 768 20.26 5.56 3.63
N CYS A 769 21.17 6.51 3.84
CA CYS A 769 21.42 7.01 5.20
C CYS A 769 21.18 8.51 5.30
N LYS A 770 20.99 8.99 6.52
CA LYS A 770 20.65 10.38 6.75
C LYS A 770 21.79 11.31 6.32
N ASP A 771 21.45 12.50 5.86
CA ASP A 771 22.46 13.48 5.43
C ASP A 771 22.88 14.34 6.63
N MET A 772 24.00 13.98 7.23
CA MET A 772 24.43 14.63 8.46
C MET A 772 25.10 15.96 8.19
N SER A 773 24.90 16.90 9.12
CA SER A 773 25.56 18.21 9.06
C SER A 773 27.01 18.04 8.62
N PRO A 774 27.54 19.03 7.87
CA PRO A 774 28.95 18.99 7.46
C PRO A 774 29.88 18.81 8.67
N LEU A 775 29.52 19.41 9.80
CA LEU A 775 30.30 19.28 11.01
C LEU A 775 30.28 17.84 11.48
N VAL A 776 29.07 17.30 11.62
CA VAL A 776 28.88 15.93 12.04
C VAL A 776 29.51 14.92 11.07
N ALA A 777 29.52 15.27 9.79
CA ALA A 777 30.13 14.41 8.80
C ALA A 777 31.64 14.37 9.02
N ALA A 778 32.20 15.53 9.32
CA ALA A 778 33.63 15.63 9.59
C ALA A 778 34.02 14.74 10.77
N ARG A 779 33.27 14.86 11.86
CA ARG A 779 33.49 14.03 13.03
C ARG A 779 33.54 12.56 12.67
N MET A 780 32.49 12.07 12.02
CA MET A 780 32.44 10.68 11.65
C MET A 780 33.66 10.27 10.85
N ARG A 781 34.22 11.20 10.11
CA ARG A 781 35.39 10.90 9.31
C ARG A 781 36.61 10.65 10.19
N HIS A 782 36.61 11.25 11.37
CA HIS A 782 37.77 11.25 12.25
C HIS A 782 37.68 10.27 13.43
N ILE A 783 36.67 9.40 13.39
CA ILE A 783 36.63 8.31 14.34
C ILE A 783 37.42 7.13 13.75
N PRO A 784 38.38 6.60 14.51
CA PRO A 784 39.21 5.46 14.06
C PRO A 784 38.34 4.28 13.63
N LEU A 785 38.96 3.25 13.03
CA LEU A 785 38.22 2.11 12.52
C LEU A 785 38.21 0.90 13.46
N PHE A 786 39.17 0.85 14.36
CA PHE A 786 39.32 -0.26 15.30
C PHE A 786 38.12 -0.39 16.22
N PRO A 787 37.81 -1.63 16.63
CA PRO A 787 36.73 -1.90 17.59
C PRO A 787 36.91 -1.13 18.90
N GLY A 788 35.88 -0.41 19.30
CA GLY A 788 35.92 0.37 20.52
C GLY A 788 35.94 1.87 20.26
N SER A 789 35.99 2.24 18.98
CA SER A 789 36.04 3.65 18.60
C SER A 789 34.76 4.38 18.96
N ASP A 790 34.91 5.56 19.55
CA ASP A 790 33.81 6.50 19.66
C ASP A 790 34.35 7.90 19.90
N TRP A 791 33.49 8.82 20.31
CA TRP A 791 33.87 10.23 20.39
C TRP A 791 35.14 10.46 21.20
N ARG A 792 35.41 9.58 22.14
CA ARG A 792 36.55 9.77 23.02
C ARG A 792 37.87 9.65 22.27
N ASP A 793 37.78 9.11 21.05
CA ASP A 793 38.95 8.89 20.19
C ASP A 793 39.17 10.03 19.21
N LEU A 794 38.41 11.12 19.36
CA LEU A 794 38.45 12.22 18.41
C LEU A 794 39.66 13.11 18.62
N PRO A 795 40.23 13.61 17.52
CA PRO A 795 41.36 14.55 17.51
C PRO A 795 40.88 15.93 17.93
N ASN A 796 41.64 16.63 18.77
CA ASN A 796 41.33 18.01 19.05
C ASN A 796 42.08 18.89 18.07
N ILE A 797 41.61 18.91 16.84
CA ILE A 797 42.21 19.71 15.79
C ILE A 797 41.21 20.63 15.15
N GLN A 798 41.73 21.49 14.28
CA GLN A 798 40.94 22.48 13.56
C GLN A 798 40.71 21.93 12.16
N VAL A 799 39.47 21.96 11.70
CA VAL A 799 39.14 21.35 10.41
C VAL A 799 38.35 22.28 9.51
N ARG A 800 38.88 22.51 8.32
CA ARG A 800 38.13 23.19 7.26
C ARG A 800 37.14 22.21 6.68
N LEU A 801 35.84 22.43 6.93
CA LEU A 801 34.81 21.52 6.47
C LEU A 801 34.51 21.77 5.00
N GLY A 802 33.77 20.85 4.39
CA GLY A 802 33.24 21.07 3.05
C GLY A 802 32.01 21.96 3.16
N ASP A 803 32.10 22.98 4.02
CA ASP A 803 30.98 23.87 4.32
C ASP A 803 31.47 25.30 4.19
N GLY A 804 32.79 25.47 4.30
CA GLY A 804 33.39 26.79 4.35
C GLY A 804 33.63 27.21 5.79
N VAL A 805 32.68 26.85 6.66
CA VAL A 805 32.82 27.09 8.09
C VAL A 805 33.97 26.26 8.64
N ILE A 806 34.58 26.71 9.73
CA ILE A 806 35.70 26.02 10.33
C ILE A 806 35.39 25.54 11.74
N ALA A 807 35.58 24.24 11.95
CA ALA A 807 35.43 23.62 13.26
C ALA A 807 36.73 23.77 14.05
N HIS A 808 36.63 24.37 15.23
CA HIS A 808 37.81 24.76 15.98
C HIS A 808 38.27 23.70 16.99
N LYS A 809 39.39 23.99 17.65
CA LYS A 809 39.82 23.21 18.80
C LYS A 809 38.93 23.54 19.98
N LEU A 810 38.66 22.54 20.81
CA LEU A 810 37.98 22.79 22.06
C LEU A 810 39.04 23.28 23.03
N GLN A 811 38.66 24.15 23.95
CA GLN A 811 39.63 24.67 24.92
C GLN A 811 39.31 24.35 26.37
N TYR A 812 40.30 23.80 27.07
CA TYR A 812 40.15 23.43 28.47
C TYR A 812 40.66 24.52 29.40
N THR A 813 39.74 25.27 29.98
CA THR A 813 40.08 26.46 30.75
C THR A 813 39.68 26.36 32.22
N PHE A 814 39.30 25.16 32.64
CA PHE A 814 38.92 24.92 34.02
C PHE A 814 39.47 23.60 34.50
N HIS A 815 39.68 23.49 35.80
CA HIS A 815 40.24 22.27 36.34
C HIS A 815 39.14 21.31 36.79
N ASP A 816 39.29 20.05 36.41
CA ASP A 816 38.31 19.05 36.76
C ASP A 816 38.75 18.29 38.01
N VAL A 817 38.21 18.68 39.15
CA VAL A 817 38.61 18.08 40.42
C VAL A 817 38.55 16.56 40.45
N LYS A 818 37.55 15.98 39.79
CA LYS A 818 37.41 14.52 39.80
C LYS A 818 38.40 13.86 38.85
N ASN A 819 38.68 14.50 37.73
CA ASN A 819 39.43 13.84 36.67
C ASN A 819 40.90 14.24 36.62
N GLY A 820 41.26 15.27 37.36
CA GLY A 820 42.65 15.64 37.53
C GLY A 820 43.31 16.33 36.34
N TYR A 821 44.53 15.89 36.02
CA TYR A 821 45.31 16.53 34.97
C TYR A 821 45.66 15.56 33.84
N SER A 822 46.11 16.13 32.73
CA SER A 822 46.65 15.35 31.63
C SER A 822 47.89 14.62 32.15
N SER A 823 48.52 13.83 31.29
CA SER A 823 49.79 13.22 31.63
C SER A 823 50.89 14.28 31.58
N THR A 824 50.54 15.48 31.11
CA THR A 824 51.47 16.59 30.96
C THR A 824 50.98 17.81 31.74
N GLY A 825 50.01 17.60 32.62
CA GLY A 825 49.55 18.67 33.49
C GLY A 825 48.62 19.66 32.83
N ALA A 826 47.84 19.17 31.86
CA ALA A 826 46.87 20.00 31.16
C ALA A 826 45.50 19.92 31.81
N LEU A 827 44.72 21.00 31.73
CA LEU A 827 43.37 21.01 32.26
C LEU A 827 42.42 20.13 31.46
N ARG A 828 41.36 19.66 32.10
CA ARG A 828 40.43 18.72 31.48
C ARG A 828 38.97 19.11 31.65
N GLY A 829 38.74 20.31 32.18
CA GLY A 829 37.39 20.80 32.42
C GLY A 829 37.03 21.94 31.49
N VAL A 830 35.78 21.95 31.04
CA VAL A 830 35.36 22.93 30.03
C VAL A 830 34.31 23.91 30.56
N CYS A 831 33.95 23.77 31.84
CA CYS A 831 33.02 24.68 32.49
C CYS A 831 33.38 24.94 33.95
N SER A 832 32.84 26.03 34.50
CA SER A 832 33.03 26.36 35.91
C SER A 832 32.52 25.23 36.80
N CYS A 833 31.65 24.40 36.25
CA CYS A 833 31.05 23.31 37.02
C CYS A 833 32.00 22.14 37.20
N ALA A 834 33.12 22.15 36.48
CA ALA A 834 34.13 21.11 36.61
C ALA A 834 35.00 21.39 37.83
N GLU A 835 34.95 22.63 38.30
CA GLU A 835 35.69 23.06 39.47
C GLU A 835 34.77 23.05 40.68
N GLY A 836 33.59 22.47 40.51
CA GLY A 836 32.62 22.42 41.58
C GLY A 836 31.74 23.65 41.63
N LYS A 837 32.17 24.72 40.99
CA LYS A 837 31.40 25.96 40.96
C LYS A 837 30.20 25.88 40.01
N ALA A 838 29.44 26.97 39.95
CA ALA A 838 28.23 27.00 39.14
C ALA A 838 28.52 27.20 37.66
N CYS A 839 27.73 26.54 36.82
CA CYS A 839 27.83 26.66 35.38
C CYS A 839 27.82 28.10 34.93
N ASP A 840 28.80 28.48 34.12
CA ASP A 840 28.80 29.77 33.45
C ASP A 840 28.32 29.55 32.01
N PRO A 841 27.20 30.21 31.63
CA PRO A 841 26.62 29.95 30.32
C PRO A 841 27.51 30.43 29.19
N GLU A 842 28.32 31.46 29.46
CA GLU A 842 29.23 31.99 28.45
C GLU A 842 30.36 31.01 28.16
N SER A 843 30.49 29.99 29.01
CA SER A 843 31.57 29.00 28.89
C SER A 843 31.34 28.00 27.76
N ARG A 844 30.12 27.98 27.22
CA ARG A 844 29.77 27.02 26.18
C ARG A 844 30.59 27.32 24.92
N GLN A 845 30.95 26.27 24.19
CA GLN A 845 31.73 26.40 22.95
C GLN A 845 31.00 25.78 21.75
N PHE A 846 31.05 26.44 20.60
CA PHE A 846 30.32 25.98 19.42
C PHE A 846 31.22 25.52 18.27
N SER A 847 30.63 24.75 17.36
CA SER A 847 31.33 24.26 16.17
C SER A 847 32.74 23.80 16.51
N THR A 848 32.83 22.79 17.37
CA THR A 848 34.11 22.23 17.77
C THR A 848 34.12 20.75 17.44
N LEU A 849 35.26 20.24 16.98
CA LEU A 849 35.29 18.85 16.53
C LEU A 849 34.85 17.92 17.65
N ILE A 850 35.41 18.11 18.84
CA ILE A 850 34.94 17.41 20.03
C ILE A 850 33.75 18.19 20.60
N PRO A 851 32.57 17.58 20.62
CA PRO A 851 31.40 18.32 21.09
C PRO A 851 31.55 18.81 22.53
N TRP A 852 31.69 20.12 22.72
CA TRP A 852 31.85 20.70 24.04
C TRP A 852 30.94 20.08 25.09
N CYS A 853 29.70 19.82 24.73
CA CYS A 853 28.74 19.31 25.70
C CYS A 853 29.10 17.94 26.27
N LEU A 854 29.81 17.11 25.50
CA LEU A 854 30.13 15.77 25.96
C LEU A 854 31.05 15.73 27.21
N PRO A 855 32.25 16.32 27.11
CA PRO A 855 33.09 16.30 28.30
C PRO A 855 32.42 17.09 29.40
N HIS A 856 31.48 17.95 29.01
CA HIS A 856 30.81 18.84 29.94
C HIS A 856 29.92 18.11 30.94
N THR A 857 29.37 16.97 30.54
CA THR A 857 28.48 16.19 31.40
C THR A 857 28.95 14.74 31.55
N GLY A 858 30.01 14.39 30.83
CA GLY A 858 30.51 13.03 30.78
C GLY A 858 30.66 12.35 32.12
N ASN A 859 31.11 13.10 33.11
CA ASN A 859 31.33 12.55 34.44
C ASN A 859 30.06 12.01 35.10
N ARG A 860 28.96 12.74 34.99
CA ARG A 860 27.71 12.29 35.59
C ARG A 860 26.91 11.37 34.67
N HIS A 861 27.49 11.00 33.54
CA HIS A 861 26.79 10.14 32.59
C HIS A 861 27.70 9.09 31.95
N ASN A 862 28.68 8.60 32.69
CA ASN A 862 29.45 7.44 32.23
C ASN A 862 30.33 7.73 31.01
N HIS A 863 30.65 9.00 30.80
CA HIS A 863 31.54 9.39 29.70
C HIS A 863 30.91 9.06 28.35
N TRP A 864 29.58 9.07 28.30
CA TRP A 864 28.84 8.81 27.07
C TRP A 864 29.50 7.76 26.18
N ALA A 865 29.86 6.63 26.78
CA ALA A 865 30.37 5.51 26.02
C ALA A 865 29.42 5.23 24.87
N GLY A 866 29.96 5.09 23.67
CA GLY A 866 29.16 4.67 22.53
C GLY A 866 28.86 5.78 21.54
N LEU A 867 28.62 6.98 22.05
CA LEU A 867 28.34 8.12 21.17
C LEU A 867 29.43 8.28 20.12
N TYR A 868 29.02 8.64 18.91
CA TYR A 868 29.90 8.66 17.73
C TYR A 868 30.69 7.36 17.59
N GLY A 869 30.14 6.28 18.13
CA GLY A 869 30.80 5.00 18.13
C GLY A 869 30.53 4.21 16.87
N ARG A 870 31.47 3.33 16.53
CA ARG A 870 31.29 2.47 15.37
C ARG A 870 30.95 1.05 15.80
N LEU A 871 30.12 0.38 15.00
CA LEU A 871 29.88 -1.03 15.18
C LEU A 871 31.12 -1.75 14.73
N GLU A 872 31.28 -3.00 15.16
CA GLU A 872 32.43 -3.78 14.73
C GLU A 872 32.01 -5.06 14.03
N TRP A 873 32.81 -5.46 13.06
CA TRP A 873 32.44 -6.58 12.20
C TRP A 873 32.10 -7.85 12.97
N ASP A 874 32.68 -8.02 14.15
CA ASP A 874 32.50 -9.26 14.91
C ASP A 874 31.51 -9.11 16.05
N GLY A 875 30.97 -7.90 16.22
CA GLY A 875 30.10 -7.62 17.34
C GLY A 875 28.64 -7.69 16.96
N PHE A 876 27.84 -6.78 17.52
CA PHE A 876 26.43 -6.74 17.20
C PHE A 876 25.85 -5.35 17.39
N PHE A 877 24.72 -5.09 16.76
CA PHE A 877 24.00 -3.85 16.96
C PHE A 877 23.50 -3.77 18.38
N SER A 878 23.69 -2.63 19.02
CA SER A 878 22.94 -2.33 20.22
C SER A 878 21.52 -2.13 19.72
N THR A 879 20.53 -2.28 20.59
CA THR A 879 19.13 -2.24 20.14
C THR A 879 18.91 -1.30 18.96
N THR A 880 18.45 -1.85 17.83
CA THR A 880 18.16 -1.04 16.64
C THR A 880 17.28 0.12 17.05
N VAL A 881 17.61 1.30 16.53
CA VAL A 881 16.97 2.50 17.00
C VAL A 881 16.06 3.00 15.89
N THR A 882 15.16 3.92 16.26
CA THR A 882 14.17 4.45 15.33
C THR A 882 14.68 5.65 14.53
N ASN A 883 15.77 6.25 15.00
CA ASN A 883 16.41 7.38 14.31
C ASN A 883 17.88 7.50 14.71
N PRO A 884 18.78 7.16 13.81
CA PRO A 884 20.22 7.08 14.11
C PRO A 884 20.90 8.42 14.38
N GLU A 885 21.15 8.73 15.64
CA GLU A 885 21.90 9.92 16.00
C GLU A 885 23.19 9.56 16.70
N PRO A 886 24.33 10.01 16.16
CA PRO A 886 25.63 9.74 16.77
C PRO A 886 25.65 10.24 18.20
N MET A 887 24.73 11.13 18.56
CA MET A 887 24.75 11.75 19.87
C MET A 887 23.46 11.54 20.64
N GLY A 888 22.66 10.59 20.20
CA GLY A 888 21.50 10.16 20.97
C GLY A 888 22.02 9.25 22.07
N LYS A 889 21.13 8.68 22.88
CA LYS A 889 21.58 7.85 23.99
C LYS A 889 22.10 6.51 23.51
N GLN A 890 21.35 5.85 22.63
CA GLN A 890 21.77 4.58 22.05
C GLN A 890 22.67 4.81 20.83
N GLY A 891 23.54 5.81 20.93
CA GLY A 891 24.25 6.34 19.78
C GLY A 891 25.44 5.62 19.18
N ARG A 892 25.56 4.30 19.34
CA ARG A 892 26.61 3.56 18.62
C ARG A 892 26.11 3.09 17.25
N VAL A 893 26.23 3.97 16.25
CA VAL A 893 25.52 3.79 14.98
C VAL A 893 26.31 4.12 13.72
N LEU A 894 27.63 4.23 13.82
CA LEU A 894 28.44 4.49 12.65
C LEU A 894 28.82 3.18 11.98
N HIS A 895 28.91 3.20 10.65
CA HIS A 895 29.32 2.00 9.95
C HIS A 895 30.72 1.62 10.43
N PRO A 896 31.04 0.32 10.42
CA PRO A 896 32.36 -0.17 10.84
C PRO A 896 33.52 0.48 10.10
N GLU A 897 33.34 0.78 8.81
CA GLU A 897 34.41 1.32 7.98
C GLU A 897 34.08 2.65 7.31
N GLN A 898 32.91 2.71 6.67
CA GLN A 898 32.47 3.91 5.98
C GLN A 898 32.14 5.03 6.94
N HIS A 899 32.28 6.27 6.49
CA HIS A 899 32.14 7.43 7.39
C HIS A 899 30.73 7.96 7.45
N ARG A 900 29.85 7.23 8.12
CA ARG A 900 28.44 7.55 8.07
C ARG A 900 27.64 6.77 9.09
N VAL A 901 26.36 7.12 9.19
CA VAL A 901 25.42 6.38 10.01
C VAL A 901 24.89 5.19 9.21
N VAL A 902 24.18 4.28 9.86
CA VAL A 902 23.74 3.06 9.18
C VAL A 902 22.53 3.33 8.30
N SER A 903 22.50 2.67 7.15
CA SER A 903 21.42 2.82 6.19
C SER A 903 20.16 2.11 6.68
N VAL A 904 19.03 2.48 6.11
CA VAL A 904 17.75 1.88 6.48
C VAL A 904 17.77 0.37 6.30
N ARG A 905 18.42 -0.11 5.24
CA ARG A 905 18.55 -1.53 5.00
C ARG A 905 19.39 -2.21 6.08
N GLU A 906 20.53 -1.62 6.39
CA GLU A 906 21.39 -2.17 7.40
C GLU A 906 20.60 -2.35 8.69
N CYS A 907 19.68 -1.45 8.97
CA CYS A 907 18.84 -1.60 10.14
C CYS A 907 17.82 -2.71 9.95
N ALA A 908 17.12 -2.68 8.81
CA ALA A 908 16.18 -3.74 8.50
C ALA A 908 16.88 -5.09 8.63
N ARG A 909 18.18 -5.08 8.32
CA ARG A 909 19.01 -6.29 8.33
C ARG A 909 19.41 -6.69 9.72
N SER A 910 19.54 -5.71 10.62
CA SER A 910 19.92 -5.98 11.99
C SER A 910 18.73 -6.56 12.72
N GLN A 911 17.54 -6.14 12.32
CA GLN A 911 16.31 -6.84 12.69
C GLN A 911 16.27 -8.05 11.77
N GLY A 912 15.11 -8.69 11.64
CA GLY A 912 15.09 -9.86 10.77
C GLY A 912 14.46 -9.77 9.37
N PHE A 913 14.30 -8.56 8.84
CA PHE A 913 13.50 -8.37 7.62
C PHE A 913 14.12 -8.93 6.34
N PRO A 914 13.37 -9.81 5.65
CA PRO A 914 13.76 -10.25 4.32
C PRO A 914 13.93 -9.03 3.44
N ASP A 915 14.96 -8.99 2.61
CA ASP A 915 15.16 -7.82 1.77
C ASP A 915 13.92 -7.51 0.92
N SER A 916 13.06 -8.51 0.76
CA SER A 916 11.83 -8.36 -0.01
C SER A 916 10.88 -7.42 0.69
N TYR A 917 10.98 -7.35 2.01
CA TYR A 917 10.04 -6.58 2.82
C TYR A 917 10.12 -5.11 2.50
N ARG A 918 8.96 -4.50 2.28
CA ARG A 918 8.85 -3.12 1.81
C ARG A 918 8.49 -2.18 2.94
N PHE A 919 9.11 -1.01 2.96
CA PHE A 919 8.76 0.02 3.92
C PHE A 919 8.14 1.23 3.21
N PHE A 920 7.75 2.24 3.96
CA PHE A 920 7.03 3.35 3.35
C PHE A 920 7.21 4.67 4.07
N GLY A 921 7.64 5.69 3.32
CA GLY A 921 7.78 7.02 3.87
C GLY A 921 9.14 7.60 3.58
N ASN A 922 9.36 8.82 4.08
CA ASN A 922 10.67 9.44 3.97
C ASN A 922 11.68 8.60 4.75
N ILE A 923 12.95 8.91 4.60
CA ILE A 923 13.97 8.10 5.24
C ILE A 923 13.71 7.97 6.74
N LEU A 924 13.19 9.02 7.36
CA LEU A 924 12.88 8.96 8.79
C LEU A 924 11.75 7.98 9.09
N ASP A 925 10.63 8.13 8.39
CA ASP A 925 9.50 7.21 8.57
C ASP A 925 9.98 5.76 8.55
N ARG A 926 10.81 5.44 7.56
CA ARG A 926 11.29 4.08 7.38
C ARG A 926 12.11 3.60 8.57
N HIS A 927 13.09 4.39 8.98
CA HIS A 927 13.90 4.01 10.14
C HIS A 927 13.01 3.69 11.32
N ARG A 928 12.08 4.58 11.62
CA ARG A 928 11.19 4.38 12.75
C ARG A 928 10.40 3.07 12.66
N GLN A 929 9.91 2.76 11.47
CA GLN A 929 9.18 1.52 11.26
C GLN A 929 10.04 0.30 11.55
N VAL A 930 11.25 0.31 11.02
CA VAL A 930 12.16 -0.79 11.23
C VAL A 930 12.45 -0.96 12.73
N GLY A 931 12.98 0.08 13.35
CA GLY A 931 13.32 0.05 14.76
C GLY A 931 12.21 -0.35 15.71
N ASN A 932 10.96 -0.10 15.34
CA ASN A 932 9.81 -0.36 16.19
C ASN A 932 9.37 -1.80 16.17
N ALA A 933 9.78 -2.50 15.12
CA ALA A 933 9.14 -3.77 14.79
C ALA A 933 9.76 -4.94 15.52
N VAL A 934 8.95 -5.97 15.78
CA VAL A 934 9.48 -7.20 16.34
C VAL A 934 10.29 -7.89 15.27
N PRO A 935 11.54 -8.24 15.59
CA PRO A 935 12.40 -8.95 14.64
C PRO A 935 11.72 -10.23 14.17
N PRO A 936 11.49 -10.36 12.85
CA PRO A 936 10.80 -11.55 12.37
C PRO A 936 11.35 -12.88 12.93
N PRO A 937 12.69 -13.04 12.97
CA PRO A 937 13.28 -14.26 13.55
C PRO A 937 12.72 -14.60 14.92
N LEU A 938 12.53 -13.59 15.77
CA LEU A 938 11.93 -13.76 17.08
C LEU A 938 10.45 -14.09 16.98
N ALA A 939 9.75 -13.38 16.10
CA ALA A 939 8.32 -13.57 15.97
C ALA A 939 8.08 -14.95 15.41
N LYS A 940 9.00 -15.40 14.56
CA LYS A 940 8.91 -16.73 13.98
C LYS A 940 9.10 -17.79 15.04
N ALA A 941 10.15 -17.63 15.85
CA ALA A 941 10.45 -18.56 16.93
C ALA A 941 9.23 -18.75 17.82
N ILE A 942 8.59 -17.65 18.20
CA ILE A 942 7.38 -17.80 18.99
C ILE A 942 6.31 -18.50 18.15
N GLY A 943 6.13 -18.02 16.92
CA GLY A 943 5.13 -18.59 16.03
C GLY A 943 5.18 -20.10 16.04
N LEU A 944 6.37 -20.67 15.91
CA LEU A 944 6.54 -22.11 15.87
C LEU A 944 6.13 -22.78 17.18
N GLU A 945 6.33 -22.08 18.29
CA GLU A 945 5.91 -22.62 19.57
C GLU A 945 4.40 -22.74 19.62
N ILE A 946 3.71 -21.84 18.93
CA ILE A 946 2.26 -21.86 18.93
C ILE A 946 1.74 -22.95 18.01
N LYS A 947 2.44 -23.14 16.88
CA LYS A 947 2.16 -24.22 15.97
C LYS A 947 2.03 -25.56 16.69
N LEU A 948 2.89 -25.77 17.70
CA LEU A 948 2.88 -27.03 18.43
C LEU A 948 1.61 -27.21 19.27
N CYS A 949 0.85 -26.14 19.43
CA CYS A 949 -0.35 -26.22 20.24
C CYS A 949 -1.60 -26.40 19.39
N LEU A 950 -1.41 -26.40 18.07
CA LEU A 950 -2.52 -26.64 17.16
C LEU A 950 -2.44 -28.07 16.64
N LEU A 951 -1.22 -28.58 16.64
CA LEU A 951 -0.94 -29.94 16.20
C LEU A 951 -1.08 -30.90 17.39
N SER A 952 -1.49 -30.32 18.53
CA SER A 952 -1.76 -31.06 19.76
C SER A 952 -2.47 -32.39 19.48
N ALA F 2 5.93 -10.80 -13.84
CA ALA F 2 4.78 -11.44 -14.45
C ALA F 2 4.53 -10.92 -15.87
N MET F 3 5.42 -10.05 -16.34
CA MET F 3 5.32 -9.44 -17.66
C MET F 3 6.63 -8.74 -18.01
N LYS F 4 7.29 -9.21 -19.06
CA LYS F 4 8.61 -8.68 -19.45
C LYS F 4 8.58 -7.25 -19.97
N ARG F 5 9.60 -6.47 -19.65
CA ARG F 5 9.69 -5.09 -20.09
C ARG F 5 10.80 -4.92 -21.13
N ARG F 6 10.55 -4.08 -22.13
CA ARG F 6 11.51 -3.91 -23.22
C ARG F 6 12.27 -2.58 -23.15
N ARG F 7 13.25 -2.43 -24.04
CA ARG F 7 14.00 -1.19 -24.13
C ARG F 7 13.16 -0.15 -24.84
N CYS F 8 13.35 1.12 -24.48
CA CYS F 8 12.67 2.20 -25.17
C CYS F 8 13.32 2.38 -26.53
N GLY F 9 12.70 3.17 -27.40
CA GLY F 9 13.30 3.46 -28.69
C GLY F 9 14.16 4.69 -28.63
N VAL F 10 13.59 5.75 -28.06
CA VAL F 10 14.13 7.10 -28.10
C VAL F 10 15.54 7.31 -27.51
N CYS F 11 15.80 6.67 -26.37
CA CYS F 11 16.99 6.97 -25.58
C CYS F 11 18.31 6.89 -26.37
N GLU F 12 19.39 7.37 -25.75
CA GLU F 12 20.68 7.52 -26.42
C GLU F 12 21.48 6.24 -26.47
N VAL F 13 21.39 5.44 -25.40
CA VAL F 13 22.14 4.19 -25.35
C VAL F 13 21.53 3.16 -26.30
N CYS F 14 20.22 3.28 -26.51
CA CYS F 14 19.52 2.47 -27.50
C CYS F 14 20.09 2.73 -28.88
N GLN F 15 20.50 3.98 -29.12
CA GLN F 15 20.91 4.40 -30.46
C GLN F 15 22.34 3.98 -30.81
N GLN F 16 23.25 4.14 -29.87
CA GLN F 16 24.64 3.70 -30.03
C GLN F 16 24.69 2.29 -30.62
N PRO F 17 25.20 2.14 -31.86
CA PRO F 17 25.33 0.82 -32.50
C PRO F 17 26.35 -0.01 -31.76
N GLU F 18 26.25 -1.33 -31.83
CA GLU F 18 27.16 -2.18 -31.07
C GLU F 18 28.57 -2.20 -31.66
N CYS F 19 29.56 -2.10 -30.78
CA CYS F 19 30.97 -2.10 -31.15
C CYS F 19 31.38 -3.31 -31.99
N GLY F 20 31.30 -4.48 -31.37
CA GLY F 20 31.81 -5.69 -31.98
C GLY F 20 32.99 -6.20 -31.16
N LYS F 21 33.21 -5.57 -30.02
CA LYS F 21 34.29 -5.99 -29.12
C LYS F 21 33.74 -6.61 -27.83
N CYS F 22 32.45 -6.43 -27.58
CA CYS F 22 31.82 -6.92 -26.35
C CYS F 22 31.97 -8.42 -26.14
N LYS F 23 32.14 -8.84 -24.89
CA LYS F 23 32.04 -10.25 -24.55
C LYS F 23 30.72 -10.74 -25.12
N ALA F 24 29.75 -9.83 -25.14
CA ALA F 24 28.42 -10.09 -25.67
C ALA F 24 28.39 -10.05 -27.19
N CYS F 25 29.09 -9.07 -27.78
CA CYS F 25 29.13 -8.91 -29.23
C CYS F 25 29.82 -10.07 -29.92
N LYS F 26 30.88 -10.59 -29.30
CA LYS F 26 31.59 -11.72 -29.86
C LYS F 26 30.64 -12.87 -30.15
N ASP F 27 29.74 -13.13 -29.21
CA ASP F 27 28.89 -14.32 -29.29
C ASP F 27 27.74 -14.21 -30.32
N MET F 28 27.53 -13.04 -30.90
CA MET F 28 26.46 -12.88 -31.88
C MET F 28 26.80 -13.54 -33.22
N VAL F 29 25.83 -14.22 -33.80
CA VAL F 29 26.02 -14.84 -35.11
C VAL F 29 26.49 -13.80 -36.13
N LYS F 30 26.16 -12.54 -35.85
CA LYS F 30 26.53 -11.41 -36.71
C LYS F 30 28.04 -11.22 -36.72
N PHE F 31 28.66 -11.40 -35.56
CA PHE F 31 30.10 -11.27 -35.43
C PHE F 31 30.75 -12.65 -35.42
N GLY F 32 29.97 -13.65 -35.82
CA GLY F 32 30.49 -15.01 -35.93
C GLY F 32 30.02 -15.96 -34.84
N GLY F 33 29.80 -15.43 -33.64
CA GLY F 33 29.44 -16.25 -32.49
C GLY F 33 28.29 -17.22 -32.71
N THR F 34 28.21 -18.24 -31.85
CA THR F 34 27.19 -19.28 -31.95
C THR F 34 25.79 -18.82 -31.53
N GLY F 35 25.73 -17.81 -30.68
CA GLY F 35 24.47 -17.18 -30.28
C GLY F 35 23.80 -17.76 -29.05
N ARG F 36 24.60 -18.30 -28.14
CA ARG F 36 24.06 -18.96 -26.97
C ARG F 36 23.99 -18.05 -25.74
N SER F 37 24.72 -16.95 -25.79
CA SER F 37 24.72 -15.97 -24.70
C SER F 37 23.41 -15.19 -24.67
N LYS F 38 22.88 -14.89 -25.85
CA LYS F 38 21.59 -14.21 -25.97
C LYS F 38 21.46 -12.94 -25.13
N GLN F 39 22.51 -12.12 -25.13
CA GLN F 39 22.48 -10.83 -24.45
C GLN F 39 22.76 -9.72 -25.48
N ALA F 40 22.54 -8.47 -25.09
CA ALA F 40 22.79 -7.36 -26.02
C ALA F 40 24.18 -6.75 -25.82
N CYS F 41 24.47 -5.70 -26.56
CA CYS F 41 25.74 -4.99 -26.44
C CYS F 41 25.80 -4.24 -25.11
N LEU F 42 26.93 -4.35 -24.41
CA LEU F 42 27.11 -3.65 -23.14
C LEU F 42 26.91 -2.14 -23.29
N LYS F 43 27.20 -1.62 -24.48
CA LYS F 43 27.03 -0.20 -24.79
C LYS F 43 25.60 0.10 -25.24
N ARG F 44 24.77 -0.94 -25.22
CA ARG F 44 23.36 -0.81 -25.59
C ARG F 44 22.49 -1.33 -24.46
N ARG F 45 22.87 -1.01 -23.23
CA ARG F 45 22.05 -1.38 -22.08
C ARG F 45 21.14 -0.24 -21.69
N CYS F 46 19.92 -0.28 -22.19
CA CYS F 46 18.95 0.78 -21.98
C CYS F 46 18.53 0.91 -20.52
N PRO F 47 18.90 2.04 -19.88
CA PRO F 47 18.43 2.35 -18.53
C PRO F 47 16.92 2.55 -18.52
N ASN F 48 16.43 3.26 -19.52
CA ASN F 48 14.99 3.48 -19.71
C ASN F 48 14.22 2.16 -19.83
N LEU F 49 14.95 1.06 -19.87
CA LEU F 49 14.33 -0.26 -19.93
C LEU F 49 13.12 -0.34 -19.02
N ALA F 50 11.94 -0.26 -19.61
CA ALA F 50 10.68 -0.38 -18.89
C ALA F 50 9.64 -0.97 -19.83
N VAL F 51 8.49 -1.35 -19.30
CA VAL F 51 7.41 -1.87 -20.13
C VAL F 51 6.95 -0.82 -21.14
N LYS F 52 7.38 -0.94 -22.39
CA LYS F 52 6.92 -0.04 -23.45
C LYS F 52 5.83 -0.73 -24.27
N GLU F 53 5.16 -1.68 -23.64
CA GLU F 53 4.11 -2.48 -24.30
C GLU F 53 2.95 -1.63 -24.82
N ALA F 54 2.57 -0.59 -24.07
CA ALA F 54 1.49 0.30 -24.47
C ALA F 54 1.65 0.77 -25.92
N ASP F 55 0.52 0.90 -26.62
CA ASP F 55 0.52 1.39 -28.01
C ASP F 55 -0.18 2.76 -28.09
N ASP F 56 0.35 3.64 -28.95
CA ASP F 56 -0.13 5.02 -29.03
C ASP F 56 -1.18 5.26 -30.12
N ASP F 57 -2.02 6.27 -29.90
CA ASP F 57 -3.02 6.70 -30.89
C ASP F 57 -2.35 7.40 -32.07
N GLU F 58 -3.14 7.66 -33.10
CA GLU F 58 -2.69 8.43 -34.25
C GLU F 58 -3.52 9.72 -34.37
N GLU F 59 -2.92 10.77 -34.92
CA GLU F 59 -3.60 12.06 -35.09
C GLU F 59 -4.48 12.07 -36.34
N ALA F 60 -4.60 10.91 -36.98
CA ALA F 60 -5.32 10.79 -38.25
C ALA F 60 -6.84 10.80 -38.08
N ASP F 61 -7.48 11.81 -38.66
CA ASP F 61 -8.94 11.95 -38.61
C ASP F 61 -9.42 12.63 -39.88
N ASP F 62 -10.72 12.60 -40.13
CA ASP F 62 -11.29 13.23 -41.32
C ASP F 62 -11.79 14.64 -41.01
N ASP F 63 -12.12 15.41 -42.06
CA ASP F 63 -12.71 16.73 -41.89
C ASP F 63 -13.91 16.63 -40.96
N VAL F 64 -14.67 15.54 -41.10
CA VAL F 64 -15.88 15.30 -40.32
C VAL F 64 -16.94 16.37 -40.59
N SER F 65 -16.68 17.21 -41.59
CA SER F 65 -17.68 18.14 -42.12
C SER F 65 -18.69 17.31 -42.92
N GLU F 66 -19.34 16.36 -42.25
CA GLU F 66 -20.15 15.33 -42.89
C GLU F 66 -21.63 15.45 -42.47
N MET F 67 -22.51 15.57 -43.46
CA MET F 67 -23.94 15.63 -43.18
C MET F 67 -24.36 14.51 -42.23
N PRO F 68 -25.13 14.86 -41.17
CA PRO F 68 -25.57 13.83 -40.22
C PRO F 68 -26.54 12.86 -40.89
N SER F 69 -26.37 11.57 -40.64
CA SER F 69 -27.26 10.60 -41.27
C SER F 69 -28.71 11.11 -41.25
N PRO F 70 -29.49 10.79 -42.30
CA PRO F 70 -30.90 11.17 -42.35
C PRO F 70 -31.80 10.00 -41.94
N LYS F 71 -33.05 10.30 -41.61
CA LYS F 71 -34.02 9.28 -41.22
C LYS F 71 -33.86 8.00 -42.04
N LYS F 72 -33.92 6.86 -41.37
CA LYS F 72 -33.59 5.58 -41.99
C LYS F 72 -34.61 5.13 -43.03
N LEU F 73 -35.86 5.57 -42.88
CA LEU F 73 -36.92 5.15 -43.79
C LEU F 73 -37.60 6.35 -44.45
N HIS F 74 -37.02 7.53 -44.30
CA HIS F 74 -37.58 8.77 -44.85
C HIS F 74 -37.39 8.87 -46.36
N GLN F 75 -36.20 8.48 -46.85
CA GLN F 75 -35.93 8.46 -48.28
C GLN F 75 -37.21 8.00 -48.98
N GLY F 76 -37.76 6.90 -48.48
CA GLY F 76 -39.04 6.40 -48.95
C GLY F 76 -38.95 5.75 -50.32
N LYS F 77 -39.68 6.33 -51.27
CA LYS F 77 -39.82 5.71 -52.58
C LYS F 77 -40.41 4.32 -52.40
N LYS F 78 -41.07 4.12 -51.26
CA LYS F 78 -41.79 2.87 -51.00
C LYS F 78 -42.84 2.66 -52.09
N LYS F 79 -42.80 1.50 -52.72
CA LYS F 79 -43.69 1.22 -53.84
C LYS F 79 -45.06 0.72 -53.39
N LYS F 80 -46.11 1.40 -53.86
CA LYS F 80 -47.49 1.00 -53.58
C LYS F 80 -47.81 -0.35 -54.22
N GLN F 81 -48.70 -1.08 -53.59
CA GLN F 81 -49.12 -2.39 -54.05
C GLN F 81 -50.55 -2.35 -54.55
N ASN F 82 -50.82 -3.01 -55.67
CA ASN F 82 -52.18 -3.19 -56.14
C ASN F 82 -52.84 -4.34 -55.38
N LYS F 83 -53.90 -4.03 -54.65
CA LYS F 83 -54.64 -5.04 -53.88
C LYS F 83 -56.06 -5.20 -54.42
N ASP F 84 -56.60 -6.41 -54.32
CA ASP F 84 -57.93 -6.72 -54.83
C ASP F 84 -59.07 -6.02 -54.07
N ARG F 85 -59.28 -6.39 -52.82
CA ARG F 85 -60.36 -5.82 -52.03
C ARG F 85 -59.88 -5.32 -50.68
N ILE F 86 -60.19 -4.06 -50.37
CA ILE F 86 -59.85 -3.45 -49.10
C ILE F 86 -61.12 -3.01 -48.37
N SER F 87 -61.61 -3.86 -47.48
CA SER F 87 -62.84 -3.57 -46.76
C SER F 87 -62.59 -3.38 -45.27
N TRP F 88 -63.13 -2.31 -44.69
CA TRP F 88 -63.10 -2.15 -43.24
C TRP F 88 -63.88 -3.30 -42.60
N LEU F 89 -63.64 -3.57 -41.32
CA LEU F 89 -64.43 -4.56 -40.59
C LEU F 89 -64.97 -3.96 -39.30
N GLY F 90 -66.11 -4.46 -38.85
CA GLY F 90 -66.72 -3.99 -37.61
C GLY F 90 -67.12 -2.53 -37.65
N GLN F 91 -67.63 -2.04 -36.53
CA GLN F 91 -68.06 -0.66 -36.41
C GLN F 91 -66.85 0.26 -36.40
N PRO F 92 -67.08 1.58 -36.53
CA PRO F 92 -66.01 2.57 -36.38
C PRO F 92 -65.65 2.73 -34.90
N MET F 93 -64.38 2.96 -34.59
CA MET F 93 -63.99 3.20 -33.20
C MET F 93 -64.29 4.64 -32.83
N LYS F 94 -63.85 5.57 -33.67
CA LYS F 94 -64.16 6.98 -33.48
C LYS F 94 -64.32 7.69 -34.83
N ILE F 95 -65.31 8.58 -34.90
CA ILE F 95 -65.53 9.37 -36.10
C ILE F 95 -65.21 10.83 -35.80
N GLU F 96 -64.13 11.33 -36.41
CA GLU F 96 -63.73 12.71 -36.20
C GLU F 96 -64.12 13.58 -37.37
N GLU F 97 -63.94 14.89 -37.23
CA GLU F 97 -64.33 15.85 -38.25
C GLU F 97 -63.88 15.45 -39.66
N ASN F 98 -62.66 14.94 -39.80
CA ASN F 98 -62.07 14.74 -41.11
C ASN F 98 -61.65 13.31 -41.41
N ARG F 99 -61.84 12.43 -40.44
CA ARG F 99 -61.47 11.04 -40.59
C ARG F 99 -62.31 10.17 -39.67
N THR F 100 -62.48 8.91 -40.06
CA THR F 100 -63.23 7.96 -39.24
C THR F 100 -62.39 6.70 -38.98
N TYR F 101 -62.10 6.45 -37.71
CA TYR F 101 -61.19 5.40 -37.32
C TYR F 101 -61.87 4.04 -37.21
N TYR F 102 -61.13 2.99 -37.59
CA TYR F 102 -61.60 1.63 -37.41
C TYR F 102 -60.59 0.84 -36.60
N GLN F 103 -60.93 -0.39 -36.25
CA GLN F 103 -60.04 -1.24 -35.46
C GLN F 103 -59.68 -2.53 -36.19
N LYS F 104 -60.39 -2.82 -37.28
CA LYS F 104 -60.09 -4.00 -38.10
C LYS F 104 -60.23 -3.68 -39.59
N VAL F 105 -59.50 -4.41 -40.41
CA VAL F 105 -59.56 -4.23 -41.86
C VAL F 105 -59.14 -5.50 -42.58
N SER F 106 -59.68 -5.70 -43.78
CA SER F 106 -59.30 -6.85 -44.60
C SER F 106 -58.70 -6.43 -45.93
N ILE F 107 -57.41 -6.71 -46.09
CA ILE F 107 -56.74 -6.52 -47.36
C ILE F 107 -56.57 -7.88 -48.02
N ASP F 108 -57.18 -8.05 -49.20
CA ASP F 108 -57.19 -9.35 -49.88
C ASP F 108 -57.61 -10.47 -48.93
N GLU F 109 -58.72 -10.25 -48.23
CA GLU F 109 -59.30 -11.26 -47.33
C GLU F 109 -58.38 -11.67 -46.18
N GLU F 110 -57.44 -10.80 -45.81
CA GLU F 110 -56.61 -11.00 -44.63
C GLU F 110 -57.08 -9.98 -43.58
N MET F 111 -56.89 -10.26 -42.30
CA MET F 111 -57.28 -9.31 -41.27
C MET F 111 -56.08 -8.64 -40.61
N LEU F 112 -55.94 -7.33 -40.81
CA LEU F 112 -54.97 -6.53 -40.05
C LEU F 112 -55.73 -5.74 -38.99
N GLU F 113 -55.20 -5.73 -37.77
CA GLU F 113 -55.84 -5.05 -36.64
C GLU F 113 -54.84 -4.10 -35.97
N VAL F 114 -55.31 -2.92 -35.57
CA VAL F 114 -54.44 -1.98 -34.84
C VAL F 114 -53.54 -2.72 -33.86
N GLY F 115 -52.24 -2.51 -33.97
CA GLY F 115 -51.29 -3.21 -33.12
C GLY F 115 -50.60 -4.35 -33.82
N ASP F 116 -51.21 -4.84 -34.90
CA ASP F 116 -50.59 -5.86 -35.74
C ASP F 116 -49.44 -5.21 -36.52
N CYS F 117 -48.66 -6.05 -37.20
CA CYS F 117 -47.47 -5.58 -37.90
C CYS F 117 -47.48 -5.98 -39.36
N VAL F 118 -47.15 -5.02 -40.22
CA VAL F 118 -47.10 -5.24 -41.65
C VAL F 118 -45.73 -4.86 -42.18
N SER F 119 -45.40 -5.31 -43.40
CA SER F 119 -44.18 -4.90 -44.08
C SER F 119 -44.48 -3.97 -45.26
N VAL F 120 -43.45 -3.48 -45.92
CA VAL F 120 -43.62 -2.53 -47.01
C VAL F 120 -42.42 -2.59 -47.94
N ILE F 121 -42.66 -2.76 -49.23
CA ILE F 121 -41.57 -2.85 -50.20
C ILE F 121 -41.03 -1.47 -50.54
N PRO F 122 -39.69 -1.35 -50.66
CA PRO F 122 -39.05 -0.08 -51.03
C PRO F 122 -38.87 0.04 -52.54
N ASP F 123 -38.40 1.20 -53.00
CA ASP F 123 -38.14 1.41 -54.43
C ASP F 123 -36.88 0.65 -54.82
N ASP F 124 -35.80 0.92 -54.10
CA ASP F 124 -34.54 0.24 -54.35
C ASP F 124 -34.71 -1.25 -54.11
N SER F 125 -34.51 -2.05 -55.15
CA SER F 125 -34.70 -3.49 -55.04
C SER F 125 -33.60 -4.16 -54.21
N SER F 126 -32.72 -3.34 -53.63
CA SER F 126 -31.64 -3.86 -52.78
C SER F 126 -31.91 -3.60 -51.30
N LYS F 127 -32.43 -2.41 -50.99
CA LYS F 127 -32.79 -2.08 -49.61
C LYS F 127 -33.73 -3.14 -49.05
N PRO F 128 -33.32 -3.82 -47.96
CA PRO F 128 -34.20 -4.82 -47.34
C PRO F 128 -35.56 -4.19 -47.01
N LEU F 129 -36.60 -5.01 -47.06
CA LEU F 129 -37.97 -4.53 -46.89
C LEU F 129 -38.19 -3.85 -45.53
N TYR F 130 -38.93 -2.76 -45.54
CA TYR F 130 -39.25 -2.03 -44.32
C TYR F 130 -40.29 -2.78 -43.50
N LEU F 131 -40.36 -2.48 -42.21
CA LEU F 131 -41.31 -3.12 -41.30
C LEU F 131 -41.85 -2.12 -40.29
N ALA F 132 -43.13 -2.20 -39.98
CA ALA F 132 -43.74 -1.25 -39.05
C ALA F 132 -44.83 -1.88 -38.21
N ARG F 133 -45.38 -1.07 -37.31
CA ARG F 133 -46.57 -1.44 -36.57
C ARG F 133 -47.72 -0.55 -37.04
N VAL F 134 -48.94 -1.06 -36.96
CA VAL F 134 -50.11 -0.26 -37.27
C VAL F 134 -50.68 0.32 -35.98
N THR F 135 -50.64 1.65 -35.87
CA THR F 135 -51.07 2.30 -34.64
C THR F 135 -52.48 2.86 -34.78
N ALA F 136 -52.98 2.85 -36.01
CA ALA F 136 -54.29 3.40 -36.32
C ALA F 136 -54.77 3.08 -37.74
N LEU F 137 -56.07 2.80 -37.86
CA LEU F 137 -56.71 2.60 -39.15
C LEU F 137 -57.81 3.65 -39.28
N TRP F 138 -57.90 4.31 -40.44
CA TRP F 138 -58.95 5.30 -40.67
C TRP F 138 -59.23 5.57 -42.15
N GLU F 139 -60.42 6.07 -42.45
CA GLU F 139 -60.74 6.58 -43.77
C GLU F 139 -60.71 8.12 -43.74
N ASP F 140 -59.99 8.72 -44.68
CA ASP F 140 -59.82 10.16 -44.67
C ASP F 140 -60.83 10.88 -45.59
N LYS F 141 -61.11 12.14 -45.25
CA LYS F 141 -62.05 12.96 -46.01
C LYS F 141 -61.69 13.03 -47.49
N ASN F 142 -60.49 12.55 -47.82
CA ASN F 142 -60.04 12.52 -49.21
C ASN F 142 -60.47 11.25 -49.96
N GLY F 143 -61.32 10.44 -49.35
CA GLY F 143 -61.84 9.22 -49.96
C GLY F 143 -60.84 8.07 -49.98
N GLN F 144 -59.70 8.28 -49.32
CA GLN F 144 -58.60 7.32 -49.31
C GLN F 144 -58.49 6.63 -47.95
N MET F 145 -58.17 5.33 -47.97
CA MET F 145 -58.05 4.56 -46.74
C MET F 145 -56.63 4.56 -46.19
N MET F 146 -56.49 5.06 -44.97
CA MET F 146 -55.19 5.31 -44.38
C MET F 146 -54.89 4.48 -43.13
N PHE F 147 -53.60 4.28 -42.87
CA PHE F 147 -53.13 3.81 -41.57
C PHE F 147 -51.90 4.60 -41.15
N HIS F 148 -51.63 4.64 -39.85
CA HIS F 148 -50.41 5.29 -39.35
C HIS F 148 -49.35 4.27 -38.99
N ALA F 149 -48.17 4.42 -39.58
CA ALA F 149 -47.10 3.46 -39.41
C ALA F 149 -46.00 3.96 -38.47
N HIS F 150 -45.76 3.21 -37.41
CA HIS F 150 -44.64 3.47 -36.51
C HIS F 150 -43.50 2.53 -36.90
N TRP F 151 -42.47 3.08 -37.52
CA TRP F 151 -41.45 2.27 -38.19
C TRP F 151 -40.56 1.46 -37.26
N PHE F 152 -40.18 0.27 -37.73
CA PHE F 152 -39.16 -0.51 -37.05
C PHE F 152 -37.83 -0.25 -37.71
N CYS F 153 -36.75 -0.55 -37.00
CA CYS F 153 -35.41 -0.40 -37.54
C CYS F 153 -34.67 -1.74 -37.47
N ALA F 154 -33.95 -2.07 -38.54
CA ALA F 154 -33.26 -3.35 -38.59
C ALA F 154 -31.87 -3.25 -38.00
N GLY F 155 -31.35 -4.37 -37.52
CA GLY F 155 -30.01 -4.42 -37.00
C GLY F 155 -28.98 -3.93 -37.99
N THR F 156 -29.09 -4.38 -39.24
CA THR F 156 -28.15 -4.01 -40.29
C THR F 156 -28.09 -2.49 -40.50
N ASP F 157 -29.13 -1.78 -40.06
CA ASP F 157 -29.22 -0.34 -40.29
C ASP F 157 -28.68 0.48 -39.12
N THR F 158 -28.22 -0.20 -38.07
CA THR F 158 -27.66 0.47 -36.89
C THR F 158 -26.16 0.31 -36.87
N VAL F 159 -25.54 0.89 -35.85
CA VAL F 159 -24.09 0.78 -35.71
C VAL F 159 -23.65 -0.68 -35.73
N LEU F 160 -24.52 -1.57 -35.25
CA LEU F 160 -24.20 -2.99 -35.22
C LEU F 160 -23.77 -3.45 -36.61
N GLY F 161 -24.41 -2.91 -37.63
CA GLY F 161 -24.10 -3.29 -38.99
C GLY F 161 -24.39 -4.76 -39.25
N ALA F 162 -23.41 -5.47 -39.77
CA ALA F 162 -23.60 -6.86 -40.19
C ALA F 162 -23.51 -7.85 -39.02
N THR F 163 -22.91 -7.40 -37.92
CA THR F 163 -22.77 -8.22 -36.72
C THR F 163 -24.13 -8.43 -36.09
N SER F 164 -25.13 -7.74 -36.61
CA SER F 164 -26.46 -7.78 -36.02
C SER F 164 -27.18 -9.11 -36.24
N ASP F 165 -28.05 -9.44 -35.29
CA ASP F 165 -28.93 -10.61 -35.40
C ASP F 165 -29.98 -10.34 -36.48
N PRO F 166 -29.97 -11.14 -37.54
CA PRO F 166 -30.82 -10.90 -38.71
C PRO F 166 -32.31 -10.79 -38.37
N LEU F 167 -32.73 -11.25 -37.20
CA LEU F 167 -34.14 -11.24 -36.84
C LEU F 167 -34.51 -10.18 -35.81
N GLU F 168 -33.55 -9.35 -35.44
CA GLU F 168 -33.77 -8.38 -34.39
C GLU F 168 -34.07 -7.00 -34.92
N LEU F 169 -35.21 -6.46 -34.50
CA LEU F 169 -35.61 -5.11 -34.87
C LEU F 169 -35.42 -4.18 -33.68
N PHE F 170 -35.55 -2.88 -33.93
CA PHE F 170 -35.42 -1.89 -32.88
C PHE F 170 -36.48 -0.80 -33.07
N LEU F 171 -37.19 -0.50 -32.00
CA LEU F 171 -38.11 0.62 -32.02
C LEU F 171 -37.31 1.87 -32.36
N VAL F 172 -37.92 2.78 -33.12
CA VAL F 172 -37.24 4.01 -33.50
C VAL F 172 -38.25 5.14 -33.70
N GLY F 173 -37.80 6.38 -33.49
CA GLY F 173 -38.70 7.52 -33.54
C GLY F 173 -39.11 7.99 -34.93
N GLU F 174 -39.31 7.05 -35.84
CA GLU F 174 -39.82 7.36 -37.17
C GLU F 174 -41.22 6.79 -37.36
N CYS F 175 -42.13 7.61 -37.85
CA CYS F 175 -43.51 7.16 -38.11
C CYS F 175 -44.23 8.15 -39.01
N GLU F 176 -44.88 7.63 -40.06
CA GLU F 176 -45.62 8.45 -41.01
C GLU F 176 -46.95 7.81 -41.38
N ASN F 177 -47.71 8.47 -42.23
CA ASN F 177 -49.00 7.94 -42.69
C ASN F 177 -48.89 7.38 -44.10
N MET F 178 -49.66 6.33 -44.39
CA MET F 178 -49.68 5.74 -45.72
C MET F 178 -51.06 5.23 -46.13
N GLN F 179 -51.27 5.06 -47.44
CA GLN F 179 -52.48 4.42 -47.93
C GLN F 179 -52.35 2.92 -47.69
N LEU F 180 -53.41 2.31 -47.17
CA LEU F 180 -53.37 0.89 -46.84
C LEU F 180 -52.71 0.10 -47.96
N SER F 181 -52.97 0.53 -49.19
CA SER F 181 -52.48 -0.17 -50.37
C SER F 181 -50.96 -0.41 -50.35
N TYR F 182 -50.22 0.45 -49.65
CA TYR F 182 -48.77 0.34 -49.60
C TYR F 182 -48.31 -0.93 -48.88
N ILE F 183 -49.14 -1.42 -47.97
CA ILE F 183 -48.85 -2.65 -47.22
C ILE F 183 -48.57 -3.81 -48.17
N HIS F 184 -47.66 -4.69 -47.79
CA HIS F 184 -47.24 -5.79 -48.65
C HIS F 184 -47.64 -7.14 -48.11
N SER F 185 -47.33 -7.36 -46.83
CA SER F 185 -47.65 -8.62 -46.17
C SER F 185 -47.80 -8.36 -44.67
N LYS F 186 -48.41 -9.29 -43.96
CA LYS F 186 -48.50 -9.16 -42.52
C LYS F 186 -47.31 -9.89 -41.92
N VAL F 187 -46.77 -9.35 -40.83
CA VAL F 187 -45.62 -9.94 -40.18
C VAL F 187 -45.83 -10.06 -38.67
N LYS F 188 -45.20 -11.07 -38.08
CA LYS F 188 -45.27 -11.30 -36.63
C LYS F 188 -44.01 -10.78 -35.95
N VAL F 189 -44.19 -9.88 -34.98
CA VAL F 189 -43.05 -9.29 -34.28
C VAL F 189 -43.20 -9.39 -32.75
N ILE F 190 -42.42 -10.30 -32.18
CA ILE F 190 -42.37 -10.53 -30.73
C ILE F 190 -41.62 -9.44 -29.96
N TYR F 191 -42.12 -9.10 -28.77
CA TYR F 191 -41.34 -8.29 -27.85
C TYR F 191 -40.62 -9.18 -26.84
N LYS F 192 -39.29 -9.16 -26.88
CA LYS F 192 -38.48 -9.98 -25.99
C LYS F 192 -38.01 -9.20 -24.77
N ALA F 193 -38.93 -8.94 -23.84
CA ALA F 193 -38.57 -8.31 -22.58
C ALA F 193 -37.50 -9.14 -21.85
N PRO F 194 -36.73 -8.49 -20.95
CA PRO F 194 -35.69 -9.21 -20.20
C PRO F 194 -36.28 -10.24 -19.24
N SER F 195 -35.56 -11.34 -19.03
CA SER F 195 -35.99 -12.38 -18.10
C SER F 195 -36.16 -11.85 -16.67
N GLU F 196 -37.06 -12.48 -15.91
CA GLU F 196 -37.24 -12.13 -14.50
C GLU F 196 -35.94 -12.34 -13.70
N ASN F 197 -35.19 -13.38 -14.07
CA ASN F 197 -33.93 -13.68 -13.45
C ASN F 197 -32.75 -13.19 -14.27
N TRP F 198 -32.90 -12.05 -14.94
CA TRP F 198 -31.89 -11.59 -15.89
C TRP F 198 -30.50 -11.52 -15.25
N ALA F 199 -30.42 -10.86 -14.11
CA ALA F 199 -29.15 -10.71 -13.38
C ALA F 199 -28.44 -12.03 -13.11
N MET F 200 -29.17 -13.02 -12.60
CA MET F 200 -28.56 -14.27 -12.17
C MET F 200 -28.30 -15.26 -13.31
N GLU F 201 -28.77 -14.94 -14.50
CA GLU F 201 -28.64 -15.86 -15.63
C GLU F 201 -27.57 -15.43 -16.63
N GLY F 202 -26.30 -15.55 -16.23
CA GLY F 202 -25.21 -15.12 -17.10
C GLY F 202 -23.96 -15.96 -16.98
N GLY F 203 -23.26 -16.13 -18.11
CA GLY F 203 -21.99 -16.84 -18.17
C GLY F 203 -21.81 -17.95 -17.14
N ASP F 215 -33.55 -18.18 -31.61
CA ASP F 215 -34.64 -18.65 -30.76
C ASP F 215 -35.90 -19.01 -31.56
N GLY F 216 -36.84 -18.07 -31.68
CA GLY F 216 -38.12 -18.34 -32.31
C GLY F 216 -38.13 -18.42 -33.83
N LYS F 217 -37.08 -17.89 -34.45
CA LYS F 217 -36.95 -17.81 -35.91
C LYS F 217 -37.92 -16.80 -36.53
N THR F 218 -38.42 -15.88 -35.71
CA THR F 218 -39.31 -14.81 -36.16
C THR F 218 -38.84 -13.45 -35.65
N TYR F 219 -39.34 -12.37 -36.27
CA TYR F 219 -38.97 -11.01 -35.89
C TYR F 219 -39.27 -10.70 -34.42
N PHE F 220 -38.33 -10.04 -33.76
CA PHE F 220 -38.50 -9.65 -32.37
C PHE F 220 -37.70 -8.38 -32.05
N PHE F 221 -38.18 -7.61 -31.09
CA PHE F 221 -37.44 -6.44 -30.64
C PHE F 221 -37.34 -6.44 -29.13
N GLN F 222 -36.26 -5.83 -28.61
CA GLN F 222 -36.09 -5.67 -27.17
C GLN F 222 -35.73 -4.24 -26.75
N LEU F 223 -35.07 -3.51 -27.66
CA LEU F 223 -34.61 -2.15 -27.36
C LEU F 223 -35.02 -1.10 -28.37
N TRP F 224 -34.85 0.15 -27.98
CA TRP F 224 -35.25 1.29 -28.79
C TRP F 224 -34.01 2.06 -29.22
N TYR F 225 -33.77 2.12 -30.54
CA TYR F 225 -32.54 2.70 -31.05
C TYR F 225 -32.67 4.15 -31.48
N ASN F 226 -31.86 5.00 -30.87
CA ASN F 226 -31.75 6.40 -31.26
C ASN F 226 -30.58 6.55 -32.23
N GLN F 227 -30.87 6.96 -33.45
CA GLN F 227 -29.91 6.92 -34.55
C GLN F 227 -28.81 8.00 -34.54
N GLU F 228 -29.20 9.25 -34.30
CA GLU F 228 -28.22 10.33 -34.21
C GLU F 228 -27.14 10.01 -33.17
N TYR F 229 -27.56 9.41 -32.06
CA TYR F 229 -26.74 9.27 -30.87
C TYR F 229 -26.25 7.85 -30.61
N ALA F 230 -26.66 6.92 -31.46
CA ALA F 230 -26.33 5.50 -31.29
C ALA F 230 -26.61 5.02 -29.88
N ARG F 231 -27.85 5.18 -29.41
CA ARG F 231 -28.26 4.71 -28.10
C ARG F 231 -29.35 3.63 -28.15
N PHE F 232 -29.07 2.49 -27.52
CA PHE F 232 -30.08 1.46 -27.31
C PHE F 232 -30.65 1.56 -25.89
N GLU F 233 -31.87 2.03 -25.78
CA GLU F 233 -32.51 2.16 -24.48
C GLU F 233 -33.75 1.29 -24.38
N SER F 234 -34.13 0.94 -23.16
CA SER F 234 -35.31 0.10 -22.92
C SER F 234 -36.60 0.73 -23.41
N PRO F 235 -37.43 -0.05 -24.10
CA PRO F 235 -38.72 0.42 -24.61
C PRO F 235 -39.43 1.23 -23.53
N PRO F 236 -40.20 2.25 -23.95
CA PRO F 236 -40.98 3.05 -23.00
C PRO F 236 -41.98 2.16 -22.24
N LYS F 237 -42.55 2.72 -21.18
CA LYS F 237 -43.42 1.95 -20.29
C LYS F 237 -44.90 2.31 -20.44
N THR F 238 -45.16 3.41 -21.15
CA THR F 238 -46.53 3.92 -21.27
C THR F 238 -47.52 2.88 -21.84
N GLN F 239 -48.82 3.20 -21.70
CA GLN F 239 -49.89 2.34 -22.17
C GLN F 239 -51.02 3.13 -22.87
N PRO F 240 -51.91 2.42 -23.57
CA PRO F 240 -53.04 3.08 -24.25
C PRO F 240 -54.16 3.48 -23.30
N THR F 241 -54.44 4.78 -23.23
CA THR F 241 -55.63 5.26 -22.53
C THR F 241 -56.85 4.91 -23.37
N GLU F 242 -57.93 4.52 -22.72
CA GLU F 242 -59.20 4.21 -23.40
C GLU F 242 -59.62 5.38 -24.29
N ASP F 243 -58.99 6.53 -24.09
CA ASP F 243 -59.29 7.74 -24.85
C ASP F 243 -58.54 7.80 -26.18
N ASN F 244 -57.46 7.04 -26.29
CA ASN F 244 -56.62 7.09 -27.49
C ASN F 244 -56.13 5.71 -27.93
N LYS F 245 -56.77 4.66 -27.41
CA LYS F 245 -56.40 3.29 -27.76
C LYS F 245 -56.57 3.03 -29.26
N HIS F 246 -57.08 4.04 -29.97
CA HIS F 246 -57.30 3.93 -31.41
C HIS F 246 -56.17 4.51 -32.22
N LYS F 247 -55.48 5.51 -31.69
CA LYS F 247 -54.47 6.23 -32.45
C LYS F 247 -53.11 6.27 -31.75
N PHE F 248 -52.99 5.48 -30.68
CA PHE F 248 -51.80 5.49 -29.82
C PHE F 248 -50.51 5.14 -30.57
N CYS F 249 -49.53 6.05 -30.50
CA CYS F 249 -48.23 5.84 -31.16
C CYS F 249 -47.05 6.33 -30.33
N LEU F 250 -46.05 5.46 -30.15
CA LEU F 250 -44.90 5.80 -29.32
C LEU F 250 -44.05 6.89 -29.94
N SER F 251 -43.77 6.75 -31.23
CA SER F 251 -42.92 7.72 -31.92
C SER F 251 -43.58 9.09 -31.94
N CYS F 252 -44.91 9.11 -31.91
CA CYS F 252 -45.66 10.36 -31.88
C CYS F 252 -45.50 11.00 -30.53
N ILE F 253 -45.92 10.27 -29.51
CA ILE F 253 -45.76 10.74 -28.14
C ILE F 253 -44.33 11.16 -27.86
N ARG F 254 -43.38 10.31 -28.26
CA ARG F 254 -41.96 10.62 -28.11
C ARG F 254 -41.65 11.94 -28.78
N LEU F 255 -41.87 12.00 -30.09
CA LEU F 255 -41.57 13.19 -30.88
C LEU F 255 -42.30 14.40 -30.32
N ALA F 256 -43.51 14.18 -29.82
CA ALA F 256 -44.29 15.25 -29.21
C ALA F 256 -43.55 15.89 -28.04
N GLU F 257 -43.35 15.11 -26.99
CA GLU F 257 -42.67 15.57 -25.78
C GLU F 257 -41.44 16.41 -26.15
N LEU F 258 -40.69 15.94 -27.13
CA LEU F 258 -39.51 16.66 -27.60
C LEU F 258 -39.83 18.10 -27.96
N ARG F 259 -40.68 18.27 -28.98
CA ARG F 259 -41.04 19.60 -29.46
C ARG F 259 -41.48 20.48 -28.30
N GLN F 260 -42.32 19.94 -27.44
CA GLN F 260 -42.81 20.66 -26.26
C GLN F 260 -41.65 21.18 -25.40
N LYS F 261 -40.75 20.28 -25.03
CA LYS F 261 -39.54 20.67 -24.31
C LYS F 261 -38.81 21.78 -25.07
N GLU F 262 -38.72 21.66 -26.39
CA GLU F 262 -37.97 22.60 -27.21
C GLU F 262 -38.64 23.96 -27.35
N MET F 263 -39.87 23.95 -27.87
CA MET F 263 -40.63 25.18 -28.12
C MET F 263 -40.62 26.14 -26.94
N PRO F 264 -40.00 27.31 -27.12
CA PRO F 264 -40.06 28.43 -26.17
C PRO F 264 -41.49 28.74 -25.75
N LYS F 265 -41.73 28.85 -24.45
CA LYS F 265 -43.05 29.25 -23.96
C LYS F 265 -42.91 30.30 -22.84
N VAL F 266 -43.96 31.07 -22.60
CA VAL F 266 -43.94 32.05 -21.54
C VAL F 266 -44.98 31.73 -20.48
N LEU F 267 -44.53 31.70 -19.23
CA LEU F 267 -45.35 31.20 -18.12
C LEU F 267 -46.14 32.33 -17.46
N GLU F 268 -45.45 33.39 -17.07
CA GLU F 268 -46.05 34.49 -16.33
C GLU F 268 -45.99 35.80 -17.10
N GLN F 269 -47.15 36.42 -17.29
CA GLN F 269 -47.23 37.75 -17.89
C GLN F 269 -47.32 38.82 -16.81
N ILE F 270 -46.62 39.94 -17.03
CA ILE F 270 -46.68 41.11 -16.15
C ILE F 270 -47.68 42.12 -16.71
N GLU F 271 -47.33 42.72 -17.84
CA GLU F 271 -48.21 43.65 -18.55
C GLU F 271 -47.93 43.65 -20.05
N GLU F 272 -48.66 44.52 -20.75
CA GLU F 272 -48.34 44.89 -22.12
C GLU F 272 -48.14 46.40 -22.15
N VAL F 273 -47.09 46.84 -22.83
CA VAL F 273 -46.78 48.27 -22.90
C VAL F 273 -45.89 48.60 -24.10
N ASP F 274 -46.23 49.67 -24.81
CA ASP F 274 -45.53 50.06 -26.05
C ASP F 274 -45.55 48.92 -27.06
N GLY F 275 -46.67 48.20 -27.11
CA GLY F 275 -46.84 47.10 -28.04
C GLY F 275 -45.98 45.89 -27.73
N ARG F 276 -45.53 45.76 -26.49
CA ARG F 276 -44.72 44.63 -26.05
C ARG F 276 -45.35 43.92 -24.85
N VAL F 277 -45.22 42.60 -24.81
CA VAL F 277 -45.74 41.81 -23.68
C VAL F 277 -44.63 41.48 -22.67
N TYR F 278 -44.55 42.27 -21.60
CA TYR F 278 -43.57 42.04 -20.56
C TYR F 278 -43.91 40.81 -19.73
N CYS F 279 -42.99 39.85 -19.70
CA CYS F 279 -43.15 38.64 -18.92
C CYS F 279 -42.20 38.65 -17.73
N SER F 280 -42.40 37.69 -16.82
CA SER F 280 -41.52 37.52 -15.68
C SER F 280 -41.03 36.07 -15.57
N SER F 281 -41.76 35.15 -16.20
CA SER F 281 -41.41 33.74 -16.15
C SER F 281 -41.55 33.09 -17.51
N ILE F 282 -40.47 32.49 -18.00
CA ILE F 282 -40.50 31.80 -19.28
C ILE F 282 -39.67 30.54 -19.24
N THR F 283 -39.89 29.64 -20.19
CA THR F 283 -39.12 28.41 -20.29
C THR F 283 -38.59 28.12 -21.69
N LYS F 284 -37.59 27.24 -21.75
CA LYS F 284 -37.03 26.76 -23.00
C LYS F 284 -36.18 25.52 -22.71
N ASN F 285 -36.56 24.41 -23.33
CA ASN F 285 -35.87 23.14 -23.16
C ASN F 285 -35.86 22.62 -21.72
N GLY F 286 -37.03 22.65 -21.09
CA GLY F 286 -37.20 22.05 -19.77
C GLY F 286 -36.67 22.91 -18.64
N VAL F 287 -35.92 23.96 -18.99
CA VAL F 287 -35.37 24.87 -18.00
C VAL F 287 -36.26 26.10 -17.87
N VAL F 288 -36.34 26.64 -16.65
CA VAL F 288 -37.19 27.79 -16.39
C VAL F 288 -36.40 29.02 -15.94
N TYR F 289 -36.45 30.08 -16.74
CA TYR F 289 -35.74 31.31 -16.41
C TYR F 289 -36.73 32.34 -15.85
N ARG F 290 -36.30 33.08 -14.83
CA ARG F 290 -37.12 34.13 -14.23
C ARG F 290 -36.28 35.36 -13.94
N LEU F 291 -36.92 36.53 -13.92
CA LEU F 291 -36.22 37.78 -13.63
C LEU F 291 -35.30 37.57 -12.43
N GLY F 292 -34.06 38.03 -12.53
CA GLY F 292 -33.10 37.82 -11.47
C GLY F 292 -32.13 36.68 -11.77
N ASP F 293 -32.60 35.68 -12.50
CA ASP F 293 -31.76 34.56 -12.92
C ASP F 293 -30.67 35.01 -13.86
N SER F 294 -29.69 34.14 -14.11
CA SER F 294 -28.63 34.46 -15.07
C SER F 294 -28.59 33.49 -16.25
N VAL F 295 -28.07 33.96 -17.37
CA VAL F 295 -28.11 33.17 -18.60
C VAL F 295 -26.73 33.02 -19.25
N TYR F 296 -26.50 31.84 -19.82
CA TYR F 296 -25.34 31.56 -20.66
C TYR F 296 -25.60 32.06 -22.08
N LEU F 297 -24.61 32.70 -22.69
CA LEU F 297 -24.76 33.22 -24.05
C LEU F 297 -23.51 33.01 -24.86
N PRO F 298 -23.67 32.87 -26.19
CA PRO F 298 -22.56 32.77 -27.14
C PRO F 298 -21.60 33.94 -26.98
N PRO F 299 -20.32 33.72 -27.30
CA PRO F 299 -19.33 34.80 -27.23
C PRO F 299 -19.67 35.98 -28.13
N GLU F 300 -20.64 35.82 -29.03
CA GLU F 300 -21.02 36.89 -29.95
C GLU F 300 -22.27 37.64 -29.50
N ALA F 301 -22.95 37.11 -28.48
CA ALA F 301 -24.19 37.69 -28.01
C ALA F 301 -24.03 39.15 -27.59
N PHE F 302 -22.81 39.55 -27.25
CA PHE F 302 -22.51 40.96 -26.99
C PHE F 302 -21.04 41.25 -26.71
N THR F 303 -20.66 42.51 -26.86
CA THR F 303 -19.29 42.94 -26.56
C THR F 303 -19.27 43.81 -25.32
N PHE F 304 -18.07 44.17 -24.86
CA PHE F 304 -17.94 44.95 -23.64
C PHE F 304 -17.60 46.40 -23.95
N ASN F 305 -18.15 47.31 -23.17
CA ASN F 305 -17.82 48.73 -23.29
C ASN F 305 -16.41 49.04 -22.79
N ILE F 306 -15.40 48.40 -23.37
CA ILE F 306 -14.01 48.67 -22.96
C ILE F 306 -13.07 48.81 -24.15
N LYS F 307 -12.61 50.03 -24.39
CA LYS F 307 -11.67 50.29 -25.48
C LYS F 307 -10.52 49.28 -25.50
N VAL F 308 -10.39 48.58 -26.63
CA VAL F 308 -9.37 47.55 -26.77
C VAL F 308 -8.18 48.03 -27.58
N ALA F 309 -7.00 48.01 -26.98
CA ALA F 309 -5.78 48.43 -27.67
C ALA F 309 -5.37 47.41 -28.74
N SER F 310 -5.41 47.84 -30.00
CA SER F 310 -4.96 47.02 -31.12
C SER F 310 -3.48 46.65 -30.95
N PRO F 311 -3.19 45.35 -30.75
CA PRO F 311 -1.81 44.88 -30.60
C PRO F 311 -0.87 45.48 -31.64
N VAL F 312 0.25 46.04 -31.19
CA VAL F 312 1.14 46.78 -32.07
C VAL F 312 2.44 46.03 -32.40
N LYS F 313 2.81 46.04 -33.68
CA LYS F 313 4.07 45.45 -34.15
C LYS F 313 4.31 44.07 -33.56
N ARG F 314 3.42 43.13 -33.87
CA ARG F 314 3.52 41.78 -33.33
C ARG F 314 4.85 41.08 -33.67
N PRO F 315 5.29 41.14 -34.94
CA PRO F 315 6.55 40.52 -35.34
C PRO F 315 7.29 41.36 -36.37
N LYS F 316 8.57 41.58 -36.11
CA LYS F 316 9.45 42.27 -37.08
C LYS F 316 10.60 41.35 -37.49
N LYS F 317 10.23 40.24 -38.15
CA LYS F 317 11.16 39.14 -38.38
C LYS F 317 12.28 39.46 -39.36
N ASP F 318 13.52 39.24 -38.92
CA ASP F 318 14.67 39.31 -39.82
C ASP F 318 15.29 37.92 -40.00
N PRO F 319 16.02 37.72 -41.11
CA PRO F 319 16.62 36.41 -41.43
C PRO F 319 17.35 35.76 -40.26
N VAL F 320 17.54 34.45 -40.32
CA VAL F 320 18.29 33.72 -39.30
C VAL F 320 19.55 33.12 -39.89
N ASN F 321 20.63 33.12 -39.14
CA ASN F 321 21.90 32.58 -39.62
C ASN F 321 21.81 31.07 -39.88
N GLU F 322 21.78 30.70 -41.16
CA GLU F 322 21.63 29.30 -41.57
C GLU F 322 22.88 28.45 -41.32
N THR F 323 24.01 29.11 -41.08
CA THR F 323 25.24 28.40 -40.75
C THR F 323 25.27 28.01 -39.27
N LEU F 324 24.62 28.82 -38.44
CA LEU F 324 24.56 28.60 -37.00
C LEU F 324 23.33 27.78 -36.63
N TYR F 325 22.30 27.89 -37.46
CA TYR F 325 21.06 27.16 -37.29
C TYR F 325 20.78 26.35 -38.54
N PRO F 326 21.64 25.37 -38.82
CA PRO F 326 21.58 24.59 -40.06
C PRO F 326 20.20 24.02 -40.33
N GLU F 327 19.62 23.37 -39.33
CA GLU F 327 18.35 22.67 -39.50
C GLU F 327 17.15 23.56 -39.24
N HIS F 328 17.36 24.87 -39.23
CA HIS F 328 16.22 25.76 -39.01
C HIS F 328 15.25 25.73 -40.18
N TYR F 329 15.76 25.35 -41.35
CA TYR F 329 14.94 25.28 -42.55
C TYR F 329 13.81 24.26 -42.46
N ARG F 330 13.97 23.25 -41.60
CA ARG F 330 12.94 22.24 -41.45
C ARG F 330 11.75 22.78 -40.66
N LYS F 331 11.74 24.10 -40.48
CA LYS F 331 10.60 24.78 -39.90
C LYS F 331 9.72 25.39 -41.00
N TYR F 332 8.98 24.54 -41.69
CA TYR F 332 7.98 25.02 -42.65
C TYR F 332 6.82 25.62 -41.87
N SER F 333 5.92 26.31 -42.56
CA SER F 333 4.68 26.77 -41.92
C SER F 333 4.07 25.58 -41.19
N ASP F 334 3.75 25.77 -39.92
CA ASP F 334 3.29 24.66 -39.09
C ASP F 334 2.32 25.06 -37.99
N TYR F 335 1.42 24.14 -37.67
CA TYR F 335 0.59 24.25 -36.48
C TYR F 335 1.45 23.89 -35.27
N ILE F 336 1.64 24.85 -34.37
CA ILE F 336 2.34 24.58 -33.11
C ILE F 336 1.45 23.66 -32.26
N LYS F 337 1.94 22.45 -32.02
CA LYS F 337 1.23 21.48 -31.19
C LYS F 337 1.23 22.00 -29.75
N GLY F 338 0.05 22.27 -29.21
CA GLY F 338 -0.06 22.71 -27.83
C GLY F 338 -0.46 24.15 -27.62
N SER F 339 -0.66 24.91 -28.71
CA SER F 339 -1.00 26.33 -28.63
C SER F 339 -2.52 26.58 -28.53
N ASN F 340 -2.94 27.16 -27.41
CA ASN F 340 -4.36 27.47 -27.18
C ASN F 340 -4.83 28.78 -27.80
N LEU F 341 -4.02 29.34 -28.70
CA LEU F 341 -4.38 30.58 -29.36
C LEU F 341 -5.51 30.36 -30.38
N ASP F 342 -5.99 29.12 -30.45
CA ASP F 342 -7.06 28.73 -31.37
C ASP F 342 -8.39 28.50 -30.65
N ALA F 343 -8.32 28.35 -29.32
CA ALA F 343 -9.51 28.08 -28.50
C ALA F 343 -10.53 29.20 -28.57
N PRO F 344 -11.81 28.86 -28.34
CA PRO F 344 -12.90 29.85 -28.34
C PRO F 344 -12.91 30.63 -27.04
N GLU F 345 -13.88 31.54 -26.89
CA GLU F 345 -14.09 32.21 -25.63
C GLU F 345 -15.18 31.46 -24.88
N PRO F 346 -15.15 31.54 -23.55
CA PRO F 346 -16.22 30.97 -22.72
C PRO F 346 -17.51 31.76 -22.90
N TYR F 347 -18.65 31.13 -22.62
CA TYR F 347 -19.93 31.82 -22.72
C TYR F 347 -19.82 33.24 -22.20
N ARG F 348 -20.68 34.11 -22.70
CA ARG F 348 -20.89 35.40 -22.09
C ARG F 348 -21.84 35.13 -20.95
N ILE F 349 -21.89 36.02 -19.96
CA ILE F 349 -22.87 35.83 -18.91
C ILE F 349 -23.50 37.16 -18.52
N GLY F 350 -24.81 37.13 -18.29
CA GLY F 350 -25.53 38.30 -17.86
C GLY F 350 -26.73 37.96 -17.00
N ARG F 351 -27.13 38.93 -16.18
CA ARG F 351 -28.31 38.81 -15.33
C ARG F 351 -29.50 39.33 -16.12
N ILE F 352 -30.55 38.54 -16.25
CA ILE F 352 -31.74 39.07 -16.90
C ILE F 352 -32.42 40.09 -16.00
N LYS F 353 -32.65 41.27 -16.55
CA LYS F 353 -33.24 42.42 -15.85
C LYS F 353 -34.71 42.57 -16.23
N GLU F 354 -34.99 42.37 -17.52
CA GLU F 354 -36.35 42.47 -18.06
C GLU F 354 -36.60 41.35 -19.05
N ILE F 355 -37.88 41.05 -19.28
CA ILE F 355 -38.27 40.04 -20.25
C ILE F 355 -39.49 40.50 -21.03
N HIS F 356 -39.29 40.87 -22.30
CA HIS F 356 -40.40 41.35 -23.12
C HIS F 356 -40.52 40.59 -24.44
N CYS F 357 -41.73 40.12 -24.73
CA CYS F 357 -41.99 39.44 -25.98
C CYS F 357 -43.02 40.20 -26.81
N GLY F 358 -43.15 39.83 -28.08
CA GLY F 358 -44.01 40.54 -29.00
C GLY F 358 -45.41 39.96 -29.07
N LYS F 359 -46.41 40.84 -29.07
CA LYS F 359 -47.78 40.41 -29.25
C LYS F 359 -47.95 40.01 -30.71
N LYS F 360 -48.88 39.09 -30.96
CA LYS F 360 -49.04 38.51 -32.30
C LYS F 360 -50.42 37.86 -32.44
N LYS F 361 -51.31 38.53 -33.15
CA LYS F 361 -52.67 38.03 -33.36
C LYS F 361 -53.47 38.06 -32.06
N GLY F 362 -53.25 39.10 -31.26
CA GLY F 362 -53.98 39.28 -30.01
C GLY F 362 -53.43 38.47 -28.83
N LYS F 363 -52.49 37.58 -29.11
CA LYS F 363 -51.86 36.76 -28.07
C LYS F 363 -50.34 36.93 -28.17
N VAL F 364 -49.62 36.47 -27.16
CA VAL F 364 -48.16 36.63 -27.15
C VAL F 364 -47.48 35.87 -28.29
N ASN F 365 -46.33 36.38 -28.73
CA ASN F 365 -45.47 35.64 -29.65
C ASN F 365 -44.17 35.18 -28.98
N GLU F 366 -43.96 33.86 -28.96
CA GLU F 366 -42.86 33.27 -28.22
C GLU F 366 -41.64 33.06 -29.10
N ALA F 367 -41.85 33.13 -30.42
CA ALA F 367 -40.75 33.04 -31.37
C ALA F 367 -39.90 34.29 -31.25
N ASP F 368 -40.43 35.27 -30.52
CA ASP F 368 -39.73 36.52 -30.29
C ASP F 368 -39.78 36.92 -28.82
N ILE F 369 -38.88 36.35 -28.03
CA ILE F 369 -38.70 36.78 -26.66
C ILE F 369 -37.29 37.35 -26.51
N LYS F 370 -37.20 38.56 -25.99
CA LYS F 370 -35.90 39.19 -25.83
C LYS F 370 -35.55 39.41 -24.36
N LEU F 371 -34.28 39.64 -24.07
CA LEU F 371 -33.83 39.75 -22.69
C LEU F 371 -32.97 40.98 -22.45
N ARG F 372 -33.38 41.79 -21.48
CA ARG F 372 -32.56 42.92 -21.05
C ARG F 372 -31.64 42.43 -19.93
N LEU F 373 -30.35 42.37 -20.21
CA LEU F 373 -29.40 41.79 -19.28
C LEU F 373 -28.44 42.80 -18.71
N TYR F 374 -27.92 42.50 -17.53
CA TYR F 374 -26.75 43.19 -16.99
C TYR F 374 -25.53 42.37 -17.38
N LYS F 375 -24.56 43.02 -18.02
CA LYS F 375 -23.31 42.35 -18.38
C LYS F 375 -22.51 41.90 -17.16
N PHE F 376 -21.81 40.79 -17.31
CA PHE F 376 -20.86 40.32 -16.30
C PHE F 376 -19.48 40.24 -16.93
N TYR F 377 -18.51 40.88 -16.32
CA TYR F 377 -17.15 40.81 -16.80
C TYR F 377 -16.44 39.61 -16.19
N ARG F 378 -15.93 38.70 -17.02
CA ARG F 378 -14.98 37.71 -16.54
C ARG F 378 -13.74 38.51 -16.18
N PRO F 379 -12.93 37.98 -15.26
CA PRO F 379 -11.71 38.75 -14.99
C PRO F 379 -10.93 39.03 -16.27
N GLU F 380 -11.00 38.12 -17.24
CA GLU F 380 -10.25 38.29 -18.49
C GLU F 380 -10.83 39.39 -19.39
N ASN F 381 -12.09 39.73 -19.17
CA ASN F 381 -12.80 40.70 -19.98
C ASN F 381 -12.64 42.14 -19.50
N THR F 382 -11.75 42.36 -18.54
CA THR F 382 -11.43 43.71 -18.07
C THR F 382 -10.10 44.14 -18.68
N HIS F 383 -9.58 45.29 -18.24
CA HIS F 383 -8.29 45.74 -18.75
C HIS F 383 -7.15 44.87 -18.21
N ARG F 384 -7.45 44.14 -17.12
CA ARG F 384 -6.48 43.25 -16.49
C ARG F 384 -6.09 42.11 -17.44
N SER F 385 -7.00 41.79 -18.36
CA SER F 385 -6.74 40.80 -19.39
C SER F 385 -6.40 39.44 -18.80
N TYR F 386 -5.56 38.69 -19.52
CA TYR F 386 -5.08 37.41 -19.03
C TYR F 386 -4.00 37.61 -17.99
N ASN F 387 -2.92 38.29 -18.38
CA ASN F 387 -1.77 38.52 -17.52
C ASN F 387 -2.13 39.02 -16.11
N GLY F 388 -3.42 39.27 -15.89
CA GLY F 388 -3.90 39.72 -14.60
C GLY F 388 -5.19 39.04 -14.19
N SER F 389 -5.46 37.89 -14.80
CA SER F 389 -6.58 37.05 -14.40
C SER F 389 -6.09 35.63 -14.14
N TYR F 390 -4.79 35.50 -13.84
CA TYR F 390 -4.16 34.20 -13.64
C TYR F 390 -4.56 33.56 -12.32
N HIS F 391 -4.60 34.37 -11.27
CA HIS F 391 -4.76 33.85 -9.92
C HIS F 391 -6.22 33.73 -9.47
N THR F 392 -7.14 34.27 -10.24
CA THR F 392 -8.53 34.32 -9.82
C THR F 392 -9.22 32.96 -9.91
N ASP F 393 -10.38 32.82 -9.27
CA ASP F 393 -11.21 31.61 -9.38
C ASP F 393 -11.93 31.57 -10.71
N ILE F 394 -11.90 30.44 -11.38
CA ILE F 394 -12.55 30.32 -12.69
C ILE F 394 -14.03 30.64 -12.66
N ASN F 395 -14.68 30.51 -11.50
CA ASN F 395 -16.10 30.82 -11.45
C ASN F 395 -16.36 32.22 -10.89
N MET F 396 -15.32 33.04 -10.87
CA MET F 396 -15.47 34.40 -10.37
C MET F 396 -15.78 35.39 -11.48
N LEU F 397 -16.68 36.32 -11.19
CA LEU F 397 -17.10 37.30 -12.15
C LEU F 397 -17.07 38.69 -11.52
N TYR F 398 -16.83 39.70 -12.35
CA TYR F 398 -17.04 41.07 -11.96
C TYR F 398 -18.39 41.50 -12.52
N TRP F 399 -19.20 42.14 -11.68
CA TRP F 399 -20.48 42.67 -12.10
C TRP F 399 -20.25 43.97 -12.84
N SER F 400 -21.16 44.33 -13.75
CA SER F 400 -21.15 45.66 -14.36
C SER F 400 -22.57 46.11 -14.70
N ASP F 401 -22.76 47.40 -14.90
CA ASP F 401 -24.10 47.90 -15.17
C ASP F 401 -24.42 48.05 -16.65
N GLU F 402 -23.41 47.85 -17.50
CA GLU F 402 -23.63 47.83 -18.94
C GLU F 402 -24.76 46.87 -19.30
N GLU F 403 -25.89 47.42 -19.73
CA GLU F 403 -27.00 46.61 -20.17
C GLU F 403 -26.79 46.19 -21.62
N ALA F 404 -27.43 45.10 -22.02
CA ALA F 404 -27.35 44.62 -23.39
C ALA F 404 -28.54 43.71 -23.68
N VAL F 405 -29.12 43.87 -24.87
CA VAL F 405 -30.25 43.03 -25.25
C VAL F 405 -29.75 41.87 -26.09
N VAL F 406 -30.35 40.71 -25.82
CA VAL F 406 -30.00 39.49 -26.54
C VAL F 406 -31.27 38.73 -26.87
N ASN F 407 -31.16 37.75 -27.75
CA ASN F 407 -32.32 37.01 -28.20
C ASN F 407 -32.45 35.67 -27.49
N PHE F 408 -33.61 35.44 -26.88
CA PHE F 408 -33.81 34.25 -26.07
C PHE F 408 -33.61 32.94 -26.82
N SER F 409 -33.66 32.97 -28.14
CA SER F 409 -33.38 31.75 -28.90
C SER F 409 -31.91 31.37 -28.74
N ASP F 410 -31.09 32.36 -28.39
CA ASP F 410 -29.65 32.18 -28.29
C ASP F 410 -29.14 31.80 -26.90
N VAL F 411 -30.02 31.79 -25.91
CA VAL F 411 -29.65 31.33 -24.58
C VAL F 411 -29.15 29.88 -24.67
N GLN F 412 -28.03 29.60 -24.01
CA GLN F 412 -27.42 28.29 -24.04
C GLN F 412 -27.82 27.44 -22.83
N GLY F 413 -28.14 28.11 -21.73
CA GLY F 413 -28.66 27.44 -20.55
C GLY F 413 -28.70 28.41 -19.40
N ARG F 414 -29.29 27.99 -18.28
CA ARG F 414 -29.31 28.79 -17.08
C ARG F 414 -28.02 28.61 -16.31
N CYS F 415 -27.69 29.59 -15.48
CA CYS F 415 -26.58 29.45 -14.58
C CYS F 415 -26.89 30.28 -13.33
N THR F 416 -26.13 30.04 -12.27
CA THR F 416 -26.36 30.73 -11.01
C THR F 416 -25.18 31.62 -10.70
N VAL F 417 -25.42 32.92 -10.59
CA VAL F 417 -24.38 33.80 -10.08
C VAL F 417 -24.84 34.50 -8.80
N GLU F 418 -23.97 34.46 -7.79
CA GLU F 418 -24.29 34.97 -6.47
C GLU F 418 -23.29 35.98 -5.95
N TYR F 419 -23.79 36.94 -5.19
CA TYR F 419 -22.96 37.89 -4.49
C TYR F 419 -22.34 37.14 -3.32
N GLY F 420 -21.01 37.12 -3.27
CA GLY F 420 -20.30 36.38 -2.24
C GLY F 420 -20.79 36.67 -0.85
N GLU F 421 -20.70 37.95 -0.47
CA GLU F 421 -21.13 38.42 0.84
C GLU F 421 -22.51 37.94 1.22
N ASP F 422 -23.40 37.84 0.23
CA ASP F 422 -24.79 37.46 0.46
C ASP F 422 -24.96 35.98 0.81
N LEU F 423 -23.91 35.19 0.60
CA LEU F 423 -23.94 33.73 0.79
C LEU F 423 -24.00 33.28 2.26
N LEU F 424 -24.78 32.22 2.50
CA LEU F 424 -24.93 31.64 3.83
C LEU F 424 -24.01 30.41 4.04
N GLU F 425 -23.08 30.22 3.11
CA GLU F 425 -22.05 29.18 3.24
C GLU F 425 -20.73 29.71 2.70
N SER F 426 -19.71 28.87 2.68
CA SER F 426 -18.40 29.32 2.18
C SER F 426 -18.47 29.45 0.66
N ILE F 427 -17.68 30.36 0.11
CA ILE F 427 -17.58 30.47 -1.33
C ILE F 427 -17.26 29.10 -1.93
N GLN F 428 -16.20 28.47 -1.42
CA GLN F 428 -15.75 27.18 -1.94
C GLN F 428 -16.79 26.10 -1.66
N ASP F 429 -17.47 26.20 -0.53
CA ASP F 429 -18.53 25.22 -0.26
C ASP F 429 -19.62 25.38 -1.30
N TYR F 430 -19.96 26.62 -1.62
CA TYR F 430 -20.98 26.94 -2.61
C TYR F 430 -20.53 26.55 -4.01
N SER F 431 -19.31 26.95 -4.38
CA SER F 431 -18.74 26.59 -5.66
C SER F 431 -18.91 25.10 -5.90
N GLN F 432 -18.32 24.30 -5.02
CA GLN F 432 -18.31 22.84 -5.19
C GLN F 432 -19.73 22.27 -5.20
N GLY F 433 -20.65 22.98 -4.56
CA GLY F 433 -21.97 22.47 -4.29
C GLY F 433 -22.76 21.94 -5.48
N GLY F 434 -22.63 22.63 -6.60
CA GLY F 434 -23.38 22.26 -7.79
C GLY F 434 -22.78 22.79 -9.07
N PRO F 435 -23.26 22.28 -10.22
CA PRO F 435 -22.73 22.69 -11.52
C PRO F 435 -23.21 24.09 -11.87
N ASP F 436 -22.46 24.80 -12.71
CA ASP F 436 -22.87 26.12 -13.17
C ASP F 436 -23.07 27.10 -12.02
N ARG F 437 -22.02 27.32 -11.24
CA ARG F 437 -22.11 28.24 -10.11
C ARG F 437 -21.00 29.29 -10.10
N PHE F 438 -21.36 30.52 -10.45
CA PHE F 438 -20.43 31.64 -10.45
C PHE F 438 -20.76 32.62 -9.32
N TYR F 439 -19.80 33.50 -9.01
CA TYR F 439 -19.96 34.43 -7.90
C TYR F 439 -19.18 35.70 -8.18
N PHE F 440 -19.65 36.82 -7.66
CA PHE F 440 -18.93 38.08 -7.79
C PHE F 440 -18.81 38.77 -6.44
N LEU F 441 -17.72 39.52 -6.25
CA LEU F 441 -17.55 40.30 -5.03
C LEU F 441 -17.56 41.81 -5.31
N GLU F 442 -16.76 42.21 -6.29
CA GLU F 442 -16.74 43.61 -6.74
C GLU F 442 -17.52 43.77 -8.06
N ALA F 443 -17.69 45.02 -8.48
CA ALA F 443 -18.31 45.32 -9.76
C ALA F 443 -17.32 46.12 -10.61
N TYR F 444 -17.53 46.14 -11.93
CA TYR F 444 -16.60 46.80 -12.82
C TYR F 444 -17.10 48.14 -13.36
N ASN F 445 -16.16 49.06 -13.51
CA ASN F 445 -16.44 50.36 -14.10
C ASN F 445 -15.46 50.54 -15.23
N SER F 446 -15.86 50.13 -16.44
CA SER F 446 -14.98 50.15 -17.60
C SER F 446 -14.76 51.57 -18.10
N LYS F 447 -15.64 52.47 -17.72
CA LYS F 447 -15.50 53.87 -18.05
C LYS F 447 -14.32 54.47 -17.28
N THR F 448 -14.03 53.92 -16.11
CA THR F 448 -12.99 54.44 -15.21
C THR F 448 -11.83 53.47 -14.96
N LYS F 449 -12.04 52.19 -15.24
CA LYS F 449 -11.04 51.14 -14.99
C LYS F 449 -10.78 50.89 -13.50
N ASN F 450 -11.79 51.11 -12.66
CA ASN F 450 -11.69 50.88 -11.21
C ASN F 450 -12.73 49.90 -10.68
N PHE F 451 -12.37 49.14 -9.64
CA PHE F 451 -13.26 48.13 -9.08
C PHE F 451 -13.95 48.65 -7.84
N GLU F 452 -15.20 48.26 -7.63
CA GLU F 452 -15.97 48.81 -6.52
C GLU F 452 -17.07 47.89 -6.05
N ASP F 453 -17.48 48.04 -4.80
CA ASP F 453 -18.58 47.26 -4.28
C ASP F 453 -19.78 47.38 -5.21
N PRO F 454 -20.51 46.26 -5.41
CA PRO F 454 -21.70 46.19 -6.27
C PRO F 454 -22.88 46.99 -5.71
N PRO F 455 -23.73 47.52 -6.61
CA PRO F 455 -24.95 48.27 -6.30
C PRO F 455 -25.97 47.46 -5.52
N ASN F 456 -26.76 48.12 -4.66
CA ASN F 456 -27.76 47.40 -3.85
C ASN F 456 -28.75 46.63 -4.72
N HIS F 457 -28.99 47.16 -5.92
CA HIS F 457 -29.91 46.53 -6.86
C HIS F 457 -29.26 45.29 -7.47
N ALA F 458 -27.96 45.16 -7.24
CA ALA F 458 -27.17 44.05 -7.75
C ALA F 458 -27.03 42.90 -6.74
N ARG F 459 -27.92 42.88 -5.75
CA ARG F 459 -27.89 41.81 -4.76
C ARG F 459 -29.17 40.97 -4.79
N SER F 460 -29.13 39.83 -4.12
CA SER F 460 -30.31 38.97 -4.00
C SER F 460 -31.39 39.69 -3.20
N PRO F 461 -32.58 39.09 -3.06
CA PRO F 461 -33.73 39.67 -2.36
C PRO F 461 -33.38 40.48 -1.11
N GLY F 462 -32.34 40.07 -0.39
CA GLY F 462 -31.89 40.78 0.79
C GLY F 462 -30.62 41.60 0.55
N ASN F 463 -30.37 42.55 1.45
CA ASN F 463 -29.16 43.36 1.40
C ASN F 463 -28.60 43.66 2.79
N LYS F 464 -27.57 44.51 2.84
CA LYS F 464 -26.94 44.90 4.10
C LYS F 464 -26.34 43.70 4.84
N LYS F 490 -27.81 10.29 2.31
CA LYS F 490 -27.46 10.73 0.96
C LYS F 490 -27.83 9.68 -0.08
N LEU F 491 -27.02 9.59 -1.13
CA LEU F 491 -27.25 8.62 -2.21
C LEU F 491 -26.30 7.44 -2.07
N PRO F 492 -26.85 6.24 -1.84
CA PRO F 492 -26.10 4.98 -1.67
C PRO F 492 -25.10 4.79 -2.81
N LYS F 493 -23.89 4.35 -2.47
CA LYS F 493 -22.86 4.15 -3.47
C LYS F 493 -23.03 2.80 -4.17
N LEU F 494 -22.35 2.64 -5.29
CA LEU F 494 -22.38 1.40 -6.04
C LEU F 494 -21.15 0.56 -5.75
N ARG F 495 -21.36 -0.69 -5.35
CA ARG F 495 -20.26 -1.61 -5.17
C ARG F 495 -19.56 -1.79 -6.51
N THR F 496 -18.33 -1.30 -6.61
CA THR F 496 -17.64 -1.25 -7.89
C THR F 496 -16.51 -2.26 -7.98
N LEU F 497 -16.45 -2.99 -9.08
CA LEU F 497 -15.28 -3.77 -9.41
C LEU F 497 -14.52 -3.04 -10.50
N ASP F 498 -13.26 -2.71 -10.25
CA ASP F 498 -12.46 -2.00 -11.24
C ASP F 498 -11.37 -2.87 -11.87
N VAL F 499 -11.61 -3.30 -13.11
CA VAL F 499 -10.69 -4.17 -13.82
C VAL F 499 -9.68 -3.32 -14.59
N PHE F 500 -8.46 -3.81 -14.73
CA PHE F 500 -7.37 -3.03 -15.31
C PHE F 500 -7.35 -1.65 -14.66
N SER F 501 -7.24 -1.62 -13.34
CA SER F 501 -7.43 -0.40 -12.58
C SER F 501 -6.26 0.55 -12.70
N GLY F 502 -5.08 0.00 -12.94
CA GLY F 502 -3.87 0.79 -12.86
C GLY F 502 -3.80 1.39 -11.46
N CYS F 503 -3.18 2.56 -11.33
CA CYS F 503 -3.07 3.17 -10.01
C CYS F 503 -4.41 3.75 -9.60
N GLY F 504 -5.39 3.69 -10.49
CA GLY F 504 -6.76 4.00 -10.13
C GLY F 504 -7.30 5.41 -10.38
N GLY F 505 -6.90 6.02 -11.48
CA GLY F 505 -7.39 7.34 -11.86
C GLY F 505 -8.89 7.40 -12.07
N LEU F 506 -9.43 6.39 -12.74
CA LEU F 506 -10.85 6.32 -13.01
C LEU F 506 -11.65 6.22 -11.73
N SER F 507 -11.24 5.32 -10.84
CA SER F 507 -11.93 5.13 -9.57
C SER F 507 -11.90 6.40 -8.77
N GLU F 508 -10.76 7.10 -8.81
CA GLU F 508 -10.64 8.38 -8.14
C GLU F 508 -11.79 9.30 -8.56
N GLY F 509 -11.85 9.60 -9.86
CA GLY F 509 -12.91 10.43 -10.40
C GLY F 509 -14.28 9.99 -9.96
N PHE F 510 -14.52 8.69 -9.96
CA PHE F 510 -15.79 8.17 -9.50
C PHE F 510 -16.07 8.48 -8.03
N HIS F 511 -15.08 8.26 -7.17
CA HIS F 511 -15.23 8.52 -5.74
C HIS F 511 -15.54 10.00 -5.51
N GLN F 512 -14.88 10.86 -6.27
CA GLN F 512 -15.15 12.29 -6.22
C GLN F 512 -16.59 12.62 -6.64
N ALA F 513 -17.13 11.84 -7.57
CA ALA F 513 -18.54 12.00 -7.94
C ALA F 513 -19.44 11.34 -6.89
N GLY F 514 -18.83 10.55 -6.03
CA GLY F 514 -19.54 9.94 -4.92
C GLY F 514 -20.59 8.93 -5.31
N ILE F 515 -20.40 8.28 -6.45
CA ILE F 515 -21.37 7.32 -6.94
C ILE F 515 -20.97 5.88 -6.66
N SER F 516 -19.71 5.65 -6.31
CA SER F 516 -19.26 4.28 -6.09
C SER F 516 -18.31 4.12 -4.92
N GLU F 517 -18.21 2.89 -4.43
CA GLU F 517 -17.09 2.48 -3.59
C GLU F 517 -16.49 1.17 -4.11
N THR F 518 -15.25 1.27 -4.55
CA THR F 518 -14.56 0.13 -5.14
C THR F 518 -14.22 -0.89 -4.08
N LEU F 519 -14.85 -2.05 -4.13
CA LEU F 519 -14.53 -3.11 -3.20
C LEU F 519 -13.47 -4.05 -3.78
N TRP F 520 -13.36 -4.05 -5.10
CA TRP F 520 -12.45 -4.95 -5.79
C TRP F 520 -11.70 -4.22 -6.88
N ALA F 521 -10.51 -4.68 -7.19
CA ALA F 521 -9.73 -4.10 -8.25
C ALA F 521 -8.72 -5.12 -8.73
N ILE F 522 -8.57 -5.24 -10.04
CA ILE F 522 -7.64 -6.20 -10.62
C ILE F 522 -6.60 -5.44 -11.41
N GLU F 523 -5.34 -5.67 -11.09
CA GLU F 523 -4.25 -5.02 -11.78
C GLU F 523 -3.04 -5.94 -11.79
N MET F 524 -2.63 -6.39 -12.97
CA MET F 524 -1.57 -7.38 -13.10
C MET F 524 -0.20 -6.82 -12.72
N TRP F 525 0.03 -5.53 -12.94
CA TRP F 525 1.34 -4.91 -12.73
C TRP F 525 1.51 -4.50 -11.28
N ASP F 526 2.42 -5.16 -10.56
CA ASP F 526 2.55 -5.00 -9.10
C ASP F 526 2.65 -3.56 -8.58
N PRO F 527 3.49 -2.72 -9.21
CA PRO F 527 3.63 -1.33 -8.75
C PRO F 527 2.32 -0.54 -8.85
N ALA F 528 1.61 -0.70 -9.96
CA ALA F 528 0.31 -0.06 -10.11
C ALA F 528 -0.61 -0.56 -9.02
N ALA F 529 -0.69 -1.88 -8.88
CA ALA F 529 -1.58 -2.47 -7.90
C ALA F 529 -1.30 -1.91 -6.52
N GLN F 530 -0.02 -1.76 -6.18
CA GLN F 530 0.34 -1.19 -4.90
C GLN F 530 -0.24 0.20 -4.76
N ALA F 531 0.08 1.09 -5.70
CA ALA F 531 -0.45 2.45 -5.69
C ALA F 531 -1.95 2.48 -5.45
N PHE F 532 -2.68 1.60 -6.11
CA PHE F 532 -4.12 1.54 -5.88
C PHE F 532 -4.42 1.26 -4.40
N ARG F 533 -3.72 0.27 -3.85
CA ARG F 533 -3.85 -0.06 -2.44
C ARG F 533 -3.57 1.18 -1.61
N LEU F 534 -2.56 1.95 -2.02
CA LEU F 534 -2.15 3.11 -1.23
C LEU F 534 -3.18 4.25 -1.25
N ASN F 535 -4.15 4.18 -2.16
CA ASN F 535 -5.14 5.23 -2.23
C ASN F 535 -6.52 4.75 -1.83
N ASN F 536 -6.62 3.44 -1.61
CA ASN F 536 -7.90 2.81 -1.33
C ASN F 536 -7.78 1.73 -0.28
N PRO F 537 -7.95 2.12 0.99
CA PRO F 537 -7.66 1.26 2.13
C PRO F 537 -8.70 0.17 2.31
N GLY F 538 -9.84 0.30 1.64
CA GLY F 538 -10.96 -0.58 1.92
C GLY F 538 -11.34 -1.38 0.70
N THR F 539 -10.42 -1.49 -0.24
CA THR F 539 -10.67 -2.26 -1.45
C THR F 539 -9.65 -3.40 -1.62
N THR F 540 -10.17 -4.60 -1.83
CA THR F 540 -9.34 -5.77 -2.07
C THR F 540 -8.81 -5.70 -3.48
N VAL F 541 -7.50 -5.56 -3.61
CA VAL F 541 -6.86 -5.44 -4.90
C VAL F 541 -6.21 -6.73 -5.33
N PHE F 542 -6.82 -7.40 -6.30
CA PHE F 542 -6.27 -8.63 -6.85
C PHE F 542 -5.16 -8.36 -7.88
N THR F 543 -3.95 -8.76 -7.54
CA THR F 543 -2.76 -8.52 -8.35
C THR F 543 -2.47 -9.73 -9.22
N GLU F 544 -3.45 -10.11 -10.04
CA GLU F 544 -3.36 -11.31 -10.85
C GLU F 544 -3.83 -11.04 -12.27
N ASP F 545 -3.75 -12.06 -13.13
CA ASP F 545 -4.33 -11.94 -14.47
C ASP F 545 -5.84 -12.20 -14.37
N CYS F 546 -6.62 -11.31 -15.00
CA CYS F 546 -8.07 -11.34 -14.85
C CYS F 546 -8.70 -12.65 -15.32
N ASN F 547 -8.07 -13.28 -16.32
CA ASN F 547 -8.59 -14.53 -16.88
C ASN F 547 -8.61 -15.62 -15.83
N VAL F 548 -7.44 -15.90 -15.27
CA VAL F 548 -7.31 -16.92 -14.23
C VAL F 548 -8.16 -16.58 -13.01
N LEU F 549 -8.33 -15.29 -12.75
CA LEU F 549 -9.15 -14.85 -11.63
C LEU F 549 -10.61 -15.22 -11.86
N LEU F 550 -11.11 -14.92 -13.05
CA LEU F 550 -12.51 -15.20 -13.40
C LEU F 550 -12.78 -16.69 -13.35
N LYS F 551 -11.82 -17.48 -13.83
CA LYS F 551 -12.00 -18.92 -13.88
C LYS F 551 -12.31 -19.47 -12.48
N LEU F 552 -11.54 -19.02 -11.49
CA LEU F 552 -11.73 -19.43 -10.10
C LEU F 552 -13.14 -19.14 -9.59
N VAL F 553 -13.60 -17.90 -9.77
CA VAL F 553 -14.93 -17.53 -9.29
C VAL F 553 -16.01 -18.32 -10.04
N MET F 554 -15.67 -18.80 -11.23
CA MET F 554 -16.57 -19.69 -11.97
C MET F 554 -16.41 -21.14 -11.51
N ALA F 555 -15.19 -21.50 -11.11
CA ALA F 555 -14.91 -22.82 -10.55
C ALA F 555 -15.53 -23.01 -9.16
N GLY F 556 -16.46 -22.13 -8.78
CA GLY F 556 -17.15 -22.24 -7.50
C GLY F 556 -16.34 -21.72 -6.32
N GLU F 557 -15.06 -21.49 -6.56
CA GLU F 557 -14.14 -20.98 -5.55
C GLU F 557 -14.69 -19.75 -4.85
N VAL F 558 -14.25 -19.53 -3.63
CA VAL F 558 -14.68 -18.38 -2.85
C VAL F 558 -13.52 -17.44 -2.59
N THR F 559 -12.31 -17.99 -2.64
CA THR F 559 -11.11 -17.23 -2.34
C THR F 559 -10.01 -17.60 -3.32
N ASN F 560 -8.98 -16.77 -3.40
CA ASN F 560 -7.80 -17.11 -4.19
C ASN F 560 -6.74 -17.77 -3.31
N SER F 561 -5.54 -17.96 -3.85
CA SER F 561 -4.50 -18.66 -3.09
C SER F 561 -3.97 -17.80 -1.96
N LEU F 562 -4.31 -16.52 -1.98
CA LEU F 562 -3.86 -15.60 -0.93
C LEU F 562 -4.93 -15.38 0.12
N GLY F 563 -6.06 -16.05 -0.05
CA GLY F 563 -7.17 -15.89 0.87
C GLY F 563 -7.77 -14.50 0.81
N GLN F 564 -8.08 -14.05 -0.40
CA GLN F 564 -8.81 -12.80 -0.60
C GLN F 564 -10.20 -13.15 -1.11
N ARG F 565 -11.25 -12.64 -0.45
CA ARG F 565 -12.60 -13.01 -0.85
C ARG F 565 -13.00 -12.49 -2.25
N LEU F 566 -13.06 -13.41 -3.21
CA LEU F 566 -13.57 -13.12 -4.56
C LEU F 566 -14.96 -12.46 -4.53
N PRO F 567 -15.29 -11.68 -5.57
CA PRO F 567 -16.60 -11.05 -5.72
C PRO F 567 -17.61 -12.02 -6.29
N GLN F 568 -18.83 -12.01 -5.79
CA GLN F 568 -19.84 -12.95 -6.25
C GLN F 568 -21.04 -12.22 -6.83
N LYS F 569 -21.88 -12.97 -7.55
CA LYS F 569 -23.04 -12.38 -8.21
C LYS F 569 -23.94 -11.65 -7.21
N GLY F 570 -24.13 -10.36 -7.42
CA GLY F 570 -24.94 -9.55 -6.54
C GLY F 570 -24.06 -8.59 -5.77
N ASP F 571 -22.81 -9.00 -5.55
CA ASP F 571 -21.84 -8.12 -4.92
C ASP F 571 -21.61 -6.94 -5.83
N VAL F 572 -21.14 -7.23 -7.05
CA VAL F 572 -20.81 -6.20 -8.01
C VAL F 572 -22.04 -5.50 -8.56
N GLU F 573 -22.12 -4.19 -8.32
CA GLU F 573 -23.18 -3.34 -8.85
C GLU F 573 -22.63 -2.51 -10.01
N MET F 574 -21.33 -2.53 -10.20
CA MET F 574 -20.72 -1.73 -11.25
C MET F 574 -19.37 -2.23 -11.74
N LEU F 575 -19.23 -2.29 -13.06
CA LEU F 575 -17.99 -2.68 -13.70
C LEU F 575 -17.39 -1.49 -14.42
N CYS F 576 -16.08 -1.34 -14.35
CA CYS F 576 -15.40 -0.32 -15.12
C CYS F 576 -13.93 -0.67 -15.31
N GLY F 577 -13.49 -0.70 -16.57
CA GLY F 577 -12.15 -1.12 -16.89
C GLY F 577 -11.53 -0.36 -18.05
N GLY F 578 -10.24 -0.60 -18.27
CA GLY F 578 -9.53 0.03 -19.37
C GLY F 578 -8.69 -0.99 -20.08
N PRO F 579 -9.33 -2.06 -20.58
CA PRO F 579 -8.58 -3.18 -21.17
C PRO F 579 -7.76 -2.71 -22.37
N PRO F 580 -6.44 -2.90 -22.33
CA PRO F 580 -5.53 -2.45 -23.40
C PRO F 580 -5.72 -3.22 -24.71
N CYS F 581 -5.85 -2.48 -25.82
CA CYS F 581 -6.06 -3.08 -27.14
C CYS F 581 -4.77 -3.23 -27.95
N GLN F 582 -3.66 -2.83 -27.34
CA GLN F 582 -2.34 -2.99 -27.95
C GLN F 582 -2.04 -4.47 -28.28
N GLY F 583 -2.89 -5.37 -27.80
CA GLY F 583 -2.70 -6.79 -28.04
C GLY F 583 -3.03 -7.22 -29.47
N PHE F 584 -3.75 -6.37 -30.18
CA PHE F 584 -4.34 -6.76 -31.47
C PHE F 584 -4.93 -5.55 -32.19
N SER F 585 -4.32 -4.38 -32.00
CA SER F 585 -4.87 -3.13 -32.55
C SER F 585 -4.43 -2.88 -34.00
N GLY F 586 -5.40 -2.71 -34.89
CA GLY F 586 -5.12 -2.46 -36.29
C GLY F 586 -6.34 -1.99 -37.06
N MET F 587 -6.10 -1.32 -38.18
CA MET F 587 -7.19 -0.74 -38.98
C MET F 587 -7.70 -1.64 -40.10
N ASN F 588 -6.93 -2.67 -40.45
CA ASN F 588 -7.35 -3.64 -41.47
C ASN F 588 -8.42 -4.59 -40.96
N ARG F 589 -9.23 -5.12 -41.87
CA ARG F 589 -10.30 -6.05 -41.48
C ARG F 589 -9.80 -7.26 -40.71
N PHE F 590 -10.73 -8.01 -40.13
CA PHE F 590 -10.41 -9.24 -39.42
C PHE F 590 -10.11 -10.39 -40.38
N ASN F 591 -9.23 -11.30 -39.97
CA ASN F 591 -8.99 -12.55 -40.70
C ASN F 591 -8.90 -13.76 -39.76
N SER F 592 -9.08 -14.96 -40.33
CA SER F 592 -9.14 -16.21 -39.57
C SER F 592 -8.35 -16.19 -38.26
N ARG F 593 -7.04 -15.95 -38.36
CA ARG F 593 -6.17 -16.04 -37.18
C ARG F 593 -5.94 -14.70 -36.47
N THR F 594 -6.35 -13.60 -37.10
CA THR F 594 -6.29 -12.28 -36.46
C THR F 594 -7.54 -12.06 -35.61
N TYR F 595 -8.64 -12.68 -36.03
CA TYR F 595 -9.88 -12.63 -35.28
C TYR F 595 -9.80 -13.55 -34.07
N SER F 596 -9.00 -14.60 -34.18
CA SER F 596 -8.74 -15.51 -33.06
C SER F 596 -8.00 -14.75 -31.97
N LYS F 597 -7.04 -13.93 -32.37
CA LYS F 597 -6.23 -13.16 -31.41
C LYS F 597 -7.08 -12.08 -30.73
N PHE F 598 -8.28 -11.85 -31.25
CA PHE F 598 -9.20 -10.91 -30.63
C PHE F 598 -10.23 -11.63 -29.76
N LYS F 599 -10.35 -12.95 -29.91
CA LYS F 599 -11.22 -13.69 -29.01
C LYS F 599 -10.51 -13.90 -27.68
N ASN F 600 -9.18 -13.96 -27.72
CA ASN F 600 -8.37 -14.13 -26.52
C ASN F 600 -7.97 -12.81 -25.89
N SER F 601 -8.65 -11.75 -26.30
CA SER F 601 -8.33 -10.39 -25.89
C SER F 601 -8.91 -10.02 -24.53
N LEU F 602 -8.20 -9.15 -23.85
CA LEU F 602 -8.62 -8.63 -22.55
C LEU F 602 -9.92 -7.85 -22.67
N VAL F 603 -10.20 -7.32 -23.86
CA VAL F 603 -11.45 -6.60 -24.07
C VAL F 603 -12.60 -7.59 -24.10
N VAL F 604 -12.30 -8.83 -24.42
CA VAL F 604 -13.31 -9.87 -24.42
C VAL F 604 -13.49 -10.41 -23.00
N SER F 605 -12.36 -10.62 -22.32
CA SER F 605 -12.33 -11.07 -20.93
C SER F 605 -13.13 -10.12 -20.06
N PHE F 606 -12.95 -8.83 -20.29
CA PHE F 606 -13.70 -7.79 -19.57
C PHE F 606 -15.18 -7.88 -19.89
N LEU F 607 -15.49 -8.28 -21.12
CA LEU F 607 -16.89 -8.47 -21.51
C LEU F 607 -17.47 -9.68 -20.77
N SER F 608 -16.68 -10.74 -20.64
CA SER F 608 -17.08 -11.90 -19.86
C SER F 608 -17.38 -11.53 -18.40
N TYR F 609 -16.58 -10.64 -17.82
CA TYR F 609 -16.87 -10.12 -16.50
C TYR F 609 -18.25 -9.48 -16.47
N CYS F 610 -18.61 -8.81 -17.56
CA CYS F 610 -19.91 -8.16 -17.64
C CYS F 610 -21.01 -9.21 -17.71
N ASP F 611 -20.76 -10.25 -18.49
CA ASP F 611 -21.73 -11.30 -18.70
C ASP F 611 -22.00 -12.07 -17.41
N TYR F 612 -20.93 -12.41 -16.69
CA TYR F 612 -21.05 -13.15 -15.45
C TYR F 612 -21.70 -12.34 -14.33
N TYR F 613 -21.19 -11.14 -14.06
CA TYR F 613 -21.64 -10.37 -12.90
C TYR F 613 -22.94 -9.59 -13.10
N ARG F 614 -23.21 -9.19 -14.33
CA ARG F 614 -24.43 -8.47 -14.68
C ARG F 614 -24.66 -7.25 -13.81
N PRO F 615 -23.71 -6.30 -13.84
CA PRO F 615 -23.75 -5.07 -13.04
C PRO F 615 -24.94 -4.20 -13.38
N ARG F 616 -25.29 -3.27 -12.51
CA ARG F 616 -26.34 -2.32 -12.85
C ARG F 616 -25.84 -1.35 -13.93
N PHE F 617 -24.54 -1.07 -13.92
CA PHE F 617 -23.93 -0.18 -14.90
C PHE F 617 -22.58 -0.72 -15.37
N PHE F 618 -22.18 -0.35 -16.57
CA PHE F 618 -20.98 -0.89 -17.17
C PHE F 618 -20.20 0.21 -17.86
N LEU F 619 -18.89 0.19 -17.72
CA LEU F 619 -18.06 1.22 -18.31
C LEU F 619 -16.78 0.61 -18.86
N LEU F 620 -16.65 0.64 -20.18
CA LEU F 620 -15.42 0.26 -20.82
C LEU F 620 -14.83 1.53 -21.40
N GLU F 621 -13.66 1.92 -20.91
CA GLU F 621 -12.98 3.11 -21.41
C GLU F 621 -11.70 2.73 -22.11
N ASN F 622 -11.41 3.39 -23.23
CA ASN F 622 -10.21 3.09 -24.00
C ASN F 622 -9.71 4.31 -24.74
N VAL F 623 -8.59 4.15 -25.46
CA VAL F 623 -8.06 5.19 -26.35
C VAL F 623 -9.15 5.60 -27.33
N ARG F 624 -8.86 6.50 -28.27
CA ARG F 624 -9.88 6.85 -29.26
C ARG F 624 -10.00 5.84 -30.39
N ASN F 625 -8.87 5.27 -30.81
CA ASN F 625 -8.86 4.38 -31.96
C ASN F 625 -9.69 3.12 -31.80
N PHE F 626 -10.08 2.82 -30.57
CA PHE F 626 -10.95 1.70 -30.30
C PHE F 626 -12.16 1.69 -31.23
N VAL F 627 -12.64 2.88 -31.58
CA VAL F 627 -13.87 2.97 -32.36
C VAL F 627 -13.64 2.71 -33.85
N SER F 628 -12.38 2.56 -34.25
CA SER F 628 -12.09 2.35 -35.66
C SER F 628 -11.18 1.15 -35.95
N TYR F 629 -10.56 0.59 -34.91
CA TYR F 629 -9.76 -0.61 -35.07
C TYR F 629 -10.54 -1.61 -35.91
N ARG F 630 -9.88 -2.22 -36.88
CA ARG F 630 -10.48 -3.29 -37.65
C ARG F 630 -11.74 -2.80 -38.34
N ARG F 631 -11.68 -1.59 -38.89
CA ARG F 631 -12.84 -1.02 -39.56
C ARG F 631 -14.06 -1.05 -38.64
N SER F 632 -13.85 -0.70 -37.39
CA SER F 632 -14.93 -0.55 -36.41
C SER F 632 -15.54 -1.87 -35.93
N MET F 633 -14.91 -2.99 -36.24
CA MET F 633 -15.47 -4.26 -35.81
C MET F 633 -15.41 -4.42 -34.30
N VAL F 634 -14.23 -4.16 -33.74
CA VAL F 634 -14.05 -4.18 -32.30
C VAL F 634 -15.16 -3.39 -31.62
N LEU F 635 -15.48 -2.22 -32.16
CA LEU F 635 -16.56 -1.44 -31.60
C LEU F 635 -17.91 -2.09 -31.86
N LYS F 636 -18.15 -2.49 -33.09
CA LYS F 636 -19.43 -3.08 -33.46
C LYS F 636 -19.68 -4.38 -32.70
N LEU F 637 -18.61 -5.10 -32.36
CA LEU F 637 -18.75 -6.39 -31.68
C LEU F 637 -19.04 -6.28 -30.19
N THR F 638 -18.37 -5.37 -29.50
CA THR F 638 -18.59 -5.26 -28.07
C THR F 638 -19.95 -4.63 -27.80
N LEU F 639 -20.36 -3.72 -28.67
CA LEU F 639 -21.74 -3.22 -28.61
C LEU F 639 -22.73 -4.35 -28.85
N ARG F 640 -22.40 -5.25 -29.79
CA ARG F 640 -23.27 -6.39 -30.12
C ARG F 640 -23.42 -7.35 -28.95
N CYS F 641 -22.35 -7.55 -28.20
CA CYS F 641 -22.39 -8.46 -27.06
C CYS F 641 -23.23 -7.90 -25.92
N LEU F 642 -23.10 -6.60 -25.68
CA LEU F 642 -23.87 -5.95 -24.63
C LEU F 642 -25.35 -6.09 -24.91
N VAL F 643 -25.73 -5.92 -26.17
CA VAL F 643 -27.13 -6.04 -26.56
C VAL F 643 -27.59 -7.51 -26.59
N ARG F 644 -26.74 -8.41 -27.10
CA ARG F 644 -27.07 -9.81 -26.99
C ARG F 644 -27.44 -10.10 -25.54
N MET F 645 -26.72 -9.46 -24.62
CA MET F 645 -26.96 -9.66 -23.19
C MET F 645 -28.19 -8.90 -22.71
N GLY F 646 -28.77 -8.09 -23.56
CA GLY F 646 -29.97 -7.34 -23.20
C GLY F 646 -29.68 -6.00 -22.53
N TYR F 647 -28.41 -5.59 -22.57
CA TYR F 647 -27.99 -4.33 -22.00
C TYR F 647 -28.37 -3.13 -22.85
N GLN F 648 -28.78 -2.06 -22.19
CA GLN F 648 -28.91 -0.77 -22.86
C GLN F 648 -27.52 -0.18 -22.96
N CYS F 649 -27.05 0.08 -24.15
CA CYS F 649 -25.72 0.66 -24.24
C CYS F 649 -25.62 1.86 -25.14
N THR F 650 -24.40 2.30 -25.36
CA THR F 650 -24.14 3.41 -26.23
C THR F 650 -22.65 3.60 -26.24
N PHE F 651 -22.18 4.63 -26.92
CA PHE F 651 -20.77 4.92 -26.96
C PHE F 651 -20.56 6.36 -27.41
N GLY F 652 -19.34 6.86 -27.21
CA GLY F 652 -18.97 8.18 -27.63
C GLY F 652 -17.49 8.42 -27.44
N VAL F 653 -17.05 9.61 -27.84
CA VAL F 653 -15.67 10.01 -27.65
C VAL F 653 -15.64 11.26 -26.80
N LEU F 654 -14.78 11.25 -25.79
CA LEU F 654 -14.65 12.43 -24.95
C LEU F 654 -13.24 13.00 -25.02
N GLN F 655 -13.15 14.32 -24.87
CA GLN F 655 -11.86 15.00 -24.79
C GLN F 655 -11.62 15.45 -23.36
N ALA F 656 -10.63 14.83 -22.71
CA ALA F 656 -10.32 15.10 -21.33
C ALA F 656 -10.25 16.60 -21.09
N GLY F 657 -9.48 17.28 -21.94
CA GLY F 657 -9.30 18.73 -21.85
C GLY F 657 -10.57 19.51 -21.55
N GLN F 658 -11.69 19.06 -22.10
CA GLN F 658 -12.94 19.78 -21.92
C GLN F 658 -13.50 19.67 -20.52
N TYR F 659 -12.84 18.91 -19.65
CA TYR F 659 -13.36 18.69 -18.30
C TYR F 659 -12.44 19.17 -17.21
N GLY F 660 -11.43 19.96 -17.57
CA GLY F 660 -10.63 20.66 -16.60
C GLY F 660 -9.19 20.22 -16.54
N VAL F 661 -8.59 19.98 -17.70
CA VAL F 661 -7.21 19.55 -17.75
C VAL F 661 -6.44 20.28 -18.86
N ALA F 662 -5.15 20.49 -18.66
CA ALA F 662 -4.29 21.12 -19.65
C ALA F 662 -3.55 20.04 -20.43
N GLN F 663 -4.34 19.17 -21.04
CA GLN F 663 -3.78 18.08 -21.81
C GLN F 663 -4.82 17.67 -22.83
N THR F 664 -4.37 17.33 -24.04
CA THR F 664 -5.27 16.79 -25.05
C THR F 664 -5.27 15.28 -24.87
N ARG F 665 -6.44 14.68 -24.86
CA ARG F 665 -6.57 13.26 -24.58
C ARG F 665 -7.97 12.84 -24.92
N ARG F 666 -8.12 12.11 -26.03
CA ARG F 666 -9.43 11.64 -26.43
C ARG F 666 -9.55 10.18 -26.05
N ARG F 667 -10.65 9.81 -25.41
CA ARG F 667 -10.88 8.42 -25.12
C ARG F 667 -12.25 8.03 -25.62
N ALA F 668 -12.38 6.79 -26.05
CA ALA F 668 -13.68 6.24 -26.37
C ALA F 668 -14.21 5.60 -25.11
N ILE F 669 -15.41 5.95 -24.71
CA ILE F 669 -16.03 5.24 -23.62
C ILE F 669 -17.30 4.62 -24.16
N ILE F 670 -17.62 3.42 -23.69
CA ILE F 670 -18.88 2.81 -24.05
C ILE F 670 -19.63 2.50 -22.75
N LEU F 671 -20.87 2.96 -22.67
CA LEU F 671 -21.65 2.82 -21.45
C LEU F 671 -22.77 1.78 -21.61
N ALA F 672 -22.94 0.95 -20.59
CA ALA F 672 -24.07 0.02 -20.58
C ALA F 672 -24.87 0.22 -19.30
N ALA F 673 -26.08 -0.33 -19.27
CA ALA F 673 -26.92 -0.24 -18.09
C ALA F 673 -28.00 -1.31 -18.12
N ALA F 674 -27.99 -2.15 -17.09
CA ALA F 674 -29.02 -3.18 -16.91
C ALA F 674 -30.43 -2.65 -17.17
N PRO F 675 -31.32 -3.54 -17.61
CA PRO F 675 -32.72 -3.28 -17.96
C PRO F 675 -33.42 -2.23 -17.11
N GLY F 676 -33.58 -2.48 -15.82
CA GLY F 676 -34.36 -1.61 -14.97
C GLY F 676 -33.86 -0.17 -14.87
N GLU F 677 -32.67 0.09 -15.39
CA GLU F 677 -32.01 1.38 -15.15
C GLU F 677 -32.20 2.41 -16.27
N LYS F 678 -31.51 3.53 -16.13
CA LYS F 678 -31.50 4.59 -17.14
C LYS F 678 -30.11 4.79 -17.71
N LEU F 679 -29.88 4.32 -18.93
CA LEU F 679 -28.65 4.62 -19.65
C LEU F 679 -28.33 6.11 -19.49
N PRO F 680 -27.15 6.42 -18.96
CA PRO F 680 -26.73 7.79 -18.68
C PRO F 680 -26.36 8.57 -19.95
N LEU F 681 -26.51 9.88 -19.89
CA LEU F 681 -26.08 10.76 -20.97
C LEU F 681 -24.58 10.96 -20.86
N PHE F 682 -23.99 11.70 -21.78
CA PHE F 682 -22.58 12.02 -21.70
C PHE F 682 -22.40 13.41 -21.10
N PRO F 683 -21.32 13.59 -20.34
CA PRO F 683 -21.06 14.87 -19.65
C PRO F 683 -20.86 16.01 -20.64
N GLU F 684 -21.61 17.10 -20.48
CA GLU F 684 -21.38 18.29 -21.30
C GLU F 684 -20.05 18.95 -20.91
N PRO F 685 -19.26 19.38 -21.90
CA PRO F 685 -17.95 19.99 -21.64
C PRO F 685 -18.05 21.14 -20.66
N LEU F 686 -17.00 21.33 -19.86
CA LEU F 686 -16.98 22.38 -18.87
C LEU F 686 -16.07 23.52 -19.29
N HIS F 687 -14.92 23.17 -19.84
CA HIS F 687 -13.96 24.18 -20.26
C HIS F 687 -13.88 24.25 -21.77
N VAL F 688 -13.60 25.43 -22.29
CA VAL F 688 -13.37 25.55 -23.72
C VAL F 688 -11.99 24.98 -23.99
N PHE F 689 -11.80 24.48 -25.21
CA PHE F 689 -10.57 23.80 -25.57
C PHE F 689 -10.33 23.89 -27.08
N ALA F 690 -9.05 23.89 -27.47
CA ALA F 690 -8.68 23.94 -28.88
C ALA F 690 -9.52 22.97 -29.72
N PRO F 691 -10.15 23.48 -30.79
CA PRO F 691 -11.12 22.74 -31.58
C PRO F 691 -10.47 21.64 -32.39
N ARG F 692 -9.25 21.88 -32.86
CA ARG F 692 -8.53 20.88 -33.64
C ARG F 692 -8.56 19.54 -32.89
N ALA F 693 -8.70 19.64 -31.58
CA ALA F 693 -8.58 18.50 -30.69
C ALA F 693 -9.94 18.04 -30.16
N CYS F 694 -11.01 18.68 -30.61
CA CYS F 694 -12.35 18.32 -30.14
C CYS F 694 -13.15 17.63 -31.25
N GLN F 695 -12.48 16.78 -32.01
CA GLN F 695 -13.16 15.98 -33.02
C GLN F 695 -13.77 14.73 -32.37
N LEU F 696 -15.01 14.85 -31.94
CA LEU F 696 -15.61 13.83 -31.09
C LEU F 696 -16.47 12.86 -31.86
N SER F 697 -16.96 13.28 -33.03
CA SER F 697 -17.83 12.43 -33.83
C SER F 697 -17.03 11.27 -34.40
N VAL F 698 -17.66 10.11 -34.47
CA VAL F 698 -17.01 8.90 -34.97
C VAL F 698 -17.80 8.39 -36.17
N VAL F 699 -17.11 7.78 -37.12
CA VAL F 699 -17.76 7.30 -38.33
C VAL F 699 -17.52 5.81 -38.56
N VAL F 700 -18.59 5.03 -38.49
CA VAL F 700 -18.52 3.61 -38.76
C VAL F 700 -19.46 3.29 -39.92
N ASP F 701 -18.94 2.52 -40.89
CA ASP F 701 -19.69 2.14 -42.08
C ASP F 701 -20.35 3.34 -42.74
N ASP F 702 -19.55 4.39 -42.91
CA ASP F 702 -19.98 5.60 -43.61
C ASP F 702 -21.25 6.22 -43.02
N LYS F 703 -21.27 6.35 -41.69
CA LYS F 703 -22.33 7.04 -40.99
C LYS F 703 -21.75 7.85 -39.84
N LYS F 704 -22.22 9.09 -39.69
CA LYS F 704 -21.71 9.96 -38.65
C LYS F 704 -22.51 9.77 -37.37
N PHE F 705 -21.79 9.44 -36.30
CA PHE F 705 -22.38 9.31 -34.98
C PHE F 705 -21.81 10.37 -34.07
N VAL F 706 -22.65 10.91 -33.19
CA VAL F 706 -22.18 11.88 -32.21
C VAL F 706 -22.73 11.53 -30.83
N SER F 707 -22.11 12.08 -29.80
CA SER F 707 -22.68 11.98 -28.47
C SER F 707 -23.75 13.05 -28.29
N ASN F 708 -24.61 12.85 -27.31
CA ASN F 708 -25.68 13.80 -27.01
C ASN F 708 -25.16 15.20 -26.69
N ILE F 709 -23.85 15.33 -26.58
CA ILE F 709 -23.23 16.61 -26.24
C ILE F 709 -23.75 17.76 -27.11
N THR F 710 -24.16 18.82 -26.44
CA THR F 710 -24.67 20.02 -27.07
C THR F 710 -23.58 21.07 -27.19
N ARG F 711 -22.80 21.23 -26.11
CA ARG F 711 -21.74 22.22 -26.11
C ARG F 711 -20.65 21.91 -27.12
N LEU F 712 -20.90 22.23 -28.38
CA LEU F 712 -19.94 21.93 -29.43
C LEU F 712 -18.86 22.99 -29.57
N SER F 713 -19.24 24.26 -29.56
CA SER F 713 -18.24 25.33 -29.64
C SER F 713 -17.76 25.87 -28.28
N SER F 714 -18.67 26.37 -27.45
CA SER F 714 -18.25 27.07 -26.25
C SER F 714 -18.41 26.25 -24.96
N GLY F 715 -18.10 26.88 -23.83
CA GLY F 715 -18.27 26.28 -22.52
C GLY F 715 -18.32 27.34 -21.42
N PRO F 716 -18.70 26.93 -20.20
CA PRO F 716 -18.78 27.76 -19.00
C PRO F 716 -17.44 28.31 -18.52
N PHE F 717 -16.38 27.51 -18.54
CA PHE F 717 -15.12 27.97 -17.98
C PHE F 717 -14.03 28.12 -19.02
N ARG F 718 -12.98 28.85 -18.65
CA ARG F 718 -11.84 29.03 -19.53
C ARG F 718 -11.00 27.77 -19.62
N THR F 719 -10.14 27.70 -20.63
CA THR F 719 -9.28 26.54 -20.82
C THR F 719 -8.19 26.54 -19.74
N ILE F 720 -7.81 25.35 -19.27
CA ILE F 720 -6.76 25.23 -18.27
C ILE F 720 -5.39 25.16 -18.95
N THR F 721 -4.48 26.05 -18.58
CA THR F 721 -3.18 26.13 -19.25
C THR F 721 -2.07 25.34 -18.56
N VAL F 722 -0.93 25.22 -19.24
CA VAL F 722 0.24 24.61 -18.65
C VAL F 722 0.68 25.47 -17.47
N ARG F 723 0.37 26.75 -17.53
CA ARG F 723 0.66 27.67 -16.45
C ARG F 723 -0.22 27.36 -15.23
N ASP F 724 -1.53 27.40 -15.42
CA ASP F 724 -2.47 27.08 -14.36
C ASP F 724 -2.08 25.80 -13.64
N THR F 725 -1.49 24.87 -14.38
CA THR F 725 -1.25 23.53 -13.83
C THR F 725 0.03 23.41 -13.04
N MET F 726 1.10 24.06 -13.47
CA MET F 726 2.39 23.81 -12.83
C MET F 726 3.26 25.04 -12.53
N SER F 727 2.66 26.22 -12.54
CA SER F 727 3.42 27.44 -12.33
C SER F 727 3.99 27.54 -10.92
N ASP F 728 3.36 26.83 -9.98
CA ASP F 728 3.65 27.01 -8.56
C ASP F 728 4.79 26.16 -8.02
N LEU F 729 5.33 25.25 -8.84
CA LEU F 729 6.33 24.31 -8.35
C LEU F 729 7.77 24.85 -8.38
N PRO F 730 8.51 24.60 -7.31
CA PRO F 730 9.90 25.03 -7.12
C PRO F 730 10.78 24.58 -8.27
N GLU F 731 11.63 25.48 -8.74
CA GLU F 731 12.58 25.11 -9.78
C GLU F 731 13.39 23.89 -9.35
N ILE F 732 13.66 22.98 -10.30
CA ILE F 732 14.54 21.84 -10.05
C ILE F 732 15.50 21.58 -11.21
N GLN F 733 16.44 20.68 -10.99
CA GLN F 733 17.48 20.39 -11.96
C GLN F 733 17.31 19.00 -12.56
N ASN F 734 17.81 18.80 -13.77
CA ASN F 734 17.81 17.49 -14.39
C ASN F 734 18.30 16.42 -13.40
N GLY F 735 17.53 15.34 -13.25
CA GLY F 735 17.93 14.27 -12.36
C GLY F 735 17.47 14.45 -10.93
N ALA F 736 16.92 15.63 -10.62
CA ALA F 736 16.39 15.90 -9.30
C ALA F 736 15.68 14.69 -8.74
N SER F 737 16.15 14.16 -7.62
CA SER F 737 15.64 12.90 -7.11
C SER F 737 15.02 12.99 -5.71
N ASN F 738 14.79 14.21 -5.22
CA ASN F 738 14.27 14.43 -3.87
C ASN F 738 12.77 14.25 -3.78
N SER F 739 12.33 13.17 -3.14
CA SER F 739 10.92 12.79 -3.20
C SER F 739 10.03 13.63 -2.31
N GLU F 740 10.66 14.41 -1.44
CA GLU F 740 9.94 15.37 -0.61
C GLU F 740 10.70 16.67 -0.52
N ILE F 741 10.04 17.74 -0.94
CA ILE F 741 10.56 19.09 -0.80
C ILE F 741 9.40 19.93 -0.36
N PRO F 742 9.66 21.16 0.11
CA PRO F 742 8.54 22.02 0.51
C PRO F 742 7.94 22.72 -0.69
N TYR F 743 6.63 22.91 -0.67
CA TYR F 743 6.03 23.88 -1.56
C TYR F 743 6.57 25.19 -1.04
N ASN F 744 7.53 25.77 -1.73
CA ASN F 744 8.00 27.07 -1.28
C ASN F 744 7.16 28.19 -1.88
N GLY F 745 5.97 28.37 -1.30
CA GLY F 745 5.03 29.34 -1.79
C GLY F 745 3.64 28.78 -1.77
N GLU F 746 2.65 29.66 -1.86
CA GLU F 746 1.25 29.26 -1.87
C GLU F 746 0.78 28.93 -3.29
N PRO F 747 -0.43 28.36 -3.43
CA PRO F 747 -1.03 28.10 -4.73
C PRO F 747 -1.29 29.39 -5.51
N LEU F 748 -1.00 29.36 -6.81
CA LEU F 748 -1.10 30.53 -7.68
C LEU F 748 -2.20 30.39 -8.73
N SER F 749 -3.17 29.52 -8.49
CA SER F 749 -4.17 29.23 -9.51
C SER F 749 -5.35 28.53 -8.91
N TRP F 750 -6.53 28.70 -9.49
CA TRP F 750 -7.69 28.00 -9.00
C TRP F 750 -7.41 26.52 -9.14
N PHE F 751 -6.75 26.15 -10.23
CA PHE F 751 -6.47 24.75 -10.50
C PHE F 751 -5.54 24.19 -9.44
N GLN F 752 -4.48 24.92 -9.16
CA GLN F 752 -3.54 24.55 -8.10
C GLN F 752 -4.23 24.49 -6.73
N ARG F 753 -5.10 25.44 -6.44
CA ARG F 753 -5.81 25.44 -5.17
C ARG F 753 -6.77 24.25 -5.00
N GLN F 754 -7.12 23.60 -6.10
CA GLN F 754 -8.00 22.44 -6.06
C GLN F 754 -7.22 21.16 -5.80
N LEU F 755 -6.12 21.00 -6.52
CA LEU F 755 -5.30 19.81 -6.38
C LEU F 755 -4.47 19.85 -5.10
N ARG F 756 -4.52 20.96 -4.37
CA ARG F 756 -3.77 21.09 -3.13
C ARG F 756 -4.69 21.13 -1.91
N GLY F 757 -5.94 21.54 -2.14
CA GLY F 757 -6.89 21.63 -1.04
C GLY F 757 -6.61 22.81 -0.11
N SER F 758 -7.57 23.14 0.73
CA SER F 758 -7.42 24.26 1.66
C SER F 758 -6.73 23.84 2.95
N HIS F 759 -6.64 22.52 3.16
CA HIS F 759 -5.91 21.98 4.30
C HIS F 759 -4.41 22.24 4.16
N TYR F 760 -3.76 22.53 5.27
CA TYR F 760 -2.33 22.86 5.29
C TYR F 760 -1.47 21.62 5.05
N GLN F 761 -0.61 21.70 4.04
CA GLN F 761 0.26 20.59 3.67
C GLN F 761 1.53 21.12 3.02
N PRO F 762 2.62 21.20 3.79
CA PRO F 762 3.87 21.83 3.35
C PRO F 762 4.74 20.95 2.46
N ILE F 763 4.45 19.65 2.42
CA ILE F 763 5.29 18.70 1.69
C ILE F 763 4.82 18.41 0.25
N LEU F 764 5.67 18.75 -0.71
CA LEU F 764 5.41 18.42 -2.11
C LEU F 764 6.10 17.08 -2.42
N ARG F 765 5.31 16.11 -2.89
CA ARG F 765 5.87 14.82 -3.24
C ARG F 765 5.98 14.56 -4.74
N ASP F 766 6.96 13.75 -5.10
CA ASP F 766 7.18 13.25 -6.47
C ASP F 766 7.47 14.34 -7.49
N HIS F 767 8.03 15.46 -7.05
CA HIS F 767 8.50 16.47 -7.96
C HIS F 767 9.94 16.15 -8.37
N ILE F 768 10.10 15.00 -9.01
CA ILE F 768 11.39 14.51 -9.48
C ILE F 768 11.35 14.34 -10.98
N CYS F 769 12.50 14.39 -11.63
CA CYS F 769 12.53 14.18 -13.08
C CYS F 769 13.70 13.29 -13.44
N LYS F 770 13.69 12.77 -14.66
CA LYS F 770 14.70 11.82 -15.10
C LYS F 770 16.08 12.47 -15.21
N ASP F 771 17.12 11.68 -14.93
CA ASP F 771 18.49 12.14 -15.09
C ASP F 771 18.95 11.91 -16.54
N MET F 772 18.83 12.94 -17.36
CA MET F 772 19.28 12.86 -18.74
C MET F 772 20.81 12.84 -18.78
N SER F 773 21.35 12.32 -19.86
CA SER F 773 22.80 12.28 -20.03
C SER F 773 23.35 13.68 -20.09
N PRO F 774 24.64 13.84 -19.78
CA PRO F 774 25.27 15.15 -19.89
C PRO F 774 24.98 15.76 -21.26
N LEU F 775 25.25 14.99 -22.32
CA LEU F 775 25.00 15.44 -23.68
C LEU F 775 23.56 15.91 -23.84
N VAL F 776 22.62 15.06 -23.45
CA VAL F 776 21.20 15.41 -23.54
C VAL F 776 20.93 16.66 -22.73
N ALA F 777 21.51 16.70 -21.53
CA ALA F 777 21.32 17.84 -20.63
C ALA F 777 21.79 19.12 -21.31
N ALA F 778 22.87 19.01 -22.06
CA ALA F 778 23.40 20.15 -22.81
C ALA F 778 22.35 20.67 -23.79
N ARG F 779 21.76 19.76 -24.56
CA ARG F 779 20.79 20.10 -25.59
C ARG F 779 19.60 20.87 -25.04
N MET F 780 19.04 20.37 -23.93
CA MET F 780 17.86 20.98 -23.34
C MET F 780 18.14 22.42 -22.91
N ARG F 781 19.40 22.67 -22.56
CA ARG F 781 19.83 23.98 -22.12
C ARG F 781 19.79 24.91 -23.33
N HIS F 782 20.17 24.36 -24.47
CA HIS F 782 20.30 25.13 -25.70
C HIS F 782 19.02 25.30 -26.53
N ILE F 783 17.88 24.79 -26.06
CA ILE F 783 16.64 25.01 -26.79
C ILE F 783 15.89 26.27 -26.36
N PRO F 784 15.75 27.22 -27.28
CA PRO F 784 15.07 28.51 -27.10
C PRO F 784 13.84 28.41 -26.19
N LEU F 785 13.47 29.53 -25.58
CA LEU F 785 12.40 29.54 -24.59
C LEU F 785 11.06 29.76 -25.24
N PHE F 786 11.08 30.22 -26.48
CA PHE F 786 9.87 30.63 -27.19
C PHE F 786 9.02 29.44 -27.62
N PRO F 787 7.69 29.59 -27.52
CA PRO F 787 6.77 28.51 -27.92
C PRO F 787 7.14 27.98 -29.30
N GLY F 788 6.99 26.68 -29.51
CA GLY F 788 7.25 26.09 -30.81
C GLY F 788 8.67 25.62 -30.99
N SER F 789 9.56 26.09 -30.11
CA SER F 789 10.97 25.72 -30.16
C SER F 789 11.14 24.22 -30.03
N ASP F 790 11.98 23.65 -30.88
CA ASP F 790 12.33 22.23 -30.77
C ASP F 790 13.73 22.01 -31.30
N TRP F 791 14.09 20.75 -31.55
CA TRP F 791 15.46 20.40 -31.90
C TRP F 791 15.97 21.18 -33.09
N ARG F 792 15.04 21.66 -33.91
CA ARG F 792 15.39 22.33 -35.14
C ARG F 792 15.99 23.72 -34.90
N ASP F 793 15.82 24.25 -33.69
CA ASP F 793 16.41 25.53 -33.31
C ASP F 793 17.76 25.40 -32.61
N LEU F 794 18.23 24.16 -32.47
CA LEU F 794 19.54 23.93 -31.89
C LEU F 794 20.60 24.63 -32.72
N PRO F 795 21.64 25.15 -32.04
CA PRO F 795 22.82 25.75 -32.66
C PRO F 795 23.84 24.69 -33.05
N ASN F 796 24.54 24.91 -34.17
CA ASN F 796 25.59 23.99 -34.59
C ASN F 796 26.95 24.50 -34.14
N ILE F 797 27.16 24.48 -32.83
CA ILE F 797 28.37 25.03 -32.21
C ILE F 797 29.09 23.95 -31.43
N GLN F 798 30.33 24.23 -31.02
CA GLN F 798 31.05 23.27 -30.20
C GLN F 798 30.77 23.52 -28.71
N VAL F 799 30.61 22.44 -27.95
CA VAL F 799 30.27 22.55 -26.54
C VAL F 799 31.03 21.58 -25.65
N ARG F 800 31.62 22.11 -24.58
CA ARG F 800 32.28 21.28 -23.57
C ARG F 800 31.24 20.80 -22.57
N LEU F 801 30.89 19.52 -22.66
CA LEU F 801 29.83 18.94 -21.84
C LEU F 801 30.15 19.00 -20.35
N GLY F 802 29.11 19.02 -19.52
CA GLY F 802 29.29 18.97 -18.08
C GLY F 802 30.26 17.85 -17.74
N ASP F 803 30.06 16.70 -18.37
CA ASP F 803 30.96 15.56 -18.27
C ASP F 803 32.43 15.98 -18.44
N GLY F 804 32.68 16.88 -19.40
CA GLY F 804 34.03 17.28 -19.73
C GLY F 804 34.30 17.05 -21.20
N VAL F 805 33.89 15.88 -21.69
CA VAL F 805 34.01 15.52 -23.10
C VAL F 805 33.45 16.63 -23.99
N ILE F 806 34.12 16.88 -25.10
CA ILE F 806 33.74 18.00 -25.96
C ILE F 806 32.90 17.58 -27.16
N ALA F 807 31.64 18.01 -27.16
CA ALA F 807 30.75 17.78 -28.28
C ALA F 807 31.12 18.71 -29.42
N HIS F 808 31.41 18.13 -30.58
CA HIS F 808 31.81 18.93 -31.75
C HIS F 808 30.63 19.41 -32.56
N LYS F 809 30.93 20.02 -33.70
CA LYS F 809 29.89 20.44 -34.64
C LYS F 809 29.41 19.24 -35.45
N LEU F 810 28.19 19.34 -35.98
CA LEU F 810 27.70 18.34 -36.91
C LEU F 810 28.23 18.72 -38.29
N GLN F 811 28.83 17.75 -38.98
CA GLN F 811 29.43 18.02 -40.28
C GLN F 811 28.58 17.52 -41.44
N TYR F 812 28.33 18.41 -42.40
CA TYR F 812 27.56 18.05 -43.58
C TYR F 812 28.43 17.79 -44.80
N THR F 813 28.74 16.52 -45.05
CA THR F 813 29.64 16.14 -46.13
C THR F 813 28.93 15.54 -47.35
N PHE F 814 27.61 15.41 -47.28
CA PHE F 814 26.83 14.86 -48.39
C PHE F 814 25.78 15.85 -48.85
N HIS F 815 25.24 15.63 -50.05
CA HIS F 815 24.26 16.54 -50.62
C HIS F 815 22.84 15.96 -50.57
N ASP F 816 21.89 16.75 -50.08
CA ASP F 816 20.52 16.30 -49.98
C ASP F 816 19.73 16.70 -51.21
N VAL F 817 19.41 15.72 -52.04
CA VAL F 817 18.70 15.97 -53.28
C VAL F 817 17.35 16.69 -53.04
N LYS F 818 16.59 16.16 -52.08
CA LYS F 818 15.24 16.67 -51.81
C LYS F 818 15.26 18.10 -51.27
N ASN F 819 16.23 18.39 -50.40
CA ASN F 819 16.24 19.65 -49.65
C ASN F 819 17.20 20.70 -50.22
N GLY F 820 18.19 20.26 -50.97
CA GLY F 820 19.06 21.15 -51.70
C GLY F 820 20.19 21.76 -50.89
N TYR F 821 20.57 22.98 -51.26
CA TYR F 821 21.64 23.70 -50.57
C TYR F 821 21.06 24.69 -49.57
N SER F 822 21.93 25.33 -48.79
CA SER F 822 21.50 26.34 -47.82
C SER F 822 21.73 27.76 -48.35
N SER F 823 21.14 28.73 -47.70
CA SER F 823 21.41 30.14 -48.03
C SER F 823 22.91 30.39 -48.08
N THR F 824 23.64 29.74 -47.17
CA THR F 824 25.08 29.83 -47.13
C THR F 824 25.69 29.10 -48.33
N GLY F 825 24.90 28.21 -48.92
CA GLY F 825 25.36 27.36 -50.00
C GLY F 825 26.00 26.08 -49.48
N ALA F 826 25.62 25.68 -48.26
CA ALA F 826 26.21 24.51 -47.63
C ALA F 826 25.44 23.22 -47.90
N LEU F 827 26.17 22.10 -47.82
CA LEU F 827 25.57 20.77 -47.92
C LEU F 827 24.68 20.46 -46.73
N ARG F 828 23.51 19.88 -47.00
CA ARG F 828 22.53 19.64 -45.96
C ARG F 828 22.37 18.15 -45.65
N GLY F 829 23.31 17.33 -46.12
CA GLY F 829 23.21 15.89 -45.92
C GLY F 829 24.23 15.37 -44.94
N VAL F 830 23.84 14.36 -44.16
CA VAL F 830 24.71 13.78 -43.14
C VAL F 830 24.98 12.30 -43.39
N CYS F 831 24.47 11.80 -44.51
CA CYS F 831 24.67 10.40 -44.92
C CYS F 831 24.49 10.19 -46.42
N SER F 832 25.08 9.11 -46.93
CA SER F 832 24.98 8.78 -48.35
C SER F 832 23.53 8.68 -48.81
N CYS F 833 22.63 8.28 -47.91
CA CYS F 833 21.23 8.07 -48.27
C CYS F 833 20.48 9.33 -48.70
N ALA F 834 20.92 10.50 -48.24
CA ALA F 834 20.30 11.75 -48.67
C ALA F 834 20.71 12.05 -50.11
N GLU F 835 21.80 11.40 -50.54
CA GLU F 835 22.25 11.42 -51.92
C GLU F 835 21.50 10.36 -52.74
N GLY F 836 20.84 9.44 -52.04
CA GLY F 836 20.12 8.37 -52.68
C GLY F 836 20.85 7.04 -52.58
N LYS F 837 22.14 7.08 -52.29
CA LYS F 837 22.94 5.87 -52.15
C LYS F 837 22.67 5.16 -50.82
N ALA F 838 23.28 3.99 -50.64
CA ALA F 838 23.09 3.24 -49.40
C ALA F 838 23.76 3.94 -48.23
N CYS F 839 23.36 3.56 -47.02
CA CYS F 839 23.95 4.12 -45.81
C CYS F 839 25.36 3.57 -45.57
N ASP F 840 26.34 4.46 -45.63
CA ASP F 840 27.68 4.14 -45.16
C ASP F 840 27.67 4.39 -43.65
N PRO F 841 27.75 3.31 -42.86
CA PRO F 841 27.65 3.40 -41.40
C PRO F 841 28.83 4.13 -40.74
N GLU F 842 29.82 4.52 -41.53
CA GLU F 842 30.95 5.28 -41.01
C GLU F 842 30.61 6.76 -41.02
N SER F 843 29.58 7.11 -41.78
CA SER F 843 29.13 8.50 -41.88
C SER F 843 28.57 8.98 -40.55
N ARG F 844 28.13 8.02 -39.73
CA ARG F 844 27.45 8.30 -38.48
C ARG F 844 28.33 9.08 -37.49
N GLN F 845 27.76 10.17 -36.96
CA GLN F 845 28.48 11.07 -36.06
C GLN F 845 27.98 10.98 -34.62
N PHE F 846 28.91 10.81 -33.69
CA PHE F 846 28.57 10.72 -32.27
C PHE F 846 28.82 12.05 -31.54
N SER F 847 28.31 12.14 -30.32
CA SER F 847 28.60 13.26 -29.44
C SER F 847 28.52 14.62 -30.14
N THR F 848 27.36 14.89 -30.74
CA THR F 848 27.17 16.13 -31.48
C THR F 848 25.97 16.87 -30.87
N LEU F 849 26.04 18.20 -30.81
CA LEU F 849 24.93 18.92 -30.19
C LEU F 849 23.61 18.67 -30.93
N ILE F 850 23.58 18.97 -32.22
CA ILE F 850 22.45 18.55 -33.06
C ILE F 850 22.54 17.05 -33.35
N PRO F 851 21.57 16.27 -32.84
CA PRO F 851 21.60 14.81 -32.95
C PRO F 851 21.70 14.37 -34.40
N TRP F 852 22.80 13.72 -34.75
CA TRP F 852 23.04 13.31 -36.12
C TRP F 852 21.82 12.63 -36.73
N CYS F 853 21.20 11.74 -35.97
CA CYS F 853 20.14 10.90 -36.51
C CYS F 853 18.83 11.63 -36.74
N LEU F 854 18.78 12.92 -36.47
CA LEU F 854 17.56 13.69 -36.72
C LEU F 854 17.51 14.34 -38.11
N PRO F 855 18.63 14.93 -38.56
CA PRO F 855 18.67 15.36 -39.96
C PRO F 855 18.83 14.16 -40.88
N HIS F 856 19.06 13.00 -40.26
CA HIS F 856 19.30 11.76 -41.00
C HIS F 856 18.04 11.14 -41.56
N THR F 857 16.98 11.10 -40.76
CA THR F 857 15.73 10.47 -41.17
C THR F 857 14.57 11.45 -41.07
N GLY F 858 14.88 12.72 -40.91
CA GLY F 858 13.86 13.74 -40.73
C GLY F 858 12.95 13.89 -41.95
N ASN F 859 13.53 13.82 -43.14
CA ASN F 859 12.75 13.93 -44.36
C ASN F 859 11.58 12.94 -44.40
N ARG F 860 11.83 11.73 -43.95
CA ARG F 860 10.81 10.67 -43.95
C ARG F 860 9.83 10.73 -42.79
N HIS F 861 10.07 11.59 -41.81
CA HIS F 861 9.21 11.60 -40.63
C HIS F 861 8.69 12.99 -40.29
N ASN F 862 8.51 13.83 -41.30
CA ASN F 862 7.90 15.14 -41.11
C ASN F 862 8.84 16.10 -40.36
N HIS F 863 10.13 15.75 -40.35
CA HIS F 863 11.15 16.56 -39.70
C HIS F 863 11.08 16.51 -38.18
N TRP F 864 10.63 15.37 -37.65
CA TRP F 864 10.60 15.13 -36.22
C TRP F 864 10.14 16.34 -35.41
N ALA F 865 9.22 17.11 -36.00
CA ALA F 865 8.65 18.27 -35.36
C ALA F 865 8.24 17.98 -33.92
N GLY F 866 8.81 18.71 -32.97
CA GLY F 866 8.44 18.55 -31.59
C GLY F 866 9.47 17.82 -30.76
N LEU F 867 10.32 17.03 -31.39
CA LEU F 867 11.39 16.38 -30.66
C LEU F 867 12.26 17.44 -30.00
N TYR F 868 12.55 17.25 -28.73
CA TYR F 868 13.26 18.23 -27.92
C TYR F 868 12.50 19.55 -27.85
N GLY F 869 11.19 19.48 -27.97
CA GLY F 869 10.37 20.67 -27.97
C GLY F 869 9.91 21.05 -26.59
N ARG F 870 9.70 22.34 -26.35
CA ARG F 870 9.29 22.80 -25.03
C ARG F 870 7.79 22.98 -24.95
N LEU F 871 7.22 22.79 -23.77
CA LEU F 871 5.83 23.11 -23.55
C LEU F 871 5.71 24.62 -23.52
N GLU F 872 4.51 25.14 -23.73
CA GLU F 872 4.35 26.58 -23.63
C GLU F 872 3.32 26.99 -22.59
N TRP F 873 3.68 27.99 -21.79
CA TRP F 873 2.87 28.37 -20.63
C TRP F 873 1.38 28.47 -20.92
N ASP F 874 1.01 29.11 -22.01
CA ASP F 874 -0.42 29.31 -22.27
C ASP F 874 -1.10 28.15 -23.00
N GLY F 875 -0.34 27.09 -23.27
CA GLY F 875 -0.85 25.98 -24.05
C GLY F 875 -1.36 24.78 -23.26
N PHE F 876 -1.00 23.59 -23.73
CA PHE F 876 -1.44 22.36 -23.08
C PHE F 876 -0.52 21.20 -23.40
N PHE F 877 -0.53 20.18 -22.54
CA PHE F 877 0.30 18.99 -22.74
C PHE F 877 -0.18 18.19 -23.93
N SER F 878 0.73 17.45 -24.57
CA SER F 878 0.33 16.36 -25.45
C SER F 878 -0.12 15.26 -24.51
N THR F 879 -1.05 14.42 -24.95
CA THR F 879 -1.53 13.34 -24.09
C THR F 879 -0.41 12.92 -23.15
N THR F 880 -0.62 13.05 -21.85
CA THR F 880 0.45 12.78 -20.89
C THR F 880 1.20 11.49 -21.21
N VAL F 881 2.52 11.56 -21.14
CA VAL F 881 3.37 10.48 -21.57
C VAL F 881 3.81 9.59 -20.41
N THR F 882 3.98 8.30 -20.69
CA THR F 882 4.34 7.33 -19.69
C THR F 882 5.84 7.32 -19.41
N ASN F 883 6.62 7.83 -20.36
CA ASN F 883 8.06 7.90 -20.18
C ASN F 883 8.66 9.04 -20.99
N PRO F 884 8.88 10.19 -20.35
CA PRO F 884 9.26 11.43 -21.03
C PRO F 884 10.60 11.32 -21.72
N GLU F 885 10.57 11.16 -23.03
CA GLU F 885 11.79 11.17 -23.84
C GLU F 885 11.75 12.39 -24.73
N PRO F 886 12.83 13.18 -24.70
CA PRO F 886 12.89 14.33 -25.59
C PRO F 886 12.87 13.86 -27.03
N MET F 887 13.46 12.69 -27.29
CA MET F 887 13.54 12.18 -28.65
C MET F 887 12.61 11.00 -28.91
N GLY F 888 11.48 10.96 -28.23
CA GLY F 888 10.48 9.93 -28.46
C GLY F 888 9.44 10.45 -29.42
N LYS F 889 8.43 9.64 -29.72
CA LYS F 889 7.34 10.11 -30.56
C LYS F 889 6.65 11.32 -29.93
N GLN F 890 6.20 11.17 -28.70
CA GLN F 890 5.68 12.30 -27.92
C GLN F 890 6.85 13.08 -27.33
N GLY F 891 7.24 14.15 -28.01
CA GLY F 891 8.50 14.81 -27.71
C GLY F 891 8.41 16.15 -27.02
N ARG F 892 7.23 16.77 -27.03
CA ARG F 892 7.08 18.07 -26.37
C ARG F 892 6.95 17.87 -24.87
N VAL F 893 8.10 17.88 -24.22
CA VAL F 893 8.29 17.24 -22.93
C VAL F 893 9.29 18.02 -22.10
N LEU F 894 9.89 19.05 -22.69
CA LEU F 894 10.78 19.96 -21.97
C LEU F 894 9.95 20.97 -21.20
N HIS F 895 10.48 21.42 -20.08
CA HIS F 895 9.80 22.41 -19.28
C HIS F 895 9.87 23.75 -20.04
N PRO F 896 8.83 24.58 -19.89
CA PRO F 896 8.77 25.91 -20.51
C PRO F 896 10.04 26.74 -20.34
N GLU F 897 10.58 26.74 -19.12
CA GLU F 897 11.70 27.61 -18.79
C GLU F 897 12.95 26.83 -18.40
N GLN F 898 12.75 25.77 -17.61
CA GLN F 898 13.87 25.05 -17.01
C GLN F 898 14.42 23.95 -17.93
N HIS F 899 15.69 23.62 -17.76
CA HIS F 899 16.38 22.77 -18.72
C HIS F 899 16.40 21.30 -18.34
N ARG F 900 15.21 20.72 -18.27
CA ARG F 900 14.98 19.34 -17.89
C ARG F 900 13.68 18.88 -18.55
N VAL F 901 13.32 17.61 -18.38
CA VAL F 901 12.00 17.18 -18.83
C VAL F 901 11.01 17.49 -17.74
N VAL F 902 9.74 17.19 -17.98
CA VAL F 902 8.71 17.38 -16.95
C VAL F 902 8.90 16.40 -15.79
N SER F 903 8.45 16.80 -14.60
CA SER F 903 8.56 15.95 -13.41
C SER F 903 7.30 15.11 -13.18
N VAL F 904 7.47 13.99 -12.49
CA VAL F 904 6.36 13.10 -12.16
C VAL F 904 5.18 13.89 -11.63
N ARG F 905 5.44 14.80 -10.70
CA ARG F 905 4.39 15.68 -10.19
C ARG F 905 3.74 16.43 -11.33
N GLU F 906 4.56 17.07 -12.15
CA GLU F 906 4.06 17.84 -13.28
C GLU F 906 3.15 17.00 -14.16
N CYS F 907 3.55 15.78 -14.46
CA CYS F 907 2.70 14.88 -15.23
C CYS F 907 1.43 14.55 -14.46
N ALA F 908 1.55 14.44 -13.15
CA ALA F 908 0.39 14.12 -12.31
C ALA F 908 -0.62 15.27 -12.36
N ARG F 909 -0.13 16.48 -12.63
CA ARG F 909 -0.96 17.66 -12.63
C ARG F 909 -1.68 17.81 -13.96
N SER F 910 -1.03 17.36 -15.03
CA SER F 910 -1.63 17.46 -16.37
C SER F 910 -2.82 16.52 -16.46
N GLN F 911 -2.76 15.45 -15.68
CA GLN F 911 -3.95 14.68 -15.36
C GLN F 911 -4.57 15.38 -14.15
N GLY F 912 -5.72 14.92 -13.68
CA GLY F 912 -6.37 15.66 -12.62
C GLY F 912 -6.03 15.20 -11.22
N PHE F 913 -4.86 14.61 -11.03
CA PHE F 913 -4.49 14.01 -9.75
C PHE F 913 -4.23 15.02 -8.63
N PRO F 914 -5.01 14.92 -7.55
CA PRO F 914 -4.75 15.71 -6.34
C PRO F 914 -3.34 15.40 -5.89
N ASP F 915 -2.68 16.33 -5.21
CA ASP F 915 -1.30 16.10 -4.81
C ASP F 915 -1.21 15.07 -3.67
N SER F 916 -2.35 14.84 -3.02
CA SER F 916 -2.47 13.81 -2.00
C SER F 916 -2.26 12.42 -2.60
N TYR F 917 -2.81 12.20 -3.80
CA TYR F 917 -2.80 10.88 -4.45
C TYR F 917 -1.40 10.29 -4.53
N ARG F 918 -1.27 9.03 -4.11
CA ARG F 918 0.03 8.39 -3.96
C ARG F 918 0.39 7.49 -5.14
N PHE F 919 1.64 7.61 -5.61
CA PHE F 919 2.14 6.67 -6.60
C PHE F 919 3.22 5.80 -5.94
N PHE F 920 3.57 4.70 -6.58
CA PHE F 920 4.47 3.73 -5.94
C PHE F 920 5.53 3.24 -6.91
N GLY F 921 6.76 3.11 -6.43
CA GLY F 921 7.81 2.53 -7.26
C GLY F 921 8.89 3.50 -7.60
N ASN F 922 9.77 3.09 -8.50
CA ASN F 922 10.84 3.97 -8.96
C ASN F 922 10.26 5.08 -9.82
N ILE F 923 11.12 5.94 -10.36
CA ILE F 923 10.62 7.10 -11.09
C ILE F 923 9.89 6.71 -12.37
N LEU F 924 10.38 5.68 -13.06
CA LEU F 924 9.73 5.23 -14.28
C LEU F 924 8.38 4.56 -13.99
N ASP F 925 8.33 3.78 -12.92
CA ASP F 925 7.09 3.13 -12.52
C ASP F 925 6.03 4.21 -12.27
N ARG F 926 6.41 5.25 -11.55
CA ARG F 926 5.50 6.34 -11.24
C ARG F 926 5.04 7.06 -12.50
N HIS F 927 5.98 7.36 -13.39
CA HIS F 927 5.61 8.03 -14.64
C HIS F 927 4.52 7.25 -15.38
N ARG F 928 4.71 5.94 -15.49
CA ARG F 928 3.79 5.09 -16.23
C ARG F 928 2.39 5.02 -15.63
N GLN F 929 2.28 4.86 -14.31
CA GLN F 929 0.98 4.83 -13.65
C GLN F 929 0.21 6.11 -13.91
N VAL F 930 0.93 7.23 -13.87
CA VAL F 930 0.34 8.53 -14.11
C VAL F 930 -0.11 8.59 -15.55
N GLY F 931 0.84 8.43 -16.45
CA GLY F 931 0.60 8.45 -17.88
C GLY F 931 -0.53 7.55 -18.33
N ASN F 932 -0.68 6.38 -17.71
CA ASN F 932 -1.69 5.42 -18.15
C ASN F 932 -3.09 5.70 -17.64
N ALA F 933 -3.19 6.49 -16.59
CA ALA F 933 -4.45 6.63 -15.88
C ALA F 933 -5.49 7.47 -16.61
N VAL F 934 -6.76 7.23 -16.32
CA VAL F 934 -7.81 8.13 -16.74
C VAL F 934 -7.80 9.38 -15.85
N PRO F 935 -7.74 10.56 -16.48
CA PRO F 935 -7.78 11.81 -15.71
C PRO F 935 -8.97 11.85 -14.77
N PRO F 936 -8.75 12.03 -13.46
CA PRO F 936 -9.89 12.09 -12.53
C PRO F 936 -10.99 13.08 -12.94
N PRO F 937 -10.64 14.33 -13.27
CA PRO F 937 -11.63 15.29 -13.77
C PRO F 937 -12.56 14.71 -14.84
N LEU F 938 -12.03 13.84 -15.71
CA LEU F 938 -12.84 13.17 -16.70
C LEU F 938 -13.71 12.11 -16.04
N ALA F 939 -13.09 11.27 -15.22
CA ALA F 939 -13.84 10.21 -14.56
C ALA F 939 -14.92 10.81 -13.67
N LYS F 940 -14.68 12.00 -13.15
CA LYS F 940 -15.65 12.65 -12.28
C LYS F 940 -16.87 13.11 -13.06
N ALA F 941 -16.63 13.66 -14.24
CA ALA F 941 -17.70 14.13 -15.11
C ALA F 941 -18.62 12.99 -15.53
N ILE F 942 -18.04 11.84 -15.86
CA ILE F 942 -18.82 10.68 -16.18
C ILE F 942 -19.62 10.24 -14.98
N GLY F 943 -18.94 10.08 -13.84
CA GLY F 943 -19.57 9.68 -12.61
C GLY F 943 -20.80 10.50 -12.29
N LEU F 944 -20.69 11.80 -12.39
CA LEU F 944 -21.82 12.68 -12.07
C LEU F 944 -23.00 12.46 -13.02
N GLU F 945 -22.69 12.01 -14.23
CA GLU F 945 -23.72 11.64 -15.17
C GLU F 945 -24.49 10.43 -14.64
N ILE F 946 -23.77 9.49 -14.05
CA ILE F 946 -24.41 8.31 -13.48
C ILE F 946 -25.19 8.68 -12.21
N LYS F 947 -24.71 9.71 -11.51
CA LYS F 947 -25.35 10.17 -10.28
C LYS F 947 -26.80 10.56 -10.52
N LEU F 948 -27.07 11.08 -11.71
CA LEU F 948 -28.43 11.49 -12.08
C LEU F 948 -29.30 10.27 -12.39
N CYS F 949 -28.67 9.15 -12.75
CA CYS F 949 -29.38 7.92 -13.04
C CYS F 949 -29.72 7.13 -11.79
N LEU F 950 -29.06 7.46 -10.68
CA LEU F 950 -29.36 6.82 -9.39
C LEU F 950 -30.37 7.69 -8.65
N LEU F 951 -30.42 8.96 -9.03
CA LEU F 951 -31.33 9.92 -8.42
C LEU F 951 -32.65 10.04 -9.21
N SER F 952 -32.85 9.13 -10.16
CA SER F 952 -34.08 9.06 -10.96
C SER F 952 -35.27 8.57 -10.14
#